data_5EMF
# 
_entry.id   5EMF 
# 
_audit_conform.dict_name       mmcif_pdbx.dic 
_audit_conform.dict_version    5.399 
_audit_conform.dict_location   http://mmcif.pdb.org/dictionaries/ascii/mmcif_pdbx.dic 
# 
loop_
_database_2.database_id 
_database_2.database_code 
_database_2.pdbx_database_accession 
_database_2.pdbx_DOI 
PDB   5EMF         pdb_00005emf 10.2210/pdb5emf/pdb 
WWPDB D_1000214887 ?            ?                   
# 
loop_
_pdbx_audit_revision_history.ordinal 
_pdbx_audit_revision_history.data_content_type 
_pdbx_audit_revision_history.major_revision 
_pdbx_audit_revision_history.minor_revision 
_pdbx_audit_revision_history.revision_date 
1 'Structure model' 1 0 2016-01-13 
2 'Structure model' 1 1 2016-03-09 
3 'Structure model' 1 2 2017-05-17 
4 'Structure model' 1 3 2018-03-07 
5 'Structure model' 2 0 2023-11-15 
6 'Structure model' 2 1 2024-11-20 
# 
_pdbx_audit_revision_details.ordinal             1 
_pdbx_audit_revision_details.revision_ordinal    1 
_pdbx_audit_revision_details.data_content_type   'Structure model' 
_pdbx_audit_revision_details.provider            repository 
_pdbx_audit_revision_details.type                'Initial release' 
_pdbx_audit_revision_details.description         ? 
_pdbx_audit_revision_details.details             ? 
# 
loop_
_pdbx_audit_revision_group.ordinal 
_pdbx_audit_revision_group.revision_ordinal 
_pdbx_audit_revision_group.data_content_type 
_pdbx_audit_revision_group.group 
1 2 'Structure model' 'Database references'  
2 3 'Structure model' Other                  
3 4 'Structure model' 'Data collection'      
4 5 'Structure model' 'Atomic model'         
5 5 'Structure model' 'Data collection'      
6 5 'Structure model' 'Database references'  
7 5 'Structure model' 'Derived calculations' 
8 6 'Structure model' 'Structure summary'    
# 
loop_
_pdbx_audit_revision_category.ordinal 
_pdbx_audit_revision_category.revision_ordinal 
_pdbx_audit_revision_category.data_content_type 
_pdbx_audit_revision_category.category 
1 4 'Structure model' diffrn_source             
2 5 'Structure model' atom_site                 
3 5 'Structure model' atom_site_anisotrop       
4 5 'Structure model' chem_comp_atom            
5 5 'Structure model' chem_comp_bond            
6 5 'Structure model' database_2                
7 5 'Structure model' struct_conn               
8 6 'Structure model' pdbx_entry_details        
9 6 'Structure model' pdbx_modification_feature 
# 
loop_
_pdbx_audit_revision_item.ordinal 
_pdbx_audit_revision_item.revision_ordinal 
_pdbx_audit_revision_item.data_content_type 
_pdbx_audit_revision_item.item 
1  4 'Structure model' '_diffrn_source.pdbx_synchrotron_site'    
2  5 'Structure model' '_atom_site.auth_atom_id'                 
3  5 'Structure model' '_atom_site.label_atom_id'                
4  5 'Structure model' '_atom_site_anisotrop.pdbx_auth_atom_id'  
5  5 'Structure model' '_atom_site_anisotrop.pdbx_label_atom_id' 
6  5 'Structure model' '_database_2.pdbx_DOI'                    
7  5 'Structure model' '_database_2.pdbx_database_accession'     
8  5 'Structure model' '_struct_conn.pdbx_leaving_atom_flag'     
9  5 'Structure model' '_struct_conn.ptnr1_label_atom_id'        
10 5 'Structure model' '_struct_conn.ptnr2_label_atom_id'        
# 
_pdbx_database_status.status_code                     REL 
_pdbx_database_status.status_code_sf                  REL 
_pdbx_database_status.status_code_mr                  ? 
_pdbx_database_status.entry_id                        5EMF 
_pdbx_database_status.recvd_initial_deposition_date   2015-11-06 
_pdbx_database_status.SG_entry                        N 
_pdbx_database_status.deposit_site                    RCSB 
_pdbx_database_status.process_site                    PDBE 
_pdbx_database_status.status_code_cs                  ? 
_pdbx_database_status.methods_development_category    ? 
_pdbx_database_status.pdb_format_compatible           Y 
_pdbx_database_status.status_code_nmr_data            ? 
# 
_pdbx_database_related.db_name        PDB 
_pdbx_database_related.details        'A similar duplex of RNA and PNA.' 
_pdbx_database_related.db_id          5EME 
_pdbx_database_related.content_type   unspecified 
# 
loop_
_audit_author.name 
_audit_author.pdbx_ordinal 
'Kiliszek, A.'   1 
'Banaszak, K.'   2 
'Dauter, Z.'     3 
'Rypniewski, W.' 4 
# 
_citation.abstract                  ? 
_citation.abstract_id_CAS           ? 
_citation.book_id_ISBN              ? 
_citation.book_publisher            ? 
_citation.book_publisher_city       ? 
_citation.book_title                ? 
_citation.coordinate_linkage        ? 
_citation.country                   UK 
_citation.database_id_Medline       ? 
_citation.details                   ? 
_citation.id                        primary 
_citation.journal_abbrev            'Nucleic Acids Res.' 
_citation.journal_id_ASTM           NARHAD 
_citation.journal_id_CSD            0389 
_citation.journal_id_ISSN           1362-4962 
_citation.journal_full              ? 
_citation.journal_issue             ? 
_citation.journal_volume            44 
_citation.language                  ? 
_citation.page_first                1937 
_citation.page_last                 1943 
_citation.title                     
;The first crystal structures of RNA-PNA duplexes and a PNA-PNA duplex containing mismatches-toward anti-sense therapy against TREDs.
;
_citation.year                      2016 
_citation.database_id_CSD           ? 
_citation.pdbx_database_id_DOI      10.1093/nar/gkv1513 
_citation.pdbx_database_id_PubMed   26717983 
_citation.unpublished_flag          ? 
# 
loop_
_citation_author.citation_id 
_citation_author.name 
_citation_author.ordinal 
_citation_author.identifier_ORCID 
primary 'Kiliszek, A.'   1 ? 
primary 'Banaszak, K.'   2 ? 
primary 'Dauter, Z.'     3 ? 
primary 'Rypniewski, W.' 4 ? 
# 
loop_
_entity.id 
_entity.type 
_entity.src_method 
_entity.pdbx_description 
_entity.formula_weight 
_entity.pdbx_number_of_molecules 
_entity.pdbx_ec 
_entity.pdbx_mutation 
_entity.pdbx_fragment 
_entity.details 
1 polymer     syn 
;RNA (5'-R(*GP*CP*UP*GP*CP*UP*GP*C)-3')
;
2518.537 1   ? ? ? ? 
2 polymer     syn 'antisense PNA p(GCAGCAGC)'              2204.135 1   ? ? ? ? 
3 non-polymer syn 'CHLORIDE ION'                           35.453   2   ? ? ? ? 
4 water       nat water                                    18.015   114 ? ? ? ? 
# 
loop_
_entity_poly.entity_id 
_entity_poly.type 
_entity_poly.nstd_linkage 
_entity_poly.nstd_monomer 
_entity_poly.pdbx_seq_one_letter_code 
_entity_poly.pdbx_seq_one_letter_code_can 
_entity_poly.pdbx_strand_id 
_entity_poly.pdbx_target_identifier 
1 polyribonucleotide     no no  GCUGCUGC                                   GCUGCUGC A ? 
2 'peptide nucleic acid' no yes '(GPN)(CPN)(APN)(GPN)(CPN)(APN)(GPN)(CPN)' XXXXXXXX B ? 
# 
loop_
_pdbx_entity_nonpoly.entity_id 
_pdbx_entity_nonpoly.name 
_pdbx_entity_nonpoly.comp_id 
3 'CHLORIDE ION' CL  
4 water          HOH 
# 
loop_
_entity_poly_seq.entity_id 
_entity_poly_seq.num 
_entity_poly_seq.mon_id 
_entity_poly_seq.hetero 
1 1 G   n 
1 2 C   n 
1 3 U   n 
1 4 G   n 
1 5 C   n 
1 6 U   n 
1 7 G   n 
1 8 C   n 
2 1 GPN n 
2 2 CPN n 
2 3 APN n 
2 4 GPN n 
2 5 CPN n 
2 6 APN n 
2 7 GPN n 
2 8 CPN n 
# 
loop_
_pdbx_entity_src_syn.entity_id 
_pdbx_entity_src_syn.pdbx_src_id 
_pdbx_entity_src_syn.pdbx_alt_source_flag 
_pdbx_entity_src_syn.pdbx_beg_seq_num 
_pdbx_entity_src_syn.pdbx_end_seq_num 
_pdbx_entity_src_syn.organism_scientific 
_pdbx_entity_src_syn.organism_common_name 
_pdbx_entity_src_syn.ncbi_taxonomy_id 
_pdbx_entity_src_syn.details 
1 1 sample 1 8 'Homo sapiens'        ? 9606  'This sequence occurs naturally in humans.' 
2 1 sample 1 8 'synthetic construct' ? 32630 ?                                           
# 
loop_
_chem_comp.id 
_chem_comp.type 
_chem_comp.mon_nstd_flag 
_chem_comp.name 
_chem_comp.pdbx_synonyms 
_chem_comp.formula 
_chem_comp.formula_weight 
APN peptide-like  . 2-AMINOETHYLGLYCINE-CARBONYLMETHYLENE-ADENINE  ? 'C11 H16 N7 O3 1' 294.290 
C   'RNA linking' y "CYTIDINE-5'-MONOPHOSPHATE"                    ? 'C9 H14 N3 O8 P'  323.197 
CL  non-polymer   . 'CHLORIDE ION'                                 ? 'Cl -1'           35.453  
CPN peptide-like  . 2-AMINOETHYLGLYCINE-CARBONYLMETHYLENE-CYTOSINE ? 'C10 H16 N5 O4 1' 270.265 
G   'RNA linking' y "GUANOSINE-5'-MONOPHOSPHATE"                   ? 'C10 H14 N5 O8 P' 363.221 
GPN peptide-like  . 2-AMINOETHYLGLYCINE-CARBONYLMETHYLENE-GUANINE  ? 'C11 H16 N7 O4 1' 310.289 
HOH non-polymer   . WATER                                          ? 'H2 O'            18.015  
U   'RNA linking' y "URIDINE-5'-MONOPHOSPHATE"                     ? 'C9 H13 N2 O9 P'  324.181 
# 
loop_
_pdbx_poly_seq_scheme.asym_id 
_pdbx_poly_seq_scheme.entity_id 
_pdbx_poly_seq_scheme.seq_id 
_pdbx_poly_seq_scheme.mon_id 
_pdbx_poly_seq_scheme.ndb_seq_num 
_pdbx_poly_seq_scheme.pdb_seq_num 
_pdbx_poly_seq_scheme.auth_seq_num 
_pdbx_poly_seq_scheme.pdb_mon_id 
_pdbx_poly_seq_scheme.auth_mon_id 
_pdbx_poly_seq_scheme.pdb_strand_id 
_pdbx_poly_seq_scheme.pdb_ins_code 
_pdbx_poly_seq_scheme.hetero 
A 1 1 G   1 1   1 G   G   A . n 
A 1 2 C   2 2   2 C   C   A . n 
A 1 3 U   3 3   3 U   U   A . n 
A 1 4 G   4 4   4 G   G   A . n 
A 1 5 C   5 5   5 C   C   A . n 
A 1 6 U   6 6   6 U   U   A . n 
A 1 7 G   7 7   7 G   G   A . n 
A 1 8 C   8 8   8 C   C   A . n 
B 2 1 GPN 1 101 1 GPN GPN B . n 
B 2 2 CPN 2 102 2 CPN CPN B . n 
B 2 3 APN 3 103 3 APN APN B . n 
B 2 4 GPN 4 104 4 GPN GPN B . n 
B 2 5 CPN 5 105 5 CPN CPN B . n 
B 2 6 APN 6 106 6 APN APN B . n 
B 2 7 GPN 7 107 7 GPN GPN B . n 
B 2 8 CPN 8 108 8 CPN CPN B . n 
# 
loop_
_pdbx_nonpoly_scheme.asym_id 
_pdbx_nonpoly_scheme.entity_id 
_pdbx_nonpoly_scheme.mon_id 
_pdbx_nonpoly_scheme.ndb_seq_num 
_pdbx_nonpoly_scheme.pdb_seq_num 
_pdbx_nonpoly_scheme.auth_seq_num 
_pdbx_nonpoly_scheme.pdb_mon_id 
_pdbx_nonpoly_scheme.auth_mon_id 
_pdbx_nonpoly_scheme.pdb_strand_id 
_pdbx_nonpoly_scheme.pdb_ins_code 
C 3 CL  1  101 1   CL  CL  A . 
D 3 CL  1  201 2   CL  CL  B . 
E 4 HOH 1  201 75  HOH HOH A . 
E 4 HOH 2  202 61  HOH HOH A . 
E 4 HOH 3  203 31  HOH HOH A . 
E 4 HOH 4  204 18  HOH HOH A . 
E 4 HOH 5  205 12  HOH HOH A . 
E 4 HOH 6  206 102 HOH HOH A . 
E 4 HOH 7  207 15  HOH HOH A . 
E 4 HOH 8  208 23  HOH HOH A . 
E 4 HOH 9  209 84  HOH HOH A . 
E 4 HOH 10 210 2   HOH HOH A . 
E 4 HOH 11 211 62  HOH HOH A . 
E 4 HOH 12 212 81  HOH HOH A . 
E 4 HOH 13 213 34  HOH HOH A . 
E 4 HOH 14 214 111 HOH HOH A . 
E 4 HOH 15 215 20  HOH HOH A . 
E 4 HOH 16 216 24  HOH HOH A . 
E 4 HOH 17 217 74  HOH HOH A . 
E 4 HOH 18 218 87  HOH HOH A . 
E 4 HOH 19 219 55  HOH HOH A . 
E 4 HOH 20 220 91  HOH HOH A . 
E 4 HOH 21 221 40  HOH HOH A . 
E 4 HOH 22 222 49  HOH HOH A . 
E 4 HOH 23 223 37  HOH HOH A . 
E 4 HOH 24 224 45  HOH HOH A . 
E 4 HOH 25 225 33  HOH HOH A . 
E 4 HOH 26 226 9   HOH HOH A . 
E 4 HOH 27 227 86  HOH HOH A . 
E 4 HOH 28 228 97  HOH HOH A . 
E 4 HOH 29 229 6   HOH HOH A . 
E 4 HOH 30 230 5   HOH HOH A . 
E 4 HOH 31 231 29  HOH HOH A . 
E 4 HOH 32 232 4   HOH HOH A . 
E 4 HOH 33 233 104 HOH HOH A . 
E 4 HOH 34 234 1   HOH HOH A . 
E 4 HOH 35 235 22  HOH HOH A . 
E 4 HOH 36 236 47  HOH HOH A . 
E 4 HOH 37 237 53  HOH HOH A . 
E 4 HOH 38 238 50  HOH HOH A . 
E 4 HOH 39 239 64  HOH HOH A . 
E 4 HOH 40 240 54  HOH HOH A . 
E 4 HOH 41 241 105 HOH HOH A . 
E 4 HOH 42 242 42  HOH HOH A . 
E 4 HOH 43 243 92  HOH HOH A . 
E 4 HOH 44 244 16  HOH HOH A . 
E 4 HOH 45 245 17  HOH HOH A . 
E 4 HOH 46 246 95  HOH HOH A . 
E 4 HOH 47 247 59  HOH HOH A . 
E 4 HOH 48 248 21  HOH HOH A . 
E 4 HOH 49 249 46  HOH HOH A . 
E 4 HOH 50 250 48  HOH HOH A . 
E 4 HOH 51 251 80  HOH HOH A . 
E 4 HOH 52 252 103 HOH HOH A . 
E 4 HOH 53 253 41  HOH HOH A . 
E 4 HOH 54 254 88  HOH HOH A . 
E 4 HOH 55 255 25  HOH HOH A . 
E 4 HOH 56 256 76  HOH HOH A . 
E 4 HOH 57 257 93  HOH HOH A . 
E 4 HOH 58 258 68  HOH HOH A . 
E 4 HOH 59 259 36  HOH HOH A . 
E 4 HOH 60 260 35  HOH HOH A . 
E 4 HOH 61 261 39  HOH HOH A . 
E 4 HOH 62 262 52  HOH HOH A . 
E 4 HOH 63 263 32  HOH HOH A . 
E 4 HOH 64 264 98  HOH HOH A . 
E 4 HOH 65 265 106 HOH HOH A . 
E 4 HOH 66 266 85  HOH HOH A . 
E 4 HOH 67 267 99  HOH HOH A . 
E 4 HOH 68 268 90  HOH HOH A . 
E 4 HOH 69 269 96  HOH HOH A . 
E 4 HOH 70 270 78  HOH HOH A . 
F 4 HOH 1  301 19  HOH HOH B . 
F 4 HOH 2  302 109 HOH HOH B . 
F 4 HOH 3  303 14  HOH HOH B . 
F 4 HOH 4  304 43  HOH HOH B . 
F 4 HOH 5  305 26  HOH HOH B . 
F 4 HOH 6  306 108 HOH HOH B . 
F 4 HOH 7  307 30  HOH HOH B . 
F 4 HOH 8  308 13  HOH HOH B . 
F 4 HOH 9  309 89  HOH HOH B . 
F 4 HOH 10 310 73  HOH HOH B . 
F 4 HOH 11 311 10  HOH HOH B . 
F 4 HOH 12 312 56  HOH HOH B . 
F 4 HOH 13 313 3   HOH HOH B . 
F 4 HOH 14 314 101 HOH HOH B . 
F 4 HOH 15 315 11  HOH HOH B . 
F 4 HOH 16 316 114 HOH HOH B . 
F 4 HOH 17 317 38  HOH HOH B . 
F 4 HOH 18 318 44  HOH HOH B . 
F 4 HOH 19 319 67  HOH HOH B . 
F 4 HOH 20 320 8   HOH HOH B . 
F 4 HOH 21 321 72  HOH HOH B . 
F 4 HOH 22 322 51  HOH HOH B . 
F 4 HOH 23 323 7   HOH HOH B . 
F 4 HOH 24 324 65  HOH HOH B . 
F 4 HOH 25 325 82  HOH HOH B . 
F 4 HOH 26 326 63  HOH HOH B . 
F 4 HOH 27 327 27  HOH HOH B . 
F 4 HOH 28 328 57  HOH HOH B . 
F 4 HOH 29 329 100 HOH HOH B . 
F 4 HOH 30 330 107 HOH HOH B . 
F 4 HOH 31 331 113 HOH HOH B . 
F 4 HOH 32 332 28  HOH HOH B . 
F 4 HOH 33 333 94  HOH HOH B . 
F 4 HOH 34 334 79  HOH HOH B . 
F 4 HOH 35 335 77  HOH HOH B . 
F 4 HOH 36 336 70  HOH HOH B . 
F 4 HOH 37 337 71  HOH HOH B . 
F 4 HOH 38 338 66  HOH HOH B . 
F 4 HOH 39 339 110 HOH HOH B . 
F 4 HOH 40 340 58  HOH HOH B . 
F 4 HOH 41 341 69  HOH HOH B . 
F 4 HOH 42 342 112 HOH HOH B . 
F 4 HOH 43 343 83  HOH HOH B . 
F 4 HOH 44 344 60  HOH HOH B . 
# 
loop_
_software.citation_id 
_software.classification 
_software.compiler_name 
_software.compiler_version 
_software.contact_author 
_software.contact_author_email 
_software.date 
_software.description 
_software.dependencies 
_software.hardware 
_software.language 
_software.location 
_software.mods 
_software.name 
_software.os 
_software.os_version 
_software.type 
_software.version 
_software.pdbx_ordinal 
? refinement       ? ? ? ? ? ? ? ? ? ? ? REFMAC ? ? ? 5.8.0124 1 
? 'data reduction' ? ? ? ? ? ? ? ? ? ? ? XDS    ? ? ? .        2 
? 'data scaling'   ? ? ? ? ? ? ? ? ? ? ? XDS    ? ? ? .        3 
? phasing          ? ? ? ? ? ? ? ? ? ? ? REFMAC ? ? ? .        4 
# 
_cell.angle_alpha                  90.00 
_cell.angle_alpha_esd              ? 
_cell.angle_beta                   90.00 
_cell.angle_beta_esd               ? 
_cell.angle_gamma                  120.00 
_cell.angle_gamma_esd              ? 
_cell.entry_id                     5EMF 
_cell.details                      ? 
_cell.formula_units_Z              ? 
_cell.length_a                     35.110 
_cell.length_a_esd                 ? 
_cell.length_b                     35.110 
_cell.length_b_esd                 ? 
_cell.length_c                     69.114 
_cell.length_c_esd                 ? 
_cell.volume                       ? 
_cell.volume_esd                   ? 
_cell.Z_PDB                        6 
_cell.reciprocal_angle_alpha       ? 
_cell.reciprocal_angle_beta        ? 
_cell.reciprocal_angle_gamma       ? 
_cell.reciprocal_angle_alpha_esd   ? 
_cell.reciprocal_angle_beta_esd    ? 
_cell.reciprocal_angle_gamma_esd   ? 
_cell.reciprocal_length_a          ? 
_cell.reciprocal_length_b          ? 
_cell.reciprocal_length_c          ? 
_cell.reciprocal_length_a_esd      ? 
_cell.reciprocal_length_b_esd      ? 
_cell.reciprocal_length_c_esd      ? 
_cell.pdbx_unique_axis             ? 
# 
_symmetry.entry_id                         5EMF 
_symmetry.cell_setting                     ? 
_symmetry.Int_Tables_number                152 
_symmetry.space_group_name_Hall            ? 
_symmetry.space_group_name_H-M             'P 31 2 1' 
_symmetry.pdbx_full_space_group_name_H-M   ? 
# 
_exptl.absorpt_coefficient_mu     ? 
_exptl.absorpt_correction_T_max   ? 
_exptl.absorpt_correction_T_min   ? 
_exptl.absorpt_correction_type    ? 
_exptl.absorpt_process_details    ? 
_exptl.entry_id                   5EMF 
_exptl.crystals_number            ? 
_exptl.details                    ? 
_exptl.method                     'X-RAY DIFFRACTION' 
_exptl.method_details             ? 
# 
_exptl_crystal.colour                      ? 
_exptl_crystal.density_diffrn              ? 
_exptl_crystal.density_Matthews            4.88 
_exptl_crystal.density_method              ? 
_exptl_crystal.density_percent_sol         74.81 
_exptl_crystal.description                 ? 
_exptl_crystal.F_000                       ? 
_exptl_crystal.id                          1 
_exptl_crystal.preparation                 ? 
_exptl_crystal.size_max                    ? 
_exptl_crystal.size_mid                    ? 
_exptl_crystal.size_min                    ? 
_exptl_crystal.size_rad                    ? 
_exptl_crystal.colour_lustre               ? 
_exptl_crystal.colour_modifier             ? 
_exptl_crystal.colour_primary              ? 
_exptl_crystal.density_meas                ? 
_exptl_crystal.density_meas_esd            ? 
_exptl_crystal.density_meas_gt             ? 
_exptl_crystal.density_meas_lt             ? 
_exptl_crystal.density_meas_temp           ? 
_exptl_crystal.density_meas_temp_esd       ? 
_exptl_crystal.density_meas_temp_gt        ? 
_exptl_crystal.density_meas_temp_lt        ? 
_exptl_crystal.pdbx_crystal_image_url      ? 
_exptl_crystal.pdbx_crystal_image_format   ? 
_exptl_crystal.pdbx_mosaicity              ? 
_exptl_crystal.pdbx_mosaicity_esd          ? 
# 
_exptl_crystal_grow.apparatus       ? 
_exptl_crystal_grow.atmosphere      ? 
_exptl_crystal_grow.crystal_id      1 
_exptl_crystal_grow.details         ? 
_exptl_crystal_grow.method          'VAPOR DIFFUSION, SITTING DROP' 
_exptl_crystal_grow.method_ref      ? 
_exptl_crystal_grow.pH              7.5 
_exptl_crystal_grow.pressure        ? 
_exptl_crystal_grow.pressure_esd    ? 
_exptl_crystal_grow.seeding         ? 
_exptl_crystal_grow.seeding_ref     ? 
_exptl_crystal_grow.temp            292 
_exptl_crystal_grow.temp_details    ? 
_exptl_crystal_grow.temp_esd        ? 
_exptl_crystal_grow.time            ? 
_exptl_crystal_grow.pdbx_details    '200mM KCl, TRIS, PEG4000' 
_exptl_crystal_grow.pdbx_pH_range   ? 
# 
_diffrn.ambient_environment    ? 
_diffrn.ambient_temp           100 
_diffrn.ambient_temp_details   ? 
_diffrn.ambient_temp_esd       ? 
_diffrn.crystal_id             1 
_diffrn.crystal_support        ? 
_diffrn.crystal_treatment      ? 
_diffrn.details                ? 
_diffrn.id                     1 
_diffrn.ambient_pressure       ? 
_diffrn.ambient_pressure_esd   ? 
_diffrn.ambient_pressure_gt    ? 
_diffrn.ambient_pressure_lt    ? 
_diffrn.ambient_temp_gt        ? 
_diffrn.ambient_temp_lt        ? 
# 
_diffrn_detector.details                      ? 
_diffrn_detector.detector                     PIXEL 
_diffrn_detector.diffrn_id                    1 
_diffrn_detector.type                         'DECTRIS PILATUS 6M' 
_diffrn_detector.area_resol_mean              ? 
_diffrn_detector.dtime                        ? 
_diffrn_detector.pdbx_frames_total            ? 
_diffrn_detector.pdbx_collection_time_total   ? 
_diffrn_detector.pdbx_collection_date         2013-02-11 
# 
_diffrn_radiation.collimation                      ? 
_diffrn_radiation.diffrn_id                        1 
_diffrn_radiation.filter_edge                      ? 
_diffrn_radiation.inhomogeneity                    ? 
_diffrn_radiation.monochromator                    ? 
_diffrn_radiation.polarisn_norm                    ? 
_diffrn_radiation.polarisn_ratio                   ? 
_diffrn_radiation.probe                            ? 
_diffrn_radiation.type                             ? 
_diffrn_radiation.xray_symbol                      ? 
_diffrn_radiation.wavelength_id                    1 
_diffrn_radiation.pdbx_monochromatic_or_laue_m_l   M 
_diffrn_radiation.pdbx_wavelength_list             ? 
_diffrn_radiation.pdbx_wavelength                  ? 
_diffrn_radiation.pdbx_diffrn_protocol             'SINGLE WAVELENGTH' 
_diffrn_radiation.pdbx_analyzer                    ? 
_diffrn_radiation.pdbx_scattering_type             x-ray 
# 
_diffrn_radiation_wavelength.id           1 
_diffrn_radiation_wavelength.wavelength   0.968681 
_diffrn_radiation_wavelength.wt           1.0 
# 
_diffrn_source.current                     ? 
_diffrn_source.details                     ? 
_diffrn_source.diffrn_id                   1 
_diffrn_source.power                       ? 
_diffrn_source.size                        ? 
_diffrn_source.source                      SYNCHROTRON 
_diffrn_source.target                      ? 
_diffrn_source.type                        'PETRA III, EMBL c/o DESY BEAMLINE P13 (MX1)' 
_diffrn_source.voltage                     ? 
_diffrn_source.take-off_angle              ? 
_diffrn_source.pdbx_wavelength_list        0.968681 
_diffrn_source.pdbx_wavelength             ? 
_diffrn_source.pdbx_synchrotron_beamline   'P13 (MX1)' 
_diffrn_source.pdbx_synchrotron_site       'PETRA III, EMBL c/o DESY' 
# 
_reflns.B_iso_Wilson_estimate            16.135 
_reflns.entry_id                         5EMF 
_reflns.data_reduction_details           ? 
_reflns.data_reduction_method            ? 
_reflns.d_resolution_high                1.14 
_reflns.d_resolution_low                 30.41 
_reflns.details                          ? 
_reflns.limit_h_max                      ? 
_reflns.limit_h_min                      ? 
_reflns.limit_k_max                      ? 
_reflns.limit_k_min                      ? 
_reflns.limit_l_max                      ? 
_reflns.limit_l_min                      ? 
_reflns.number_all                       ? 
_reflns.number_obs                       18549 
_reflns.observed_criterion               ? 
_reflns.observed_criterion_F_max         ? 
_reflns.observed_criterion_F_min         ? 
_reflns.observed_criterion_I_max         ? 
_reflns.observed_criterion_I_min         ? 
_reflns.observed_criterion_sigma_F       ? 
_reflns.observed_criterion_sigma_I       ? 
_reflns.percent_possible_obs             98.4 
_reflns.R_free_details                   ? 
_reflns.Rmerge_F_all                     ? 
_reflns.Rmerge_F_obs                     ? 
_reflns.Friedel_coverage                 ? 
_reflns.number_gt                        ? 
_reflns.threshold_expression             ? 
_reflns.pdbx_redundancy                  9.8 
_reflns.pdbx_Rmerge_I_obs                ? 
_reflns.pdbx_Rmerge_I_all                ? 
_reflns.pdbx_Rsym_value                  0.051 
_reflns.pdbx_netI_over_av_sigmaI         ? 
_reflns.pdbx_netI_over_sigmaI            23.13 
_reflns.pdbx_res_netI_over_av_sigmaI_2   ? 
_reflns.pdbx_res_netI_over_sigmaI_2      ? 
_reflns.pdbx_chi_squared                 ? 
_reflns.pdbx_scaling_rejects             ? 
_reflns.pdbx_d_res_high_opt              ? 
_reflns.pdbx_d_res_low_opt               ? 
_reflns.pdbx_d_res_opt_method            ? 
_reflns.phase_calculation_details        ? 
_reflns.pdbx_Rrim_I_all                  ? 
_reflns.pdbx_Rpim_I_all                  ? 
_reflns.pdbx_d_opt                       ? 
_reflns.pdbx_number_measured_all         ? 
_reflns.pdbx_diffrn_id                   1 
_reflns.pdbx_ordinal                     1 
_reflns.pdbx_CC_half                     ? 
_reflns.pdbx_R_split                     ? 
# 
_reflns_shell.d_res_high                  1.14 
_reflns_shell.d_res_low                   1.21 
_reflns_shell.meanI_over_sigI_all         ? 
_reflns_shell.meanI_over_sigI_obs         2.00 
_reflns_shell.number_measured_all         ? 
_reflns_shell.number_measured_obs         ? 
_reflns_shell.number_possible             ? 
_reflns_shell.number_unique_all           ? 
_reflns_shell.number_unique_obs           ? 
_reflns_shell.percent_possible_all        90.3 
_reflns_shell.percent_possible_obs        ? 
_reflns_shell.Rmerge_F_all                ? 
_reflns_shell.Rmerge_F_obs                ? 
_reflns_shell.Rmerge_I_all                ? 
_reflns_shell.Rmerge_I_obs                0.89 
_reflns_shell.meanI_over_sigI_gt          ? 
_reflns_shell.meanI_over_uI_all           ? 
_reflns_shell.meanI_over_uI_gt            ? 
_reflns_shell.number_measured_gt          ? 
_reflns_shell.number_unique_gt            ? 
_reflns_shell.percent_possible_gt         ? 
_reflns_shell.Rmerge_F_gt                 ? 
_reflns_shell.Rmerge_I_gt                 ? 
_reflns_shell.pdbx_redundancy             7.4 
_reflns_shell.pdbx_Rsym_value             ? 
_reflns_shell.pdbx_chi_squared            ? 
_reflns_shell.pdbx_netI_over_sigmaI_all   ? 
_reflns_shell.pdbx_netI_over_sigmaI_obs   ? 
_reflns_shell.pdbx_Rrim_I_all             ? 
_reflns_shell.pdbx_Rpim_I_all             ? 
_reflns_shell.pdbx_rejects                ? 
_reflns_shell.pdbx_ordinal                1 
_reflns_shell.pdbx_diffrn_id              1 
_reflns_shell.pdbx_CC_half                ? 
_reflns_shell.pdbx_R_split                ? 
# 
_refine.aniso_B[1][1]                            -0.40 
_refine.aniso_B[1][2]                            -0.20 
_refine.aniso_B[1][3]                            -0.00 
_refine.aniso_B[2][2]                            -0.40 
_refine.aniso_B[2][3]                            0.00 
_refine.aniso_B[3][3]                            1.31 
_refine.B_iso_max                                ? 
_refine.B_iso_mean                               14.248 
_refine.B_iso_min                                ? 
_refine.correlation_coeff_Fo_to_Fc               0.985 
_refine.correlation_coeff_Fo_to_Fc_free          0.977 
_refine.details                                  'HYDROGENS HAVE BEEN ADDED IN THE RIDING POSITIONS' 
_refine.diff_density_max                         ? 
_refine.diff_density_max_esd                     ? 
_refine.diff_density_min                         ? 
_refine.diff_density_min_esd                     ? 
_refine.diff_density_rms                         ? 
_refine.diff_density_rms_esd                     ? 
_refine.entry_id                                 5EMF 
_refine.pdbx_refine_id                           'X-RAY DIFFRACTION' 
_refine.ls_abs_structure_details                 ? 
_refine.ls_abs_structure_Flack                   ? 
_refine.ls_abs_structure_Flack_esd               ? 
_refine.ls_abs_structure_Rogers                  ? 
_refine.ls_abs_structure_Rogers_esd              ? 
_refine.ls_d_res_high                            1.14 
_refine.ls_d_res_low                             30.41 
_refine.ls_extinction_coef                       ? 
_refine.ls_extinction_coef_esd                   ? 
_refine.ls_extinction_expression                 ? 
_refine.ls_extinction_method                     ? 
_refine.ls_goodness_of_fit_all                   ? 
_refine.ls_goodness_of_fit_all_esd               ? 
_refine.ls_goodness_of_fit_obs                   ? 
_refine.ls_goodness_of_fit_obs_esd               ? 
_refine.ls_hydrogen_treatment                    ? 
_refine.ls_matrix_type                           ? 
_refine.ls_number_constraints                    ? 
_refine.ls_number_parameters                     ? 
_refine.ls_number_reflns_all                     ? 
_refine.ls_number_reflns_obs                     17374 
_refine.ls_number_reflns_R_free                  1109 
_refine.ls_number_reflns_R_work                  ? 
_refine.ls_number_restraints                     ? 
_refine.ls_percent_reflns_obs                    99.14 
_refine.ls_percent_reflns_R_free                 6.0 
_refine.ls_R_factor_all                          ? 
_refine.ls_R_factor_obs                          0.12361 
_refine.ls_R_factor_R_free                       0.15296 
_refine.ls_R_factor_R_free_error                 ? 
_refine.ls_R_factor_R_free_error_details         ? 
_refine.ls_R_factor_R_work                       0.12171 
_refine.ls_R_Fsqd_factor_obs                     ? 
_refine.ls_R_I_factor_obs                        ? 
_refine.ls_redundancy_reflns_all                 ? 
_refine.ls_redundancy_reflns_obs                 ? 
_refine.ls_restrained_S_all                      ? 
_refine.ls_restrained_S_obs                      ? 
_refine.ls_shift_over_esd_max                    ? 
_refine.ls_shift_over_esd_mean                   ? 
_refine.ls_structure_factor_coef                 ? 
_refine.ls_weighting_details                     ? 
_refine.ls_weighting_scheme                      ? 
_refine.ls_wR_factor_all                         ? 
_refine.ls_wR_factor_obs                         ? 
_refine.ls_wR_factor_R_free                      ? 
_refine.ls_wR_factor_R_work                      ? 
_refine.occupancy_max                            ? 
_refine.occupancy_min                            ? 
_refine.solvent_model_details                    'BABINET MODEL WITH MASK' 
_refine.solvent_model_param_bsol                 ? 
_refine.solvent_model_param_ksol                 ? 
_refine.ls_R_factor_gt                           ? 
_refine.ls_goodness_of_fit_gt                    ? 
_refine.ls_goodness_of_fit_ref                   ? 
_refine.ls_shift_over_su_max                     ? 
_refine.ls_shift_over_su_max_lt                  ? 
_refine.ls_shift_over_su_mean                    ? 
_refine.ls_shift_over_su_mean_lt                 ? 
_refine.pdbx_ls_sigma_I                          ? 
_refine.pdbx_ls_sigma_F                          ? 
_refine.pdbx_ls_sigma_Fsqd                       ? 
_refine.pdbx_data_cutoff_high_absF               ? 
_refine.pdbx_data_cutoff_high_rms_absF           ? 
_refine.pdbx_data_cutoff_low_absF                ? 
_refine.pdbx_isotropic_thermal_model             ? 
_refine.pdbx_ls_cross_valid_method               THROUGHOUT 
_refine.pdbx_method_to_determine_struct          'MOLECULAR REPLACEMENT' 
_refine.pdbx_starting_model                      ? 
_refine.pdbx_stereochemistry_target_values       'MAXIMUM LIKELIHOOD' 
_refine.pdbx_R_Free_selection_details            RANDOM 
_refine.pdbx_stereochem_target_val_spec_case     ? 
_refine.pdbx_overall_ESU_R                       0.030 
_refine.pdbx_overall_ESU_R_Free                  0.031 
_refine.pdbx_solvent_vdw_probe_radii             1.20 
_refine.pdbx_solvent_ion_probe_radii             0.80 
_refine.pdbx_solvent_shrinkage_radii             0.80 
_refine.pdbx_real_space_R                        ? 
_refine.pdbx_density_correlation                 ? 
_refine.pdbx_pd_number_of_powder_patterns        ? 
_refine.pdbx_pd_number_of_points                 ? 
_refine.pdbx_pd_meas_number_of_points            ? 
_refine.pdbx_pd_proc_ls_prof_R_factor            ? 
_refine.pdbx_pd_proc_ls_prof_wR_factor           ? 
_refine.pdbx_pd_Marquardt_correlation_coeff      ? 
_refine.pdbx_pd_Fsqrd_R_factor                   ? 
_refine.pdbx_pd_ls_matrix_band_width             ? 
_refine.pdbx_overall_phase_error                 ? 
_refine.pdbx_overall_SU_R_free_Cruickshank_DPI   ? 
_refine.pdbx_overall_SU_R_free_Blow_DPI          ? 
_refine.pdbx_overall_SU_R_Blow_DPI               ? 
_refine.pdbx_TLS_residual_ADP_flag               ? 
_refine.pdbx_diffrn_id                           1 
_refine.overall_SU_B                             1.190 
_refine.overall_SU_ML                            0.024 
_refine.overall_SU_R_Cruickshank_DPI             ? 
_refine.overall_SU_R_free                        ? 
_refine.overall_FOM_free_R_set                   ? 
_refine.overall_FOM_work_R_set                   ? 
_refine.pdbx_average_fsc_overall                 ? 
_refine.pdbx_average_fsc_work                    ? 
_refine.pdbx_average_fsc_free                    ? 
# 
_refine_hist.pdbx_refine_id                   'X-RAY DIFFRACTION' 
_refine_hist.cycle_id                         1 
_refine_hist.pdbx_number_atoms_protein        0 
_refine_hist.pdbx_number_atoms_nucleic_acid   166 
_refine_hist.pdbx_number_atoms_ligand         160 
_refine_hist.number_atoms_solvent             114 
_refine_hist.number_atoms_total               440 
_refine_hist.d_res_high                       1.14 
_refine_hist.d_res_low                        30.41 
# 
loop_
_refine_ls_restr.pdbx_refine_id 
_refine_ls_restr.criterion 
_refine_ls_restr.dev_ideal 
_refine_ls_restr.dev_ideal_target 
_refine_ls_restr.number 
_refine_ls_restr.rejects 
_refine_ls_restr.type 
_refine_ls_restr.weight 
_refine_ls_restr.pdbx_restraint_function 
'X-RAY DIFFRACTION' ? 0.025  0.015  442 ? r_bond_refined_d             ? ? 
'X-RAY DIFFRACTION' ? 0.003  0.020  253 ? r_bond_other_d               ? ? 
'X-RAY DIFFRACTION' ? 2.587  2.141  648 ? r_angle_refined_deg          ? ? 
'X-RAY DIFFRACTION' ? 1.818  3.000  563 ? r_angle_other_deg            ? ? 
'X-RAY DIFFRACTION' ? ?      ?      ?   ? r_dihedral_angle_1_deg       ? ? 
'X-RAY DIFFRACTION' ? ?      ?      ?   ? r_dihedral_angle_2_deg       ? ? 
'X-RAY DIFFRACTION' ? ?      ?      ?   ? r_dihedral_angle_3_deg       ? ? 
'X-RAY DIFFRACTION' ? ?      ?      ?   ? r_dihedral_angle_4_deg       ? ? 
'X-RAY DIFFRACTION' ? 0.115  0.200  41  ? r_chiral_restr               ? ? 
'X-RAY DIFFRACTION' ? 0.025  0.020  359 ? r_gen_planes_refined         ? ? 
'X-RAY DIFFRACTION' ? 0.012  0.020  130 ? r_gen_planes_other           ? ? 
'X-RAY DIFFRACTION' ? ?      ?      ?   ? r_nbd_refined                ? ? 
'X-RAY DIFFRACTION' ? ?      ?      ?   ? r_nbd_other                  ? ? 
'X-RAY DIFFRACTION' ? ?      ?      ?   ? r_nbtor_refined              ? ? 
'X-RAY DIFFRACTION' ? ?      ?      ?   ? r_nbtor_other                ? ? 
'X-RAY DIFFRACTION' ? ?      ?      ?   ? r_xyhbond_nbd_refined        ? ? 
'X-RAY DIFFRACTION' ? ?      ?      ?   ? r_xyhbond_nbd_other          ? ? 
'X-RAY DIFFRACTION' ? ?      ?      ?   ? r_metal_ion_refined          ? ? 
'X-RAY DIFFRACTION' ? ?      ?      ?   ? r_metal_ion_other            ? ? 
'X-RAY DIFFRACTION' ? ?      ?      ?   ? r_symmetry_vdw_refined       ? ? 
'X-RAY DIFFRACTION' ? ?      ?      ?   ? r_symmetry_vdw_other         ? ? 
'X-RAY DIFFRACTION' ? ?      ?      ?   ? r_symmetry_hbond_refined     ? ? 
'X-RAY DIFFRACTION' ? ?      ?      ?   ? r_symmetry_hbond_other       ? ? 
'X-RAY DIFFRACTION' ? ?      ?      ?   ? r_symmetry_metal_ion_refined ? ? 
'X-RAY DIFFRACTION' ? ?      ?      ?   ? r_symmetry_metal_ion_other   ? ? 
'X-RAY DIFFRACTION' ? ?      ?      ?   ? r_mcbond_it                  ? ? 
'X-RAY DIFFRACTION' ? ?      ?      ?   ? r_mcbond_other               ? ? 
'X-RAY DIFFRACTION' ? ?      ?      ?   ? r_mcangle_it                 ? ? 
'X-RAY DIFFRACTION' ? ?      ?      ?   ? r_mcangle_other              ? ? 
'X-RAY DIFFRACTION' ? 1.896  1.218  442 ? r_scbond_it                  ? ? 
'X-RAY DIFFRACTION' ? 1.894  1.218  443 ? r_scbond_other               ? ? 
'X-RAY DIFFRACTION' ? ?      ?      ?   ? r_scangle_it                 ? ? 
'X-RAY DIFFRACTION' ? 2.061  1.840  648 ? r_scangle_other              ? ? 
'X-RAY DIFFRACTION' ? 3.796  13.597 742 ? r_long_range_B_refined       ? ? 
'X-RAY DIFFRACTION' ? 2.500  12.452 679 ? r_long_range_B_other         ? ? 
'X-RAY DIFFRACTION' ? 6.600  3.000  695 ? r_rigid_bond_restr           ? ? 
'X-RAY DIFFRACTION' ? 23.588 5.000  35  ? r_sphericity_free            ? ? 
'X-RAY DIFFRACTION' ? 12.697 5.000  758 ? r_sphericity_bonded          ? ? 
# 
_refine_ls_shell.pdbx_refine_id                   'X-RAY DIFFRACTION' 
_refine_ls_shell.d_res_high                       1.140 
_refine_ls_shell.d_res_low                        1.170 
_refine_ls_shell.number_reflns_all                ? 
_refine_ls_shell.number_reflns_obs                ? 
_refine_ls_shell.number_reflns_R_free             73 
_refine_ls_shell.number_reflns_R_work             1142 
_refine_ls_shell.percent_reflns_obs               89.21 
_refine_ls_shell.percent_reflns_R_free            ? 
_refine_ls_shell.R_factor_all                     ? 
_refine_ls_shell.R_factor_obs                     ? 
_refine_ls_shell.R_factor_R_free                  0.292 
_refine_ls_shell.R_factor_R_free_error            ? 
_refine_ls_shell.R_factor_R_work                  0.277 
_refine_ls_shell.redundancy_reflns_all            ? 
_refine_ls_shell.redundancy_reflns_obs            ? 
_refine_ls_shell.wR_factor_all                    ? 
_refine_ls_shell.wR_factor_obs                    ? 
_refine_ls_shell.wR_factor_R_free                 ? 
_refine_ls_shell.wR_factor_R_work                 ? 
_refine_ls_shell.pdbx_total_number_of_bins_used   20 
_refine_ls_shell.pdbx_phase_error                 ? 
_refine_ls_shell.pdbx_fsc_work                    ? 
_refine_ls_shell.pdbx_fsc_free                    ? 
# 
_struct.entry_id                     5EMF 
_struct.title                        'Crystal structure of RNA r(GCUGCUGC) with antisense PNA p(GCAGCAGC)' 
_struct.pdbx_model_details           ? 
_struct.pdbx_formula_weight          ? 
_struct.pdbx_formula_weight_method   ? 
_struct.pdbx_model_type_details      ? 
_struct.pdbx_CASP_flag               ? 
# 
_struct_keywords.entry_id        5EMF 
_struct_keywords.text            'CUG repeats, RNA/PNA duplex, antisense PNA, myotonic dystrophy type 1, RNA' 
_struct_keywords.pdbx_keywords   RNA 
# 
loop_
_struct_asym.id 
_struct_asym.pdbx_blank_PDB_chainid_flag 
_struct_asym.pdbx_modified 
_struct_asym.entity_id 
_struct_asym.details 
A N N 1 ? 
B N N 2 ? 
C N N 3 ? 
D N N 3 ? 
E N N 4 ? 
F N N 4 ? 
# 
loop_
_struct_ref.id 
_struct_ref.db_name 
_struct_ref.db_code 
_struct_ref.pdbx_db_accession 
_struct_ref.pdbx_db_isoform 
_struct_ref.entity_id 
_struct_ref.pdbx_seq_one_letter_code 
_struct_ref.pdbx_align_begin 
1 PDB 5EMF 5EMF ? 1 ? 1 
2 PDB 5EMF 5EMF ? 2 ? 1 
# 
loop_
_struct_ref_seq.align_id 
_struct_ref_seq.ref_id 
_struct_ref_seq.pdbx_PDB_id_code 
_struct_ref_seq.pdbx_strand_id 
_struct_ref_seq.seq_align_beg 
_struct_ref_seq.pdbx_seq_align_beg_ins_code 
_struct_ref_seq.seq_align_end 
_struct_ref_seq.pdbx_seq_align_end_ins_code 
_struct_ref_seq.pdbx_db_accession 
_struct_ref_seq.db_align_beg 
_struct_ref_seq.pdbx_db_align_beg_ins_code 
_struct_ref_seq.db_align_end 
_struct_ref_seq.pdbx_db_align_end_ins_code 
_struct_ref_seq.pdbx_auth_seq_align_beg 
_struct_ref_seq.pdbx_auth_seq_align_end 
1 1 5EMF A 1 ? 8 ? 5EMF 1   ? 8   ? 1   8   
2 2 5EMF B 1 ? 8 ? 5EMF 101 ? 108 ? 101 108 
# 
_pdbx_struct_assembly.id                   1 
_pdbx_struct_assembly.details              author_and_software_defined_assembly 
_pdbx_struct_assembly.method_details       PISA 
_pdbx_struct_assembly.oligomeric_details   dimeric 
_pdbx_struct_assembly.oligomeric_count     2 
# 
loop_
_pdbx_struct_assembly_prop.biol_id 
_pdbx_struct_assembly_prop.type 
_pdbx_struct_assembly_prop.value 
_pdbx_struct_assembly_prop.details 
1 'ABSA (A^2)' 1000 ? 
1 MORE         -10  ? 
1 'SSA (A^2)'  3180 ? 
# 
_pdbx_struct_assembly_gen.assembly_id       1 
_pdbx_struct_assembly_gen.oper_expression   1 
_pdbx_struct_assembly_gen.asym_id_list      A,B,C,D,E,F 
# 
_pdbx_struct_oper_list.id                   1 
_pdbx_struct_oper_list.type                 'identity operation' 
_pdbx_struct_oper_list.name                 1_555 
_pdbx_struct_oper_list.symmetry_operation   x,y,z 
_pdbx_struct_oper_list.matrix[1][1]         1.0000000000 
_pdbx_struct_oper_list.matrix[1][2]         0.0000000000 
_pdbx_struct_oper_list.matrix[1][3]         0.0000000000 
_pdbx_struct_oper_list.vector[1]            0.0000000000 
_pdbx_struct_oper_list.matrix[2][1]         0.0000000000 
_pdbx_struct_oper_list.matrix[2][2]         1.0000000000 
_pdbx_struct_oper_list.matrix[2][3]         0.0000000000 
_pdbx_struct_oper_list.vector[2]            0.0000000000 
_pdbx_struct_oper_list.matrix[3][1]         0.0000000000 
_pdbx_struct_oper_list.matrix[3][2]         0.0000000000 
_pdbx_struct_oper_list.matrix[3][3]         1.0000000000 
_pdbx_struct_oper_list.vector[3]            0.0000000000 
# 
loop_
_struct_conn.id 
_struct_conn.conn_type_id 
_struct_conn.pdbx_leaving_atom_flag 
_struct_conn.pdbx_PDB_id 
_struct_conn.ptnr1_label_asym_id 
_struct_conn.ptnr1_label_comp_id 
_struct_conn.ptnr1_label_seq_id 
_struct_conn.ptnr1_label_atom_id 
_struct_conn.pdbx_ptnr1_label_alt_id 
_struct_conn.pdbx_ptnr1_PDB_ins_code 
_struct_conn.pdbx_ptnr1_standard_comp_id 
_struct_conn.ptnr1_symmetry 
_struct_conn.ptnr2_label_asym_id 
_struct_conn.ptnr2_label_comp_id 
_struct_conn.ptnr2_label_seq_id 
_struct_conn.ptnr2_label_atom_id 
_struct_conn.pdbx_ptnr2_label_alt_id 
_struct_conn.pdbx_ptnr2_PDB_ins_code 
_struct_conn.ptnr1_auth_asym_id 
_struct_conn.ptnr1_auth_comp_id 
_struct_conn.ptnr1_auth_seq_id 
_struct_conn.ptnr2_auth_asym_id 
_struct_conn.ptnr2_auth_comp_id 
_struct_conn.ptnr2_auth_seq_id 
_struct_conn.ptnr2_symmetry 
_struct_conn.pdbx_ptnr3_label_atom_id 
_struct_conn.pdbx_ptnr3_label_seq_id 
_struct_conn.pdbx_ptnr3_label_comp_id 
_struct_conn.pdbx_ptnr3_label_asym_id 
_struct_conn.pdbx_ptnr3_label_alt_id 
_struct_conn.pdbx_ptnr3_PDB_ins_code 
_struct_conn.details 
_struct_conn.pdbx_dist_value 
_struct_conn.pdbx_value_order 
_struct_conn.pdbx_role 
covale1  covale both ? B GPN 1 C ? ? ? 1_555 B CPN 2 N ? ? B GPN 101 B CPN 102 1_555 ? ? ? ? ? ? ? 1.332 ? ? 
covale2  covale both ? B CPN 2 C ? ? ? 1_555 B APN 3 N ? ? B CPN 102 B APN 103 1_555 ? ? ? ? ? ? ? 1.322 ? ? 
covale3  covale both ? B APN 3 C ? ? ? 1_555 B GPN 4 N ? ? B APN 103 B GPN 104 1_555 ? ? ? ? ? ? ? 1.330 ? ? 
covale4  covale both ? B GPN 4 C A ? ? 1_555 B CPN 5 N A ? B GPN 104 B CPN 105 1_555 ? ? ? ? ? ? ? 1.329 ? ? 
covale5  covale both ? B GPN 4 C B ? ? 1_555 B CPN 5 N B ? B GPN 104 B CPN 105 1_555 ? ? ? ? ? ? ? 1.329 ? ? 
covale6  covale both ? B CPN 5 C A ? ? 1_555 B APN 6 N A ? B CPN 105 B APN 106 1_555 ? ? ? ? ? ? ? 1.330 ? ? 
covale7  covale both ? B CPN 5 C B ? ? 1_555 B APN 6 N B ? B CPN 105 B APN 106 1_555 ? ? ? ? ? ? ? 1.329 ? ? 
covale8  covale both ? B APN 6 C A ? ? 1_555 B GPN 7 N A ? B APN 106 B GPN 107 1_555 ? ? ? ? ? ? ? 1.330 ? ? 
covale9  covale both ? B APN 6 C B ? ? 1_555 B GPN 7 N B ? B APN 106 B GPN 107 1_555 ? ? ? ? ? ? ? 1.330 ? ? 
covale10 covale both ? B GPN 7 C ? ? ? 1_555 B CPN 8 N ? ? B GPN 107 B CPN 108 1_555 ? ? ? ? ? ? ? 1.329 ? ? 
# 
_struct_conn_type.id          covale 
_struct_conn_type.criteria    ? 
_struct_conn_type.reference   ? 
# 
loop_
_pdbx_modification_feature.ordinal 
_pdbx_modification_feature.label_comp_id 
_pdbx_modification_feature.label_asym_id 
_pdbx_modification_feature.label_seq_id 
_pdbx_modification_feature.label_alt_id 
_pdbx_modification_feature.modified_residue_label_comp_id 
_pdbx_modification_feature.modified_residue_label_asym_id 
_pdbx_modification_feature.modified_residue_label_seq_id 
_pdbx_modification_feature.modified_residue_label_alt_id 
_pdbx_modification_feature.auth_comp_id 
_pdbx_modification_feature.auth_asym_id 
_pdbx_modification_feature.auth_seq_id 
_pdbx_modification_feature.PDB_ins_code 
_pdbx_modification_feature.symmetry 
_pdbx_modification_feature.modified_residue_auth_comp_id 
_pdbx_modification_feature.modified_residue_auth_asym_id 
_pdbx_modification_feature.modified_residue_auth_seq_id 
_pdbx_modification_feature.modified_residue_PDB_ins_code 
_pdbx_modification_feature.modified_residue_symmetry 
_pdbx_modification_feature.comp_id_linking_atom 
_pdbx_modification_feature.modified_residue_id_linking_atom 
_pdbx_modification_feature.modified_residue_id 
_pdbx_modification_feature.ref_pcm_id 
_pdbx_modification_feature.ref_comp_id 
_pdbx_modification_feature.type 
_pdbx_modification_feature.category 
1  GPN B 1 ? . . . . GPN B 101 ? 1_555 . . . . . . . ? 1 GPN None 'Non-standard residue' 
2  CPN B 2 ? . . . . CPN B 102 ? 1_555 . . . . . . . ? 1 CPN None 'Non-standard residue' 
3  APN B 3 ? . . . . APN B 103 ? 1_555 . . . . . . . ? 1 APN None 'Non-standard residue' 
4  GPN B 4 ? . . . . GPN B 104 ? 1_555 . . . . . . . ? 1 GPN None 'Non-standard residue' 
5  GPN B 4 A . . . . GPN B 104 ? 1_555 . . . . . . . ? 1 GPN None 'Non-standard residue' 
6  GPN B 4 B . . . . GPN B 104 ? 1_555 . . . . . . . ? 1 GPN None 'Non-standard residue' 
7  CPN B 5 A . . . . CPN B 105 ? 1_555 . . . . . . . ? 1 CPN None 'Non-standard residue' 
8  CPN B 5 B . . . . CPN B 105 ? 1_555 . . . . . . . ? 1 CPN None 'Non-standard residue' 
9  APN B 6 A . . . . APN B 106 ? 1_555 . . . . . . . ? 1 APN None 'Non-standard residue' 
10 APN B 6 B . . . . APN B 106 ? 1_555 . . . . . . . ? 1 APN None 'Non-standard residue' 
11 GPN B 7 ? . . . . GPN B 107 ? 1_555 . . . . . . . ? 1 GPN None 'Non-standard residue' 
12 GPN B 7 A . . . . GPN B 107 ? 1_555 . . . . . . . ? 1 GPN None 'Non-standard residue' 
13 GPN B 7 B . . . . GPN B 107 ? 1_555 . . . . . . . ? 1 GPN None 'Non-standard residue' 
14 CPN B 8 ? . . . . CPN B 108 ? 1_555 . . . . . . . ? 1 CPN None 'Non-standard residue' 
# 
loop_
_struct_site.id 
_struct_site.pdbx_evidence_code 
_struct_site.pdbx_auth_asym_id 
_struct_site.pdbx_auth_comp_id 
_struct_site.pdbx_auth_seq_id 
_struct_site.pdbx_auth_ins_code 
_struct_site.pdbx_num_residues 
_struct_site.details 
AC1 Software A CL  101 ? 6  'binding site for residue CL A 101'                 
AC2 Software B CL  201 ? 1  'binding site for residue CL B 201'                 
AC3 Software B GPN 101 ? 18 'binding site for residues GPN B 101 and CPN B 102' 
AC4 Software B CPN 102 ? 15 'binding site for residues CPN B 102 and APN B 103' 
AC5 Software B APN 103 ? 17 'binding site for residues APN B 103 and GPN B 104' 
AC6 Software B GPN 104 ? 16 'binding site for residues GPN B 104 and CPN B 105' 
AC7 Software B CPN 105 ? 13 'binding site for residues CPN B 105 and APN B 106' 
AC8 Software B APN 106 ? 18 'binding site for residues APN B 106 and GPN B 107' 
AC9 Software B GPN 107 ? 21 'binding site for residues GPN B 107 and CPN B 108' 
# 
loop_
_struct_site_gen.id 
_struct_site_gen.site_id 
_struct_site_gen.pdbx_num_res 
_struct_site_gen.label_comp_id 
_struct_site_gen.label_asym_id 
_struct_site_gen.label_seq_id 
_struct_site_gen.pdbx_auth_ins_code 
_struct_site_gen.auth_comp_id 
_struct_site_gen.auth_asym_id 
_struct_site_gen.auth_seq_id 
_struct_site_gen.label_atom_id 
_struct_site_gen.label_alt_id 
_struct_site_gen.symmetry 
_struct_site_gen.details 
1   AC1 6  C   A 2 ? C   A 2   . ? 1_555 ? 
2   AC1 6  HOH E . ? HOH A 206 . ? 1_555 ? 
3   AC1 6  HOH E . ? HOH A 260 . ? 4_655 ? 
4   AC1 6  GPN B 1 ? GPN B 101 . ? 6_555 ? 
5   AC1 6  HOH F . ? HOH B 313 . ? 1_555 ? 
6   AC1 6  HOH F . ? HOH B 316 . ? 1_555 ? 
7   AC2 1  GPN B 7 ? GPN B 107 . ? 1_555 ? 
8   AC3 18 G   A 1 ? G   A 1   . ? 6_555 ? 
9   AC3 18 C   A 2 ? C   A 2   . ? 6_555 ? 
10  AC3 18 G   A 7 ? G   A 7   . ? 1_555 ? 
11  AC3 18 C   A 8 ? C   A 8   . ? 4_555 ? 
12  AC3 18 C   A 8 ? C   A 8   . ? 1_555 ? 
13  AC3 18 CL  C . ? CL  A 101 . ? 6_555 ? 
14  AC3 18 HOH E . ? HOH A 234 . ? 4_555 ? 
15  AC3 18 APN B 3 ? APN B 103 . ? 1_555 ? 
16  AC3 18 GPN B 7 ? GPN B 107 . ? 1_455 ? 
17  AC3 18 CPN B 8 ? CPN B 108 . ? 6_555 ? 
18  AC3 18 HOH F . ? HOH B 308 . ? 1_555 ? 
19  AC3 18 HOH F . ? HOH B 317 . ? 1_555 ? 
20  AC3 18 HOH F . ? HOH B 321 . ? 1_555 ? 
21  AC3 18 HOH F . ? HOH B 325 . ? 1_555 ? 
22  AC3 18 HOH F . ? HOH B 326 . ? 1_555 ? 
23  AC3 18 HOH F . ? HOH B 327 . ? 1_555 ? 
24  AC3 18 HOH F . ? HOH B 328 . ? 1_555 ? 
25  AC3 18 HOH F . ? HOH B 332 . ? 1_555 ? 
26  AC4 15 G   A 1 ? G   A 1   . ? 6_555 ? 
27  AC4 15 U   A 6 ? U   A 6   . ? 1_555 ? 
28  AC4 15 G   A 7 ? G   A 7   . ? 1_555 ? 
29  AC4 15 C   A 8 ? C   A 8   . ? 1_555 ? 
30  AC4 15 HOH E . ? HOH A 234 . ? 4_555 ? 
31  AC4 15 GPN B 1 ? GPN B 101 . ? 1_555 ? 
32  AC4 15 GPN B 4 ? GPN B 104 . ? 1_555 ? 
33  AC4 15 CPN B 8 ? CPN B 108 . ? 6_555 ? 
34  AC4 15 HOH F . ? HOH B 308 . ? 1_555 ? 
35  AC4 15 HOH F . ? HOH B 310 . ? 1_555 ? 
36  AC4 15 HOH F . ? HOH B 319 . ? 1_555 ? 
37  AC4 15 HOH F . ? HOH B 320 . ? 1_555 ? 
38  AC4 15 HOH F . ? HOH B 324 . ? 1_555 ? 
39  AC4 15 HOH F . ? HOH B 328 . ? 1_555 ? 
40  AC4 15 HOH F . ? HOH B 332 . ? 1_555 ? 
41  AC5 17 G   A 1 ? G   A 1   . ? 6_555 ? 
42  AC5 17 G   A 4 ? G   A 4   . ? 4_545 ? 
43  AC5 17 C   A 5 ? C   A 5   . ? 1_555 ? 
44  AC5 17 C   A 5 ? C   A 5   . ? 4_545 ? 
45  AC5 17 U   A 6 ? U   A 6   . ? 1_555 ? 
46  AC5 17 G   A 7 ? G   A 7   . ? 1_555 ? 
47  AC5 17 CPN B 2 ? CPN B 102 . ? 1_555 ? 
48  AC5 17 CPN B 5 ? CPN B 105 . ? 1_555 ? 
49  AC5 17 CPN B 8 ? CPN B 108 . ? 6_555 ? 
50  AC5 17 HOH F . ? HOH B 302 . ? 1_555 ? 
51  AC5 17 HOH F . ? HOH B 303 . ? 1_555 ? 
52  AC5 17 HOH F . ? HOH B 306 . ? 1_555 ? 
53  AC5 17 HOH F . ? HOH B 307 . ? 1_555 ? 
54  AC5 17 HOH F . ? HOH B 310 . ? 1_555 ? 
55  AC5 17 HOH F . ? HOH B 319 . ? 1_555 ? 
56  AC5 17 HOH F . ? HOH B 320 . ? 1_555 ? 
57  AC5 17 HOH F . ? HOH B 324 . ? 1_555 ? 
58  AC6 16 G   A 4 ? G   A 4   . ? 4_545 ? 
59  AC6 16 G   A 4 ? G   A 4   . ? 1_555 ? 
60  AC6 16 C   A 5 ? C   A 5   . ? 4_545 ? 
61  AC6 16 C   A 5 ? C   A 5   . ? 1_555 ? 
62  AC6 16 U   A 6 ? U   A 6   . ? 1_555 ? 
63  AC6 16 APN B 3 ? APN B 103 . ? 1_555 ? 
64  AC6 16 APN B 6 ? APN B 106 . ? 1_555 ? 
65  AC6 16 HOH F . ? HOH B 301 . ? 1_555 ? 
66  AC6 16 HOH F . ? HOH B 302 . ? 1_555 ? 
67  AC6 16 HOH F . ? HOH B 303 . ? 1_555 ? 
68  AC6 16 HOH F . ? HOH B 304 . ? 1_555 ? 
69  AC6 16 HOH F . ? HOH B 306 . ? 1_555 ? 
70  AC6 16 HOH F . ? HOH B 307 . ? 1_555 ? 
71  AC6 16 HOH F . ? HOH B 320 . ? 1_555 ? 
72  AC6 16 HOH F . ? HOH B 329 . ? 1_555 ? 
73  AC6 16 HOH F . ? HOH B 330 . ? 1_555 ? 
74  AC7 13 U   A 3 ? U   A 3   . ? 1_555 ? 
75  AC7 13 G   A 4 ? G   A 4   . ? 1_555 ? 
76  AC7 13 C   A 5 ? C   A 5   . ? 4_545 ? 
77  AC7 13 C   A 5 ? C   A 5   . ? 1_555 ? 
78  AC7 13 GPN B 4 ? GPN B 104 . ? 1_555 ? 
79  AC7 13 GPN B 7 ? GPN B 107 . ? 1_555 ? 
80  AC7 13 HOH F . ? HOH B 301 . ? 1_555 ? 
81  AC7 13 HOH F . ? HOH B 304 . ? 1_555 ? 
82  AC7 13 HOH F . ? HOH B 312 . ? 1_555 ? 
83  AC7 13 HOH F . ? HOH B 315 . ? 1_555 ? 
84  AC7 13 HOH F . ? HOH B 318 . ? 1_555 ? 
85  AC7 13 HOH F . ? HOH B 329 . ? 1_555 ? 
86  AC7 13 HOH F . ? HOH B 330 . ? 1_555 ? 
87  AC8 18 C   A 2 ? C   A 2   . ? 1_555 ? 
88  AC8 18 U   A 3 ? U   A 3   . ? 1_555 ? 
89  AC8 18 G   A 4 ? G   A 4   . ? 1_555 ? 
90  AC8 18 G   A 7 ? G   A 7   . ? 4_655 ? 
91  AC8 18 C   A 8 ? C   A 8   . ? 4_655 ? 
92  AC8 18 GPN B 1 ? GPN B 101 . ? 1_655 ? 
93  AC8 18 CPN B 5 ? CPN B 105 . ? 1_555 ? 
94  AC8 18 CPN B 8 ? CPN B 108 . ? 1_555 ? 
95  AC8 18 CL  D . ? CL  B 201 . ? 1_555 ? 
96  AC8 18 HOH F . ? HOH B 305 . ? 1_555 ? 
97  AC8 18 HOH F . ? HOH B 309 . ? 1_555 ? 
98  AC8 18 HOH F . ? HOH B 311 . ? 1_555 ? 
99  AC8 18 HOH F . ? HOH B 312 . ? 1_555 ? 
100 AC8 18 HOH F . ? HOH B 314 . ? 1_555 ? 
101 AC8 18 HOH F . ? HOH B 315 . ? 1_555 ? 
102 AC8 18 HOH F . ? HOH B 318 . ? 1_555 ? 
103 AC8 18 HOH F . ? HOH B 323 . ? 1_555 ? 
104 AC8 18 HOH F . ? HOH B 329 . ? 1_555 ? 
105 AC9 21 G   A 1 ? G   A 1   . ? 1_555 ? 
106 AC9 21 C   A 2 ? C   A 2   . ? 1_555 ? 
107 AC9 21 U   A 3 ? U   A 3   . ? 1_555 ? 
108 AC9 21 G   A 7 ? G   A 7   . ? 4_655 ? 
109 AC9 21 C   A 8 ? C   A 8   . ? 4_655 ? 
110 AC9 21 GPN B 1 ? GPN B 101 . ? 1_655 ? 
111 AC9 21 CPN B 2 ? CPN B 102 . ? 6_555 ? 
112 AC9 21 APN B 3 ? APN B 103 . ? 6_555 ? 
113 AC9 21 APN B 6 ? APN B 106 . ? 1_555 ? 
114 AC9 21 CL  D . ? CL  B 201 . ? 1_555 ? 
115 AC9 21 HOH F . ? HOH B 305 . ? 1_555 ? 
116 AC9 21 HOH F . ? HOH B 309 . ? 1_555 ? 
117 AC9 21 HOH F . ? HOH B 311 . ? 1_555 ? 
118 AC9 21 HOH F . ? HOH B 313 . ? 1_555 ? 
119 AC9 21 HOH F . ? HOH B 314 . ? 1_555 ? 
120 AC9 21 HOH F . ? HOH B 315 . ? 1_555 ? 
121 AC9 21 HOH F . ? HOH B 316 . ? 1_555 ? 
122 AC9 21 HOH F . ? HOH B 322 . ? 1_555 ? 
123 AC9 21 HOH F . ? HOH B 323 . ? 1_555 ? 
124 AC9 21 HOH F . ? HOH B 331 . ? 1_555 ? 
125 AC9 21 HOH F . ? HOH B 339 . ? 6_555 ? 
# 
_pdbx_entry_details.entry_id                   5EMF 
_pdbx_entry_details.compound_details           ? 
_pdbx_entry_details.source_details             ? 
_pdbx_entry_details.nonpolymer_details         ? 
_pdbx_entry_details.sequence_details           ? 
_pdbx_entry_details.has_ligand_of_interest     ? 
_pdbx_entry_details.has_protein_modification   Y 
# 
_pdbx_validate_planes.id              1 
_pdbx_validate_planes.PDB_model_num   1 
_pdbx_validate_planes.auth_comp_id    G 
_pdbx_validate_planes.auth_asym_id    A 
_pdbx_validate_planes.auth_seq_id     1 
_pdbx_validate_planes.PDB_ins_code    ? 
_pdbx_validate_planes.label_alt_id    A 
_pdbx_validate_planes.rmsd            0.052 
_pdbx_validate_planes.type            'SIDE CHAIN' 
# 
_pdbx_struct_special_symmetry.id              1 
_pdbx_struct_special_symmetry.PDB_model_num   1 
_pdbx_struct_special_symmetry.auth_asym_id    A 
_pdbx_struct_special_symmetry.auth_comp_id    HOH 
_pdbx_struct_special_symmetry.auth_seq_id     250 
_pdbx_struct_special_symmetry.PDB_ins_code    ? 
_pdbx_struct_special_symmetry.label_asym_id   E 
_pdbx_struct_special_symmetry.label_comp_id   HOH 
_pdbx_struct_special_symmetry.label_seq_id    . 
# 
loop_
_chem_comp_atom.comp_id 
_chem_comp_atom.atom_id 
_chem_comp_atom.type_symbol 
_chem_comp_atom.pdbx_aromatic_flag 
_chem_comp_atom.pdbx_stereo_config 
_chem_comp_atom.pdbx_ordinal 
APN "C8'"  C  N N 1   
APN "C7'"  C  N N 2   
APN "O7'"  O  N N 3   
APN "C5'"  C  N N 4   
APN C      C  N N 5   
APN O      O  N N 6   
APN OXT    O  N N 7   
APN "N4'"  N  N N 8   
APN "C3'"  C  N N 9   
APN "C2'"  C  N N 10  
APN N      N  N N 11  
APN N9     N  Y N 12  
APN C8     C  Y N 13  
APN N7     N  Y N 14  
APN C5     C  Y N 15  
APN C6     C  Y N 16  
APN N6     N  N N 17  
APN N1     N  Y N 18  
APN C2     C  Y N 19  
APN N3     N  Y N 20  
APN C4     C  Y N 21  
APN "H8'1" H  N N 22  
APN "H8'2" H  N N 23  
APN "H5'1" H  N N 24  
APN "H5'2" H  N N 25  
APN HXT    H  N N 26  
APN "H3'1" H  N N 27  
APN "H3'2" H  N N 28  
APN "H2'1" H  N N 29  
APN "H2'2" H  N N 30  
APN H      H  N N 31  
APN H2     H  N N 32  
APN H3     H  N N 33  
APN H8     H  N N 34  
APN HN61   H  N N 35  
APN HN62   H  N N 36  
APN H21    H  N N 37  
C   OP3    O  N N 38  
C   P      P  N N 39  
C   OP1    O  N N 40  
C   OP2    O  N N 41  
C   "O5'"  O  N N 42  
C   "C5'"  C  N N 43  
C   "C4'"  C  N R 44  
C   "O4'"  O  N N 45  
C   "C3'"  C  N S 46  
C   "O3'"  O  N N 47  
C   "C2'"  C  N R 48  
C   "O2'"  O  N N 49  
C   "C1'"  C  N R 50  
C   N1     N  N N 51  
C   C2     C  N N 52  
C   O2     O  N N 53  
C   N3     N  N N 54  
C   C4     C  N N 55  
C   N4     N  N N 56  
C   C5     C  N N 57  
C   C6     C  N N 58  
C   HOP3   H  N N 59  
C   HOP2   H  N N 60  
C   "H5'"  H  N N 61  
C   "H5''" H  N N 62  
C   "H4'"  H  N N 63  
C   "H3'"  H  N N 64  
C   "HO3'" H  N N 65  
C   "H2'"  H  N N 66  
C   "HO2'" H  N N 67  
C   "H1'"  H  N N 68  
C   H41    H  N N 69  
C   H42    H  N N 70  
C   H5     H  N N 71  
C   H6     H  N N 72  
CL  CL     CL N N 73  
CPN "C8'"  C  N N 74  
CPN "C7'"  C  N N 75  
CPN "O7'"  O  N N 76  
CPN "C5'"  C  N N 77  
CPN C      C  N N 78  
CPN O      O  N N 79  
CPN OXT    O  N N 80  
CPN "N4'"  N  N N 81  
CPN "C3'"  C  N N 82  
CPN "C2'"  C  N N 83  
CPN N      N  N N 84  
CPN N1     N  N N 85  
CPN C2     C  N N 86  
CPN N3     N  N N 87  
CPN C4     C  N N 88  
CPN C5     C  N N 89  
CPN C6     C  N N 90  
CPN O2     O  N N 91  
CPN N4     N  N N 92  
CPN "H8'1" H  N N 93  
CPN "H8'2" H  N N 94  
CPN "H5'1" H  N N 95  
CPN "H5'2" H  N N 96  
CPN HXT    H  N N 97  
CPN "H3'1" H  N N 98  
CPN "H3'2" H  N N 99  
CPN "H2'1" H  N N 100 
CPN "H2'2" H  N N 101 
CPN H      H  N N 102 
CPN H2     H  N N 103 
CPN H3     H  N N 104 
CPN H5     H  N N 105 
CPN H6     H  N N 106 
CPN HN41   H  N N 107 
CPN HN42   H  N N 108 
G   OP3    O  N N 109 
G   P      P  N N 110 
G   OP1    O  N N 111 
G   OP2    O  N N 112 
G   "O5'"  O  N N 113 
G   "C5'"  C  N N 114 
G   "C4'"  C  N R 115 
G   "O4'"  O  N N 116 
G   "C3'"  C  N S 117 
G   "O3'"  O  N N 118 
G   "C2'"  C  N R 119 
G   "O2'"  O  N N 120 
G   "C1'"  C  N R 121 
G   N9     N  Y N 122 
G   C8     C  Y N 123 
G   N7     N  Y N 124 
G   C5     C  Y N 125 
G   C6     C  N N 126 
G   O6     O  N N 127 
G   N1     N  N N 128 
G   C2     C  N N 129 
G   N2     N  N N 130 
G   N3     N  N N 131 
G   C4     C  Y N 132 
G   HOP3   H  N N 133 
G   HOP2   H  N N 134 
G   "H5'"  H  N N 135 
G   "H5''" H  N N 136 
G   "H4'"  H  N N 137 
G   "H3'"  H  N N 138 
G   "HO3'" H  N N 139 
G   "H2'"  H  N N 140 
G   "HO2'" H  N N 141 
G   "H1'"  H  N N 142 
G   H8     H  N N 143 
G   H1     H  N N 144 
G   H21    H  N N 145 
G   H22    H  N N 146 
GPN "C8'"  C  N N 147 
GPN "C7'"  C  N N 148 
GPN "O7'"  O  N N 149 
GPN "C5'"  C  N N 150 
GPN C      C  N N 151 
GPN O      O  N N 152 
GPN OXT    O  N N 153 
GPN "N4'"  N  N N 154 
GPN "C3'"  C  N N 155 
GPN "C2'"  C  N N 156 
GPN N      N  N N 157 
GPN N9     N  Y N 158 
GPN C8     C  Y N 159 
GPN N7     N  Y N 160 
GPN C5     C  Y N 161 
GPN C6     C  N N 162 
GPN O6     O  N N 163 
GPN N1     N  N N 164 
GPN C2     C  N N 165 
GPN N2     N  N N 166 
GPN N3     N  N N 167 
GPN C4     C  Y N 168 
GPN "H8'1" H  N N 169 
GPN "H8'2" H  N N 170 
GPN "H5'1" H  N N 171 
GPN "H5'2" H  N N 172 
GPN HXT    H  N N 173 
GPN "H3'1" H  N N 174 
GPN "H3'2" H  N N 175 
GPN "H2'1" H  N N 176 
GPN "H2'2" H  N N 177 
GPN H      H  N N 178 
GPN H2     H  N N 179 
GPN H3     H  N N 180 
GPN H8     H  N N 181 
GPN HN1    H  N N 182 
GPN HN21   H  N N 183 
GPN HN22   H  N N 184 
HOH O      O  N N 185 
HOH H1     H  N N 186 
HOH H2     H  N N 187 
U   OP3    O  N N 188 
U   P      P  N N 189 
U   OP1    O  N N 190 
U   OP2    O  N N 191 
U   "O5'"  O  N N 192 
U   "C5'"  C  N N 193 
U   "C4'"  C  N R 194 
U   "O4'"  O  N N 195 
U   "C3'"  C  N S 196 
U   "O3'"  O  N N 197 
U   "C2'"  C  N R 198 
U   "O2'"  O  N N 199 
U   "C1'"  C  N R 200 
U   N1     N  N N 201 
U   C2     C  N N 202 
U   O2     O  N N 203 
U   N3     N  N N 204 
U   C4     C  N N 205 
U   O4     O  N N 206 
U   C5     C  N N 207 
U   C6     C  N N 208 
U   HOP3   H  N N 209 
U   HOP2   H  N N 210 
U   "H5'"  H  N N 211 
U   "H5''" H  N N 212 
U   "H4'"  H  N N 213 
U   "H3'"  H  N N 214 
U   "HO3'" H  N N 215 
U   "H2'"  H  N N 216 
U   "HO2'" H  N N 217 
U   "H1'"  H  N N 218 
U   H3     H  N N 219 
U   H5     H  N N 220 
U   H6     H  N N 221 
# 
loop_
_chem_comp_bond.comp_id 
_chem_comp_bond.atom_id_1 
_chem_comp_bond.atom_id_2 
_chem_comp_bond.value_order 
_chem_comp_bond.pdbx_aromatic_flag 
_chem_comp_bond.pdbx_stereo_config 
_chem_comp_bond.pdbx_ordinal 
APN "C8'" "C7'"  sing N N 1   
APN "C8'" N9     sing N N 2   
APN "C8'" "H8'1" sing N N 3   
APN "C8'" "H8'2" sing N N 4   
APN "C7'" "O7'"  doub N N 5   
APN "C7'" "N4'"  sing N N 6   
APN "C5'" C      sing N N 7   
APN "C5'" "N4'"  sing N N 8   
APN "C5'" "H5'1" sing N N 9   
APN "C5'" "H5'2" sing N N 10  
APN C     O      doub N N 11  
APN C     OXT    sing N N 12  
APN OXT   HXT    sing N N 13  
APN "N4'" "C3'"  sing N N 14  
APN "C3'" "C2'"  sing N N 15  
APN "C3'" "H3'1" sing N N 16  
APN "C3'" "H3'2" sing N N 17  
APN "C2'" N      sing N N 18  
APN "C2'" "H2'1" sing N N 19  
APN "C2'" "H2'2" sing N N 20  
APN N     H      sing N N 21  
APN N     H2     sing N N 22  
APN N     H3     sing N N 23  
APN N9    C8     sing Y N 24  
APN N9    C4     sing Y N 25  
APN C8    N7     doub Y N 26  
APN C8    H8     sing N N 27  
APN N7    C5     sing Y N 28  
APN C5    C6     sing Y N 29  
APN C5    C4     doub Y N 30  
APN C6    N6     sing N N 31  
APN C6    N1     doub Y N 32  
APN N6    HN61   sing N N 33  
APN N6    HN62   sing N N 34  
APN N1    C2     sing Y N 35  
APN C2    N3     doub Y N 36  
APN C2    H21    sing N N 37  
APN N3    C4     sing Y N 38  
C   OP3   P      sing N N 39  
C   OP3   HOP3   sing N N 40  
C   P     OP1    doub N N 41  
C   P     OP2    sing N N 42  
C   P     "O5'"  sing N N 43  
C   OP2   HOP2   sing N N 44  
C   "O5'" "C5'"  sing N N 45  
C   "C5'" "C4'"  sing N N 46  
C   "C5'" "H5'"  sing N N 47  
C   "C5'" "H5''" sing N N 48  
C   "C4'" "O4'"  sing N N 49  
C   "C4'" "C3'"  sing N N 50  
C   "C4'" "H4'"  sing N N 51  
C   "O4'" "C1'"  sing N N 52  
C   "C3'" "O3'"  sing N N 53  
C   "C3'" "C2'"  sing N N 54  
C   "C3'" "H3'"  sing N N 55  
C   "O3'" "HO3'" sing N N 56  
C   "C2'" "O2'"  sing N N 57  
C   "C2'" "C1'"  sing N N 58  
C   "C2'" "H2'"  sing N N 59  
C   "O2'" "HO2'" sing N N 60  
C   "C1'" N1     sing N N 61  
C   "C1'" "H1'"  sing N N 62  
C   N1    C2     sing N N 63  
C   N1    C6     sing N N 64  
C   C2    O2     doub N N 65  
C   C2    N3     sing N N 66  
C   N3    C4     doub N N 67  
C   C4    N4     sing N N 68  
C   C4    C5     sing N N 69  
C   N4    H41    sing N N 70  
C   N4    H42    sing N N 71  
C   C5    C6     doub N N 72  
C   C5    H5     sing N N 73  
C   C6    H6     sing N N 74  
CPN "C8'" "C7'"  sing N N 75  
CPN "C8'" N1     sing N N 76  
CPN "C8'" "H8'1" sing N N 77  
CPN "C8'" "H8'2" sing N N 78  
CPN "C7'" "O7'"  doub N N 79  
CPN "C7'" "N4'"  sing N N 80  
CPN "C5'" C      sing N N 81  
CPN "C5'" "N4'"  sing N N 82  
CPN "C5'" "H5'1" sing N N 83  
CPN "C5'" "H5'2" sing N N 84  
CPN C     O      doub N N 85  
CPN C     OXT    sing N N 86  
CPN OXT   HXT    sing N N 87  
CPN "N4'" "C3'"  sing N N 88  
CPN "C3'" "C2'"  sing N N 89  
CPN "C3'" "H3'1" sing N N 90  
CPN "C3'" "H3'2" sing N N 91  
CPN "C2'" N      sing N N 92  
CPN "C2'" "H2'1" sing N N 93  
CPN "C2'" "H2'2" sing N N 94  
CPN N     H      sing N N 95  
CPN N     H2     sing N N 96  
CPN N     H3     sing N N 97  
CPN N1    C2     sing N N 98  
CPN N1    C6     sing N N 99  
CPN C2    N3     sing N N 100 
CPN C2    O2     doub N N 101 
CPN N3    C4     doub N N 102 
CPN C4    C5     sing N N 103 
CPN C4    N4     sing N N 104 
CPN C5    C6     doub N N 105 
CPN C5    H5     sing N N 106 
CPN C6    H6     sing N N 107 
CPN N4    HN41   sing N N 108 
CPN N4    HN42   sing N N 109 
G   OP3   P      sing N N 110 
G   OP3   HOP3   sing N N 111 
G   P     OP1    doub N N 112 
G   P     OP2    sing N N 113 
G   P     "O5'"  sing N N 114 
G   OP2   HOP2   sing N N 115 
G   "O5'" "C5'"  sing N N 116 
G   "C5'" "C4'"  sing N N 117 
G   "C5'" "H5'"  sing N N 118 
G   "C5'" "H5''" sing N N 119 
G   "C4'" "O4'"  sing N N 120 
G   "C4'" "C3'"  sing N N 121 
G   "C4'" "H4'"  sing N N 122 
G   "O4'" "C1'"  sing N N 123 
G   "C3'" "O3'"  sing N N 124 
G   "C3'" "C2'"  sing N N 125 
G   "C3'" "H3'"  sing N N 126 
G   "O3'" "HO3'" sing N N 127 
G   "C2'" "O2'"  sing N N 128 
G   "C2'" "C1'"  sing N N 129 
G   "C2'" "H2'"  sing N N 130 
G   "O2'" "HO2'" sing N N 131 
G   "C1'" N9     sing N N 132 
G   "C1'" "H1'"  sing N N 133 
G   N9    C8     sing Y N 134 
G   N9    C4     sing Y N 135 
G   C8    N7     doub Y N 136 
G   C8    H8     sing N N 137 
G   N7    C5     sing Y N 138 
G   C5    C6     sing N N 139 
G   C5    C4     doub Y N 140 
G   C6    O6     doub N N 141 
G   C6    N1     sing N N 142 
G   N1    C2     sing N N 143 
G   N1    H1     sing N N 144 
G   C2    N2     sing N N 145 
G   C2    N3     doub N N 146 
G   N2    H21    sing N N 147 
G   N2    H22    sing N N 148 
G   N3    C4     sing N N 149 
GPN "C8'" "C7'"  sing N N 150 
GPN "C8'" N9     sing N N 151 
GPN "C8'" "H8'1" sing N N 152 
GPN "C8'" "H8'2" sing N N 153 
GPN "C7'" "O7'"  doub N N 154 
GPN "C7'" "N4'"  sing N N 155 
GPN "C5'" C      sing N N 156 
GPN "C5'" "N4'"  sing N N 157 
GPN "C5'" "H5'1" sing N N 158 
GPN "C5'" "H5'2" sing N N 159 
GPN C     O      doub N N 160 
GPN C     OXT    sing N N 161 
GPN OXT   HXT    sing N N 162 
GPN "N4'" "C3'"  sing N N 163 
GPN "C3'" "C2'"  sing N N 164 
GPN "C3'" "H3'1" sing N N 165 
GPN "C3'" "H3'2" sing N N 166 
GPN "C2'" N      sing N N 167 
GPN "C2'" "H2'1" sing N N 168 
GPN "C2'" "H2'2" sing N N 169 
GPN N     H      sing N N 170 
GPN N     H2     sing N N 171 
GPN N     H3     sing N N 172 
GPN N9    C8     sing Y N 173 
GPN N9    C4     sing Y N 174 
GPN C8    N7     doub Y N 175 
GPN C8    H8     sing N N 176 
GPN N7    C5     sing Y N 177 
GPN C5    C6     sing N N 178 
GPN C5    C4     doub Y N 179 
GPN C6    O6     doub N N 180 
GPN C6    N1     sing N N 181 
GPN N1    C2     sing N N 182 
GPN N1    HN1    sing N N 183 
GPN C2    N2     sing N N 184 
GPN C2    N3     doub N N 185 
GPN N2    HN21   sing N N 186 
GPN N2    HN22   sing N N 187 
GPN N3    C4     sing N N 188 
HOH O     H1     sing N N 189 
HOH O     H2     sing N N 190 
U   OP3   P      sing N N 191 
U   OP3   HOP3   sing N N 192 
U   P     OP1    doub N N 193 
U   P     OP2    sing N N 194 
U   P     "O5'"  sing N N 195 
U   OP2   HOP2   sing N N 196 
U   "O5'" "C5'"  sing N N 197 
U   "C5'" "C4'"  sing N N 198 
U   "C5'" "H5'"  sing N N 199 
U   "C5'" "H5''" sing N N 200 
U   "C4'" "O4'"  sing N N 201 
U   "C4'" "C3'"  sing N N 202 
U   "C4'" "H4'"  sing N N 203 
U   "O4'" "C1'"  sing N N 204 
U   "C3'" "O3'"  sing N N 205 
U   "C3'" "C2'"  sing N N 206 
U   "C3'" "H3'"  sing N N 207 
U   "O3'" "HO3'" sing N N 208 
U   "C2'" "O2'"  sing N N 209 
U   "C2'" "C1'"  sing N N 210 
U   "C2'" "H2'"  sing N N 211 
U   "O2'" "HO2'" sing N N 212 
U   "C1'" N1     sing N N 213 
U   "C1'" "H1'"  sing N N 214 
U   N1    C2     sing N N 215 
U   N1    C6     sing N N 216 
U   C2    O2     doub N N 217 
U   C2    N3     sing N N 218 
U   N3    C4     sing N N 219 
U   N3    H3     sing N N 220 
U   C4    O4     doub N N 221 
U   C4    C5     sing N N 222 
U   C5    C6     doub N N 223 
U   C5    H5     sing N N 224 
U   C6    H6     sing N N 225 
# 
loop_
_pdbx_audit_support.funding_organization 
_pdbx_audit_support.country 
_pdbx_audit_support.grant_number 
_pdbx_audit_support.ordinal 
'National Science Centre'                  Poland UMO-2011/01/B/NZ1/04429 1 
'Ministry of Science and Higher Education' Poland 0450/IP1/2013/72        2 
# 
_atom_sites.entry_id                    5EMF 
_atom_sites.fract_transf_matrix[1][1]   -0.00637736 
_atom_sites.fract_transf_matrix[1][2]   0.01163918 
_atom_sites.fract_transf_matrix[1][3]   0.03009133 
_atom_sites.fract_transf_matrix[2][1]   0.02255040 
_atom_sites.fract_transf_matrix[2][2]   -0.00268187 
_atom_sites.fract_transf_matrix[2][3]   0.02378881 
_atom_sites.fract_transf_matrix[3][1]   0.00552341 
_atom_sites.fract_transf_matrix[3][2]   0.01282496 
_atom_sites.fract_transf_matrix[3][3]   -0.00379003 
_atom_sites.fract_transf_vector[1]      0.019304 
_atom_sites.fract_transf_vector[2]      -0.365482 
_atom_sites.fract_transf_vector[3]      0.059648 
# 
loop_
_atom_type.symbol 
C  
CL 
N  
O  
P  
# 
loop_
_atom_site.group_PDB 
_atom_site.id 
_atom_site.type_symbol 
_atom_site.label_atom_id 
_atom_site.label_alt_id 
_atom_site.label_comp_id 
_atom_site.label_asym_id 
_atom_site.label_entity_id 
_atom_site.label_seq_id 
_atom_site.pdbx_PDB_ins_code 
_atom_site.Cartn_x 
_atom_site.Cartn_y 
_atom_site.Cartn_z 
_atom_site.occupancy 
_atom_site.B_iso_or_equiv 
_atom_site.pdbx_formal_charge 
_atom_site.auth_seq_id 
_atom_site.auth_comp_id 
_atom_site.auth_asym_id 
_atom_site.auth_atom_id 
_atom_site.pdbx_PDB_model_num 
ATOM   1   O  "O5'" A G   A 1 1 ? 13.274  9.441   5.157   0.50 23.68 ? 1   G   A "O5'" 1 
ATOM   2   O  "O5'" B G   A 1 1 ? 12.099  8.432   4.760   0.50 18.00 ? 1   G   A "O5'" 1 
ATOM   3   C  "C5'" A G   A 1 1 ? 12.520  8.504   5.914   0.50 19.93 ? 1   G   A "C5'" 1 
ATOM   4   C  "C5'" B G   A 1 1 ? 12.706  8.732   5.994   0.50 16.44 ? 1   G   A "C5'" 1 
ATOM   5   C  "C4'" . G   A 1 1 ? 11.662  9.090   7.026   1.00 15.47 ? 1   G   A "C4'" 1 
ATOM   6   O  "O4'" . G   A 1 1 ? 10.960  10.276  6.596   1.00 14.72 ? 1   G   A "O4'" 1 
ATOM   7   C  "C3'" . G   A 1 1 ? 10.552  8.115   7.331   1.00 15.10 ? 1   G   A "C3'" 1 
ATOM   8   O  "O3'" . G   A 1 1 ? 11.066  7.100   8.186   1.00 16.74 ? 1   G   A "O3'" 1 
ATOM   9   C  "C2'" . G   A 1 1 ? 9.527   9.048   7.963   1.00 14.36 ? 1   G   A "C2'" 1 
ATOM   10  O  "O2'" . G   A 1 1 ? 9.917   9.488   9.270   1.00 15.23 ? 1   G   A "O2'" 1 
ATOM   11  C  "C1'" . G   A 1 1 ? 9.608   10.202  7.040   1.00 12.62 ? 1   G   A "C1'" 1 
ATOM   12  N  N9    . G   A 1 1 ? 8.747   10.077  5.866   1.00 12.53 ? 1   G   A N9    1 
ATOM   13  C  C8    . G   A 1 1 ? 9.175   10.009  4.553   1.00 13.71 ? 1   G   A C8    1 
ATOM   14  N  N7    . G   A 1 1 ? 8.201   10.081  3.681   1.00 13.45 ? 1   G   A N7    1 
ATOM   15  C  C5    . G   A 1 1 ? 7.047   10.230  4.474   1.00 10.90 ? 1   G   A C5    1 
ATOM   16  C  C6    . G   A 1 1 ? 5.705   10.421  4.110   1.00 11.03 ? 1   G   A C6    1 
ATOM   17  O  O6    . G   A 1 1 ? 5.222   10.483  2.974   1.00 11.85 ? 1   G   A O6    1 
ATOM   18  N  N1    . G   A 1 1 ? 4.875   10.560  5.227   1.00 10.03 ? 1   G   A N1    1 
ATOM   19  C  C2    . G   A 1 1 ? 5.298   10.531  6.506   1.00 9.52  ? 1   G   A C2    1 
ATOM   20  N  N2    . G   A 1 1 ? 4.355   10.622  7.446   1.00 10.19 ? 1   G   A N2    1 
ATOM   21  N  N3    . G   A 1 1 ? 6.541   10.363  6.875   1.00 10.54 ? 1   G   A N3    1 
ATOM   22  C  C4    . G   A 1 1 ? 7.374   10.232  5.817   1.00 10.87 ? 1   G   A C4    1 
ATOM   23  P  P     . C   A 1 2 ? 10.576  5.605   8.121   1.00 19.04 ? 2   C   A P     1 
ATOM   24  O  OP1   . C   A 1 2 ? 11.517  4.834   8.909   1.00 21.69 ? 2   C   A OP1   1 
ATOM   25  O  OP2   . C   A 1 2 ? 10.335  5.170   6.736   1.00 23.33 ? 2   C   A OP2   1 
ATOM   26  O  "O5'" . C   A 1 2 ? 9.125   5.641   8.782   1.00 19.30 ? 2   C   A "O5'" 1 
ATOM   27  C  "C5'" . C   A 1 2 ? 9.036   5.939   10.161  1.00 19.45 ? 2   C   A "C5'" 1 
ATOM   28  C  "C4'" . C   A 1 2 ? 7.588   6.177   10.529  1.00 18.29 ? 2   C   A "C4'" 1 
ATOM   29  O  "O4'" . C   A 1 2 ? 7.061   7.347   9.861   1.00 16.66 ? 2   C   A "O4'" 1 
ATOM   30  C  "C3'" . C   A 1 2 ? 6.602   5.066   10.134  1.00 17.69 ? 2   C   A "C3'" 1 
ATOM   31  O  "O3'" . C   A 1 2 ? 6.703   4.009   11.000  1.00 19.03 ? 2   C   A "O3'" 1 
ATOM   32  C  "C2'" . C   A 1 2 ? 5.287   5.812   10.209  1.00 15.61 ? 2   C   A "C2'" 1 
ATOM   33  O  "O2'" . C   A 1 2 ? 4.922   6.031   11.558  1.00 17.68 ? 2   C   A "O2'" 1 
ATOM   34  C  "C1'" . C   A 1 2 ? 5.698   7.134   9.554   1.00 14.03 ? 2   C   A "C1'" 1 
ATOM   35  N  N1    . C   A 1 2 ? 5.539   7.096   8.099   1.00 13.01 ? 2   C   A N1    1 
ATOM   36  C  C2    . C   A 1 2 ? 4.280   7.344   7.593   1.00 11.95 ? 2   C   A C2    1 
ATOM   37  O  O2    . C   A 1 2 ? 3.338   7.517   8.401   1.00 13.34 ? 2   C   A O2    1 
ATOM   38  N  N3    . C   A 1 2 ? 4.092   7.350   6.260   1.00 12.16 ? 2   C   A N3    1 
ATOM   39  C  C4    . C   A 1 2 ? 5.123   7.141   5.449   1.00 11.99 ? 2   C   A C4    1 
ATOM   40  N  N4    . C   A 1 2 ? 4.902   7.222   4.134   1.00 13.13 ? 2   C   A N4    1 
ATOM   41  C  C5    . C   A 1 2 ? 6.415   6.843   5.947   1.00 12.95 ? 2   C   A C5    1 
ATOM   42  C  C6    . C   A 1 2 ? 6.581   6.853   7.259   1.00 14.00 ? 2   C   A C6    1 
ATOM   43  P  P     . U   A 1 3 ? 6.362   2.497   10.517  1.00 19.48 ? 3   U   A P     1 
ATOM   44  O  OP1   . U   A 1 3 ? 6.755   1.594   11.595  1.00 24.92 ? 3   U   A OP1   1 
ATOM   45  O  OP2   . U   A 1 3 ? 6.859   2.235   9.123   1.00 26.04 ? 3   U   A OP2   1 
ATOM   46  O  "O5'" . U   A 1 3 ? 4.745   2.454   10.365  1.00 17.40 ? 3   U   A "O5'" 1 
ATOM   47  C  "C5'" . U   A 1 3 ? 3.929   2.484   11.528  1.00 17.12 ? 3   U   A "C5'" 1 
ATOM   48  C  "C4'" . U   A 1 3 ? 2.474   2.493   11.159  1.00 13.46 ? 3   U   A "C4'" 1 
ATOM   49  O  "O4'" . U   A 1 3 ? 2.174   3.701   10.390  1.00 12.96 ? 3   U   A "O4'" 1 
ATOM   50  C  "C3'" . U   A 1 3 ? 2.018   1.416   10.195  1.00 12.87 ? 3   U   A "C3'" 1 
ATOM   51  O  "O3'" . U   A 1 3 ? 1.857   0.184   10.952  1.00 13.43 ? 3   U   A "O3'" 1 
ATOM   52  C  "C2'" . U   A 1 3 ? 0.696   1.993   9.753   1.00 12.31 ? 3   U   A "C2'" 1 
ATOM   53  O  "O2'" . U   A 1 3 ? -0.227  1.988   10.815  1.00 12.62 ? 3   U   A "O2'" 1 
ATOM   54  C  "C1'" . U   A 1 3 ? 1.138   3.441   9.444   1.00 11.41 ? 3   U   A "C1'" 1 
ATOM   55  N  N1    . U   A 1 3 ? 1.661   3.643   8.077   1.00 11.18 ? 3   U   A N1    1 
ATOM   56  C  C2    . U   A 1 3 ? 0.725   3.773   7.080   1.00 11.23 ? 3   U   A C2    1 
ATOM   57  O  O2    . U   A 1 3 ? -0.465  3.634   7.301   1.00 10.97 ? 3   U   A O2    1 
ATOM   58  N  N3    . U   A 1 3 ? 1.229   4.001   5.831   1.00 11.37 ? 3   U   A N3    1 
ATOM   59  C  C4    . U   A 1 3 ? 2.542   4.133   5.491   1.00 11.95 ? 3   U   A C4    1 
ATOM   60  O  O4    . U   A 1 3 ? 2.843   4.358   4.312   1.00 14.46 ? 3   U   A O4    1 
ATOM   61  C  C5    . U   A 1 3 ? 3.460   3.968   6.576   1.00 13.15 ? 3   U   A C5    1 
ATOM   62  C  C6    . U   A 1 3 ? 2.993   3.748   7.816   1.00 12.39 ? 3   U   A C6    1 
ATOM   63  P  P     . G   A 1 4 ? 1.810   -1.194  10.191  1.00 14.80 ? 4   G   A P     1 
ATOM   64  O  OP1   . G   A 1 4 ? 1.803   -2.197  11.268  1.00 17.90 ? 4   G   A OP1   1 
ATOM   65  O  OP2   . G   A 1 4 ? 2.844   -1.220  9.147   1.00 18.24 ? 4   G   A OP2   1 
ATOM   66  O  "O5'" . G   A 1 4 ? 0.429   -1.215  9.435   1.00 14.63 ? 4   G   A "O5'" 1 
ATOM   67  C  "C5'" . G   A 1 4 ? -0.846  -1.296  10.177  1.00 12.65 ? 4   G   A "C5'" 1 
ATOM   68  C  "C4'" . G   A 1 4 ? -1.986  -1.216  9.248   1.00 13.13 ? 4   G   A "C4'" 1 
ATOM   69  O  "O4'" . G   A 1 4 ? -1.982  0.046   8.544   1.00 13.78 ? 4   G   A "O4'" 1 
ATOM   70  C  "C3'" . G   A 1 4 ? -2.068  -2.217  8.100   1.00 13.39 ? 4   G   A "C3'" 1 
ATOM   71  O  "O3'" A G   A 1 4 ? -2.430  -3.554  8.488   0.50 13.52 ? 4   G   A "O3'" 1 
ATOM   72  O  "O3'" B G   A 1 4 ? -2.604  -3.404  8.686   0.50 15.11 ? 4   G   A "O3'" 1 
ATOM   73  C  "C2'" . G   A 1 4 ? -3.060  -1.514  7.194   1.00 13.60 ? 4   G   A "C2'" 1 
ATOM   74  O  "O2'" . G   A 1 4 ? -4.393  -1.612  7.734   1.00 15.03 ? 4   G   A "O2'" 1 
ATOM   75  C  "C1'" . G   A 1 4 ? -2.561  -0.098  7.264   1.00 13.02 ? 4   G   A "C1'" 1 
ATOM   76  N  N9    . G   A 1 4 ? -1.541  0.176   6.262   1.00 12.54 ? 4   G   A N9    1 
ATOM   77  C  C8    . G   A 1 4 ? -0.189  0.213   6.430   1.00 13.94 ? 4   G   A C8    1 
ATOM   78  N  N7    . G   A 1 4 ? 0.455   0.544   5.328   1.00 13.29 ? 4   G   A N7    1 
ATOM   79  C  C5    . G   A 1 4 ? -0.548  0.642   4.366   1.00 12.03 ? 4   G   A C5    1 
ATOM   80  C  C6    . G   A 1 4 ? -0.470  0.909   2.950   1.00 12.69 ? 4   G   A C6    1 
ATOM   81  O  O6    . G   A 1 4 ? 0.520   1.224   2.271   1.00 13.13 ? 4   G   A O6    1 
ATOM   82  N  N1    . G   A 1 4 ? -1.729  0.926   2.364   1.00 11.59 ? 4   G   A N1    1 
ATOM   83  C  C2    . G   A 1 4 ? -2.900  0.646   3.029   1.00 11.86 ? 4   G   A C2    1 
ATOM   84  N  N2    . G   A 1 4 ? -4.004  0.632   2.284   1.00 12.33 ? 4   G   A N2    1 
ATOM   85  N  N3    . G   A 1 4 ? -2.986  0.407   4.345   1.00 12.08 ? 4   G   A N3    1 
ATOM   86  C  C4    . G   A 1 4 ? -1.785  0.382   4.930   1.00 11.51 ? 4   G   A C4    1 
ATOM   87  P  P     A C   A 1 5 ? -1.896  -4.834  7.685   0.50 13.11 ? 5   C   A P     1 
ATOM   88  P  P     B C   A 1 5 ? -2.377  -4.758  7.961   0.50 16.42 ? 5   C   A P     1 
ATOM   89  O  OP1   A C   A 1 5 ? -2.236  -5.994  8.589   0.50 14.46 ? 5   C   A OP1   1 
ATOM   90  O  OP1   B C   A 1 5 ? -3.001  -5.785  8.842   0.50 17.27 ? 5   C   A OP1   1 
ATOM   91  O  OP2   A C   A 1 5 ? -0.570  -4.639  7.137   0.50 15.06 ? 5   C   A OP2   1 
ATOM   92  O  OP2   B C   A 1 5 ? -0.927  -4.980  7.714   0.50 18.80 ? 5   C   A OP2   1 
ATOM   93  O  "O5'" A C   A 1 5 ? -2.788  -4.858  6.366   0.50 12.54 ? 5   C   A "O5'" 1 
ATOM   94  O  "O5'" B C   A 1 5 ? -3.206  -4.671  6.587   0.50 17.28 ? 5   C   A "O5'" 1 
ATOM   95  C  "C5'" A C   A 1 5 ? -4.178  -4.938  6.508   0.50 15.42 ? 5   C   A "C5'" 1 
ATOM   96  C  "C5'" B C   A 1 5 ? -4.649  -4.667  6.575   0.50 15.06 ? 5   C   A "C5'" 1 
ATOM   97  C  "C4'" A C   A 1 5 ? -4.738  -4.826  5.123   0.50 13.73 ? 5   C   A "C4'" 1 
ATOM   98  C  "C4'" B C   A 1 5 ? -5.240  -4.598  5.189   0.50 16.55 ? 5   C   A "C4'" 1 
ATOM   99  O  "O4'" A C   A 1 5 ? -4.339  -3.506  4.713   0.50 15.59 ? 5   C   A "O4'" 1 
ATOM   100 O  "O4'" B C   A 1 5 ? -4.908  -3.312  4.642   0.50 13.71 ? 5   C   A "O4'" 1 
ATOM   101 C  "C3'" A C   A 1 5 ? -4.135  -5.661  4.000   0.50 16.89 ? 5   C   A "C3'" 1 
ATOM   102 C  "C3'" B C   A 1 5 ? -4.792  -5.570  4.117   0.50 13.69 ? 5   C   A "C3'" 1 
ATOM   103 O  "O3'" A C   A 1 5 ? -4.651  -6.965  4.027   0.50 16.56 ? 5   C   A "O3'" 1 
ATOM   104 O  "O3'" B C   A 1 5 ? -5.499  -6.777  4.349   0.50 16.30 ? 5   C   A "O3'" 1 
ATOM   105 C  "C2'" A C   A 1 5 ? -4.608  -4.861  2.807   0.50 15.35 ? 5   C   A "C2'" 1 
ATOM   106 C  "C2'" B C   A 1 5 ? -5.203  -4.835  2.865   0.50 13.65 ? 5   C   A "C2'" 1 
ATOM   107 O  "O2'" A C   A 1 5 ? -5.987  -4.861  2.593   0.50 16.64 ? 5   C   A "O2'" 1 
ATOM   108 O  "O2'" B C   A 1 5 ? -6.580  -5.033  2.699   0.50 16.82 ? 5   C   A "O2'" 1 
ATOM   109 C  "C1'" A C   A 1 5 ? -4.342  -3.430  3.295   0.50 15.19 ? 5   C   A "C1'" 1 
ATOM   110 C  "C1'" B C   A 1 5 ? -4.832  -3.394  3.226   0.50 14.12 ? 5   C   A "C1'" 1 
ATOM   111 N  N1    A C   A 1 5 ? -3.017  -3.011  2.840   0.50 12.02 ? 5   C   A N1    1 
ATOM   112 N  N1    B C   A 1 5 ? -3.456  -3.054  2.834   0.50 13.47 ? 5   C   A N1    1 
ATOM   113 C  C2    A C   A 1 5 ? -2.873  -2.613  1.514   0.50 13.26 ? 5   C   A C2    1 
ATOM   114 C  C2    B C   A 1 5 ? -3.244  -2.675  1.518   0.50 12.38 ? 5   C   A C2    1 
ATOM   115 O  O2    A C   A 1 5 ? -3.860  -2.619  0.773   0.50 16.04 ? 5   C   A O2    1 
ATOM   116 O  O2    B C   A 1 5 ? -4.200  -2.660  0.745   0.50 11.86 ? 5   C   A O2    1 
ATOM   117 N  N3    A C   A 1 5 ? -1.663  -2.240  1.063   0.50 13.25 ? 5   C   A N3    1 
ATOM   118 N  N3    B C   A 1 5 ? -2.010  -2.279  1.134   0.50 12.27 ? 5   C   A N3    1 
ATOM   119 C  C4    A C   A 1 5 ? -0.625  -2.214  1.887   0.50 12.71 ? 5   C   A C4    1 
ATOM   120 C  C4    B C   A 1 5 ? -0.993  -2.342  1.988   0.50 11.68 ? 5   C   A C4    1 
ATOM   121 N  N4    A C   A 1 5 ? 0.555   -1.854  1.392   0.50 14.13 ? 5   C   A N4    1 
ATOM   122 N  N4    B C   A 1 5 ? 0.221   -2.009  1.541   0.50 12.13 ? 5   C   A N4    1 
ATOM   123 C  C5    A C   A 1 5 ? -0.727  -2.670  3.232   0.50 13.45 ? 5   C   A C5    1 
ATOM   124 C  C5    B C   A 1 5 ? -1.157  -2.845  3.309   0.50 10.63 ? 5   C   A C5    1 
ATOM   125 C  C6    A C   A 1 5 ? -1.939  -2.995  3.676   0.50 13.46 ? 5   C   A C6    1 
ATOM   126 C  C6    B C   A 1 5 ? -2.411  -3.110  3.707   0.50 14.24 ? 5   C   A C6    1 
ATOM   127 P  P     A U   A 1 6 ? -3.845  -8.205  3.270   0.50 16.09 ? 6   U   A P     1 
ATOM   128 P  P     B U   A 1 6 ? -5.006  -8.088  3.690   0.50 16.21 ? 6   U   A P     1 
ATOM   129 O  OP1   A U   A 1 6 ? -4.466  -9.447  3.741   0.50 18.01 ? 6   U   A OP1   1 
ATOM   130 O  OP1   B U   A 1 6 ? -5.943  -9.215  4.190   0.50 22.52 ? 6   U   A OP1   1 
ATOM   131 O  OP2   A U   A 1 6 ? -2.377  -8.067  3.540   0.50 19.91 ? 6   U   A OP2   1 
ATOM   132 O  OP2   B U   A 1 6 ? -3.542  -8.238  3.965   0.50 18.01 ? 6   U   A OP2   1 
ATOM   133 O  "O5'" A U   A 1 6 ? -4.052  -8.028  1.711   0.50 13.30 ? 6   U   A "O5'" 1 
ATOM   134 O  "O5'" B U   A 1 6 ? -5.242  -7.834  2.136   0.50 14.96 ? 6   U   A "O5'" 1 
ATOM   135 C  "C5'" A U   A 1 6 ? -5.283  -8.333  1.187   0.50 16.42 ? 6   U   A "C5'" 1 
ATOM   136 C  "C5'" B U   A 1 6 ? -4.440  -8.379  1.167   0.50 18.29 ? 6   U   A "C5'" 1 
ATOM   137 C  "C4'" A U   A 1 6 ? -5.241  -8.013  -0.276  0.50 11.89 ? 6   U   A "C4'" 1 
ATOM   138 C  "C4'" B U   A 1 6 ? -5.076  -8.036  -0.154  0.50 15.18 ? 6   U   A "C4'" 1 
ATOM   139 O  "O4'" A U   A 1 6 ? -4.824  -6.608  -0.423  0.50 12.66 ? 6   U   A "O4'" 1 
ATOM   140 O  "O4'" B U   A 1 6 ? -4.950  -6.581  -0.442  0.50 13.42 ? 6   U   A "O4'" 1 
ATOM   141 C  "C3'" . U   A 1 6 ? -4.268  -8.683  -1.210  1.00 12.00 ? 6   U   A "C3'" 1 
ATOM   142 O  "O3'" . U   A 1 6 ? -4.761  -10.035 -1.457  1.00 11.63 ? 6   U   A "O3'" 1 
ATOM   143 C  "C2'" . U   A 1 6 ? -4.399  -7.735  -2.413  1.00 9.71  ? 6   U   A "C2'" 1 
ATOM   144 O  "O2'" . U   A 1 6 ? -5.687  -7.914  -2.981  1.00 10.60 ? 6   U   A "O2'" 1 
ATOM   145 C  "C1'" . U   A 1 6 ? -4.321  -6.423  -1.714  1.00 10.90 ? 6   U   A "C1'" 1 
ATOM   146 N  N1    . U   A 1 6 ? -2.942  -5.946  -1.534  1.00 9.69  ? 6   U   A N1    1 
ATOM   147 C  C2    . U   A 1 6 ? -2.292  -5.474  -2.687  1.00 9.84  ? 6   U   A C2    1 
ATOM   148 O  O2    . U   A 1 6 ? -2.787  -5.552  -3.786  1.00 9.76  ? 6   U   A O2    1 
ATOM   149 N  N3    . U   A 1 6 ? -1.004  -4.966  -2.460  1.00 9.08  ? 6   U   A N3    1 
ATOM   150 C  C4    . U   A 1 6 ? -0.367  -4.861  -1.290  1.00 10.95 ? 6   U   A C4    1 
ATOM   151 O  O4    . U   A 1 6 ? 0.768   -4.371  -1.240  1.00 11.52 ? 6   U   A O4    1 
ATOM   152 C  C5    . U   A 1 6 ? -1.086  -5.362  -0.153  1.00 11.11 ? 6   U   A C5    1 
ATOM   153 C  C6    . U   A 1 6 ? -2.342  -5.857  -0.324  1.00 11.08 ? 6   U   A C6    1 
ATOM   154 P  P     . G   A 1 7 ? -3.766  -11.110 -2.057  1.00 13.29 ? 7   G   A P     1 
ATOM   155 O  OP1   . G   A 1 7 ? -4.578  -12.347 -2.076  1.00 16.48 ? 7   G   A OP1   1 
ATOM   156 O  OP2   . G   A 1 7 ? -2.497  -11.071 -1.313  1.00 17.56 ? 7   G   A OP2   1 
ATOM   157 O  "O5'" . G   A 1 7 ? -3.446  -10.625 -3.546  1.00 12.35 ? 7   G   A "O5'" 1 
ATOM   158 C  "C5'" . G   A 1 7 ? -4.484  -10.678 -4.552  1.00 12.12 ? 7   G   A "C5'" 1 
ATOM   159 C  "C4'" . G   A 1 7 ? -3.897  -10.200 -5.864  1.00 11.38 ? 7   G   A "C4'" 1 
ATOM   160 O  "O4'" . G   A 1 7 ? -3.542  -8.796  -5.739  1.00 12.27 ? 7   G   A "O4'" 1 
ATOM   161 C  "C3'" . G   A 1 7 ? -2.624  -10.813 -6.381  1.00 10.48 ? 7   G   A "C3'" 1 
ATOM   162 O  "O3'" . G   A 1 7 ? -2.899  -12.123 -6.888  1.00 10.46 ? 7   G   A "O3'" 1 
ATOM   163 C  "C2'" . G   A 1 7 ? -2.239  -9.764  -7.407  1.00 10.69 ? 7   G   A "C2'" 1 
ATOM   164 O  "O2'" . G   A 1 7 ? -3.075  -9.842  -8.517  1.00 12.16 ? 7   G   A "O2'" 1 
ATOM   165 C  "C1'" . G   A 1 7 ? -2.459  -8.481  -6.602  1.00 10.73 ? 7   G   A "C1'" 1 
ATOM   166 N  N9    . G   A 1 7 ? -1.303  -8.172  -5.784  1.00 10.83 ? 7   G   A N9    1 
ATOM   167 C  C8    . G   A 1 7 ? -1.099  -8.289  -4.451  1.00 11.31 ? 7   G   A C8    1 
ATOM   168 N  N7    . G   A 1 7 ? 0.079   -7.885  -4.062  1.00 10.58 ? 7   G   A N7    1 
ATOM   169 C  C5    . G   A 1 7 ? 0.672   -7.413  -5.240  1.00 9.91  ? 7   G   A C5    1 
ATOM   170 C  C6    . G   A 1 7 ? 1.966   -6.842  -5.460  1.00 8.89  ? 7   G   A C6    1 
ATOM   171 O  O6    . G   A 1 7 ? 2.814   -6.599  -4.624  1.00 9.77  ? 7   G   A O6    1 
ATOM   172 N  N1    . G   A 1 7 ? 2.178   -6.590  -6.803  1.00 8.62  ? 7   G   A N1    1 
ATOM   173 C  C2    . G   A 1 7 ? 1.294   -6.785  -7.801  1.00 9.21  ? 7   G   A C2    1 
ATOM   174 N  N2    . G   A 1 7 ? 1.630   -6.481  -9.033  1.00 9.78  ? 7   G   A N2    1 
ATOM   175 N  N3    . G   A 1 7 ? 0.064   -7.294  -7.591  1.00 10.39 ? 7   G   A N3    1 
ATOM   176 C  C4    . G   A 1 7 ? -0.149  -7.565  -6.299  1.00 9.54  ? 7   G   A C4    1 
ATOM   177 P  P     . C   A 1 8 ? -1.684  -13.172 -7.000  1.00 10.75 ? 8   C   A P     1 
ATOM   178 O  OP1   . C   A 1 8 ? -2.279  -14.410 -7.527  1.00 12.90 ? 8   C   A OP1   1 
ATOM   179 O  OP2   . C   A 1 8 ? -0.958  -13.198 -5.778  1.00 12.12 ? 8   C   A OP2   1 
ATOM   180 O  "O5'" . C   A 1 8 ? -0.679  -12.531 -8.058  1.00 10.16 ? 8   C   A "O5'" 1 
ATOM   181 C  "C5'" . C   A 1 8 ? -1.183  -12.378 -9.396  1.00 11.32 ? 8   C   A "C5'" 1 
ATOM   182 C  "C4'" . C   A 1 8 ? -0.112  -11.767 -10.272 1.00 10.86 ? 8   C   A "C4'" 1 
ATOM   183 O  "O4'" . C   A 1 8 ? 0.266   -10.434 -9.809  1.00 10.42 ? 8   C   A "O4'" 1 
ATOM   184 C  "C3'" . C   A 1 8 ? 1.207   -12.476 -10.358 1.00 10.18 ? 8   C   A "C3'" 1 
ATOM   185 O  "O3'" . C   A 1 8 ? 1.187   -13.689 -11.077 1.00 11.59 ? 8   C   A "O3'" 1 
ATOM   186 C  "C2'" . C   A 1 8 ? 2.104   -11.371 -10.950 1.00 10.32 ? 8   C   A "C2'" 1 
ATOM   187 O  "O2'" . C   A 1 8 ? 1.853   -11.235 -12.339 1.00 12.97 ? 8   C   A "O2'" 1 
ATOM   188 C  "C1'" . C   A 1 8 ? 1.601   -10.156 -10.206 1.00 10.61 ? 8   C   A "C1'" 1 
ATOM   189 N  N1    . C   A 1 8 ? 2.400   -9.893  -8.993  1.00 9.71  ? 8   C   A N1    1 
ATOM   190 C  C2    . C   A 1 8 ? 3.661   -9.283  -9.190  1.00 9.25  ? 8   C   A C2    1 
ATOM   191 O  O2    . C   A 1 8 ? 3.978   -9.031  -10.371 1.00 10.29 ? 8   C   A O2    1 
ATOM   192 N  N3    . C   A 1 8 ? 4.424   -9.025  -8.128  1.00 9.41  ? 8   C   A N3    1 
ATOM   193 C  C4    . C   A 1 8 ? 4.010   -9.319  -6.909  1.00 9.40  ? 8   C   A C4    1 
ATOM   194 N  N4    . C   A 1 8 ? 4.785   -8.982  -5.877  1.00 10.25 ? 8   C   A N4    1 
ATOM   195 C  C5    . C   A 1 8 ? 2.747   -9.976  -6.669  1.00 9.33  ? 8   C   A C5    1 
ATOM   196 C  C6    . C   A 1 8 ? 1.993   -10.261 -7.726  1.00 9.53  ? 8   C   A C6    1 
HETATM 197 C  "C8'" . GPN B 2 1 ? 11.127  -5.375  -10.381 1.00 11.01 ? 101 GPN B "C8'" 1 
HETATM 198 C  "C7'" . GPN B 2 1 ? 10.487  -3.992  -10.584 1.00 9.69  ? 101 GPN B "C7'" 1 
HETATM 199 O  "O7'" . GPN B 2 1 ? 9.526   -3.667  -9.924  1.00 9.79  ? 101 GPN B "O7'" 1 
HETATM 200 C  "C5'" . GPN B 2 1 ? 10.451  -1.816  -11.648 1.00 10.76 ? 101 GPN B "C5'" 1 
HETATM 201 C  C     . GPN B 2 1 ? 9.268   -1.625  -12.506 1.00 9.77  ? 101 GPN B C     1 
HETATM 202 O  O     . GPN B 2 1 ? 8.838   -0.468  -12.659 1.00 11.28 ? 101 GPN B O     1 
HETATM 203 N  "N4'" . GPN B 2 1 ? 10.992  -3.213  -11.561 1.00 10.45 ? 101 GPN B "N4'" 1 
HETATM 204 C  "C3'" . GPN B 2 1 ? 12.031  -3.586  -12.534 1.00 12.50 ? 101 GPN B "C3'" 1 
HETATM 205 C  "C2'" . GPN B 2 1 ? 13.345  -3.199  -12.003 1.00 14.53 ? 101 GPN B "C2'" 1 
HETATM 206 N  N     . GPN B 2 1 ? 14.388  -3.474  -12.980 1.00 15.14 ? 101 GPN B N     1 
HETATM 207 N  N9    . GPN B 2 1 ? 10.508  -6.036  -9.247  1.00 10.59 ? 101 GPN B N9    1 
HETATM 208 C  C8    . GPN B 2 1 ? 10.869  -5.856  -7.940  1.00 11.18 ? 101 GPN B C8    1 
HETATM 209 N  N7    . GPN B 2 1 ? 10.046  -6.378  -7.093  1.00 11.35 ? 101 GPN B N7    1 
HETATM 210 C  C5    . GPN B 2 1 ? 8.974   -6.817  -7.909  1.00 10.28 ? 101 GPN B C5    1 
HETATM 211 C  C6    . GPN B 2 1 ? 7.737   -7.470  -7.553  1.00 10.17 ? 101 GPN B C6    1 
HETATM 212 O  O6    . GPN B 2 1 ? 7.311   -7.699  -6.391  1.00 10.34 ? 101 GPN B O6    1 
HETATM 213 N  N1    . GPN B 2 1 ? 7.021   -7.762  -8.675  1.00 8.76  ? 101 GPN B N1    1 
HETATM 214 C  C2    . GPN B 2 1 ? 7.342   -7.502  -9.961  1.00 8.79  ? 101 GPN B C2    1 
HETATM 215 N  N2    . GPN B 2 1 ? 6.523   -7.825  -10.916 1.00 9.28  ? 101 GPN B N2    1 
HETATM 216 N  N3    . GPN B 2 1 ? 8.487   -6.884  -10.289 1.00 9.53  ? 101 GPN B N3    1 
HETATM 217 C  C4    . GPN B 2 1 ? 9.253   -6.605  -9.222  1.00 9.49  ? 101 GPN B C4    1 
HETATM 218 C  "C8'" . CPN B 2 2 ? 6.385   -4.132  -10.500 1.00 8.57  ? 102 CPN B "C8'" 1 
HETATM 219 C  "C7'" . CPN B 2 2 ? 5.534   -2.959  -10.976 1.00 8.51  ? 102 CPN B "C7'" 1 
HETATM 220 O  "O7'" . CPN B 2 2 ? 4.837   -2.344  -10.220 1.00 9.38  ? 102 CPN B "O7'" 1 
HETATM 221 C  "C5'" . CPN B 2 2 ? 4.705   -1.553  -12.720 1.00 9.46  ? 102 CPN B "C5'" 1 
HETATM 222 C  C     . CPN B 2 2 ? 3.260   -2.087  -12.868 1.00 9.32  ? 102 CPN B C     1 
HETATM 223 O  O     . CPN B 2 2 ? 3.047   -3.307  -12.993 1.00 10.58 ? 102 CPN B O     1 
HETATM 224 N  "N4'" . CPN B 2 2 ? 5.610   -2.651  -12.304 1.00 8.55  ? 102 CPN B "N4'" 1 
HETATM 225 C  "C3'" . CPN B 2 2 ? 6.311   -3.380  -13.339 1.00 8.97  ? 102 CPN B "C3'" 1 
HETATM 226 C  "C2'" . CPN B 2 2 ? 7.523   -2.633  -13.905 1.00 10.25 ? 102 CPN B "C2'" 1 
HETATM 227 N  N     . CPN B 2 2 ? 8.651   -2.691  -13.013 1.00 9.44  ? 102 CPN B N     1 
HETATM 228 N  N1    . CPN B 2 2 ? 6.161   -4.398  -9.096  1.00 8.57  ? 102 CPN B N1    1 
HETATM 229 C  C2    . CPN B 2 2 ? 4.939   -5.111  -8.744  1.00 8.63  ? 102 CPN B C2    1 
HETATM 230 N  N3    . CPN B 2 2 ? 4.709   -5.300  -7.439  1.00 8.16  ? 102 CPN B N3    1 
HETATM 231 C  C4    . CPN B 2 2 ? 5.501   -4.858  -6.509  1.00 8.47  ? 102 CPN B C4    1 
HETATM 232 C  C5    . CPN B 2 2 ? 6.693   -4.070  -6.827  1.00 9.50  ? 102 CPN B C5    1 
HETATM 233 C  C6    . CPN B 2 2 ? 6.940   -3.913  -8.123  1.00 8.98  ? 102 CPN B C6    1 
HETATM 234 O  O2    . CPN B 2 2 ? 4.222   -5.500  -9.660  1.00 9.14  ? 102 CPN B O2    1 
HETATM 235 N  N4    . CPN B 2 2 ? 5.254   -5.100  -5.242  1.00 9.74  ? 102 CPN B N4    1 
HETATM 236 C  "C8'" . APN B 2 3 ? 1.726   -2.556  -9.488  1.00 8.32  ? 103 APN B "C8'" 1 
HETATM 237 C  "C7'" . APN B 2 3 ? 0.794   -1.340  -9.657  1.00 8.42  ? 103 APN B "C7'" 1 
HETATM 238 O  "O7'" . APN B 2 3 ? 0.643   -0.598  -8.677  1.00 9.45  ? 103 APN B "O7'" 1 
HETATM 239 C  "C5'" . APN B 2 3 ? -0.563  0.132   -10.983 1.00 9.75  ? 103 APN B "C5'" 1 
HETATM 240 C  C     . APN B 2 3 ? -1.957  0.032   -10.558 1.00 10.35 ? 103 APN B C     1 
HETATM 241 O  O     . APN B 2 3 ? -2.653  1.065   -10.675 1.00 12.33 ? 103 APN B O     1 
HETATM 242 N  "N4'" . APN B 2 3 ? 0.208   -1.129  -10.821 1.00 8.52  ? 103 APN B "N4'" 1 
HETATM 243 C  "C3'" . APN B 2 3 ? 0.196   -2.031  -11.972 1.00 9.56  ? 103 APN B "C3'" 1 
HETATM 244 C  "C2'" . APN B 2 3 ? 0.950   -1.490  -13.156 1.00 9.39  ? 103 APN B "C2'" 1 
HETATM 245 N  N     . APN B 2 3 ? 2.283   -1.199  -12.925 1.00 8.79  ? 103 APN B N     1 
HETATM 246 N  N9    . APN B 2 3 ? 2.132   -2.686  -8.140  1.00 8.36  ? 103 APN B N9    1 
HETATM 247 C  C8    . APN B 2 3 ? 3.248   -2.171  -7.532  1.00 8.67  ? 103 APN B C8    1 
HETATM 248 N  N7    . APN B 2 3 ? 3.352   -2.346  -6.266  1.00 9.14  ? 103 APN B N7    1 
HETATM 249 C  C5    . APN B 2 3 ? 2.165   -3.036  -5.971  1.00 8.45  ? 103 APN B C5    1 
HETATM 250 C  C6    . APN B 2 3 ? 1.648   -3.482  -4.749  1.00 9.03  ? 103 APN B C6    1 
HETATM 251 N  N6    . APN B 2 3 ? 2.228   -3.386  -3.581  1.00 9.72  ? 103 APN B N6    1 
HETATM 252 N  N1    . APN B 2 3 ? 0.383   -4.081  -4.805  1.00 8.75  ? 103 APN B N1    1 
HETATM 253 C  C2    . APN B 2 3 ? -0.215  -4.191  -5.954  1.00 8.70  ? 103 APN B C2    1 
HETATM 254 N  N3    . APN B 2 3 ? 0.193   -3.811  -7.187  1.00 8.70  ? 103 APN B N3    1 
HETATM 255 C  C4    . APN B 2 3 ? 1.429   -3.220  -7.087  1.00 8.30  ? 103 APN B C4    1 
HETATM 256 C  "C8'" A GPN B 2 4 ? -1.954  -1.157  -6.567  0.50 9.70  ? 104 GPN B "C8'" 1 
HETATM 257 C  "C8'" B GPN B 2 4 ? -1.925  -1.234  -6.822  0.50 9.82  ? 104 GPN B "C8'" 1 
HETATM 258 C  "C7'" A GPN B 2 4 ? -2.899  -0.009  -6.803  0.50 10.14 ? 104 GPN B "C7'" 1 
HETATM 259 C  "C7'" B GPN B 2 4 ? -2.993  -0.141  -6.884  0.50 11.38 ? 104 GPN B "C7'" 1 
HETATM 260 O  "O7'" A GPN B 2 4 ? -2.822  0.963   -6.144  0.50 10.06 ? 104 GPN B "O7'" 1 
HETATM 261 O  "O7'" B GPN B 2 4 ? -2.897  0.800   -6.107  0.50 13.67 ? 104 GPN B "O7'" 1 
HETATM 262 C  "C5'" A GPN B 2 4 ? -4.908  0.805   -7.706  0.50 11.84 ? 104 GPN B "C5'" 1 
HETATM 263 C  "C5'" B GPN B 2 4 ? -4.964  0.825   -7.981  0.50 13.89 ? 104 GPN B "C5'" 1 
HETATM 264 C  C     A GPN B 2 4 ? -5.830  0.672   -6.468  0.50 10.32 ? 104 GPN B C     1 
HETATM 265 C  C     B GPN B 2 4 ? -5.967  0.911   -6.841  0.50 14.35 ? 104 GPN B C     1 
HETATM 266 O  O     A GPN B 2 4 ? -6.097  -0.456  -6.026  0.50 10.63 ? 104 GPN B O     1 
HETATM 267 O  O     B GPN B 2 4 ? -6.222  -0.071  -6.151  0.50 15.58 ? 104 GPN B O     1 
HETATM 268 N  "N4'" A GPN B 2 4 ? -3.908  -0.218  -7.697  0.50 11.09 ? 104 GPN B "N4'" 1 
HETATM 269 N  "N4'" B GPN B 2 4 ? -4.038  -0.259  -7.753  0.50 12.18 ? 104 GPN B "N4'" 1 
HETATM 270 C  "C3'" A GPN B 2 4 ? -4.226  -1.435  -8.513  0.50 12.03 ? 104 GPN B "C3'" 1 
HETATM 271 C  "C3'" B GPN B 2 4 ? -4.265  -1.517  -8.453  0.50 12.71 ? 104 GPN B "C3'" 1 
HETATM 272 C  "C2'" A GPN B 2 4 ? -3.926  -1.282  -10.001 0.50 11.47 ? 104 GPN B "C2'" 1 
HETATM 273 C  "C2'" B GPN B 2 4 ? -3.932  -1.309  -9.919  0.50 11.98 ? 104 GPN B "C2'" 1 
HETATM 274 N  N     . GPN B 2 4 ? -2.521  -1.117  -10.197 1.00 10.33 ? 104 GPN B N     1 
HETATM 275 N  N9    A GPN B 2 4 ? -1.077  -0.965  -5.448  0.50 9.59  ? 104 GPN B N9    1 
HETATM 276 N  N9    B GPN B 2 4 ? -1.067  -1.053  -5.673  0.50 9.13  ? 104 GPN B N9    1 
HETATM 277 C  C8    A GPN B 2 4 ? 0.187   -0.419  -5.378  0.50 10.19 ? 104 GPN B C8    1 
HETATM 278 C  C8    B GPN B 2 4 ? 0.202   -0.522  -5.591  0.50 9.75  ? 104 GPN B C8    1 
HETATM 279 N  N7    A GPN B 2 4 ? 0.658   -0.420  -4.171  0.50 11.20 ? 104 GPN B N7    1 
HETATM 280 N  N7    B GPN B 2 4 ? 0.699   -0.454  -4.377  0.50 9.77  ? 104 GPN B N7    1 
HETATM 281 C  C5    A GPN B 2 4 ? -0.311  -0.973  -3.381  0.50 10.41 ? 104 GPN B C5    1 
HETATM 282 C  C5    B GPN B 2 4 ? -0.307  -1.003  -3.587  0.50 9.85  ? 104 GPN B C5    1 
HETATM 283 C  C6    A GPN B 2 4 ? -0.371  -1.186  -1.978  0.50 11.93 ? 104 GPN B C6    1 
HETATM 284 C  C6    B GPN B 2 4 ? -0.345  -1.230  -2.162  0.50 10.53 ? 104 GPN B C6    1 
HETATM 285 O  O6    A GPN B 2 4 ? 0.493   -0.989  -1.169  0.50 14.51 ? 104 GPN B O6    1 
HETATM 286 O  O6    B GPN B 2 4 ? 0.530   -0.956  -1.368  0.50 13.66 ? 104 GPN B O6    1 
HETATM 287 N  N1    A GPN B 2 4 ? -1.594  -1.724  -1.627  0.50 11.68 ? 104 GPN B N1    1 
HETATM 288 N  N1    B GPN B 2 4 ? -1.568  -1.721  -1.757  0.50 9.99  ? 104 GPN B N1    1 
HETATM 289 C  C2    A GPN B 2 4 ? -2.637  -2.021  -2.475  0.50 11.60 ? 104 GPN B C2    1 
HETATM 290 C  C2    B GPN B 2 4 ? -2.606  -2.053  -2.585  0.50 10.89 ? 104 GPN B C2    1 
HETATM 291 N  N2    A GPN B 2 4 ? -3.740  -2.569  -1.972  0.50 12.55 ? 104 GPN B N2    1 
HETATM 292 N  N2    B GPN B 2 4 ? -3.695  -2.589  -2.024  0.50 12.00 ? 104 GPN B N2    1 
HETATM 293 N  N3    A GPN B 2 4 ? -2.613  -1.828  -3.802  0.50 10.61 ? 104 GPN B N3    1 
HETATM 294 N  N3    B GPN B 2 4 ? -2.566  -1.879  -3.917  0.50 10.00 ? 104 GPN B N3    1 
HETATM 295 C  C4    A GPN B 2 4 ? -1.408  -1.294  -4.122  0.50 9.69  ? 104 GPN B C4    1 
HETATM 296 C  C4    B GPN B 2 4 ? -1.397  -1.339  -4.355  0.50 9.62  ? 104 GPN B C4    1 
HETATM 297 C  "C8'" A CPN B 2 5 ? -4.311  1.322   -3.142  0.50 12.37 ? 105 CPN B "C8'" 1 
HETATM 298 C  "C8'" B CPN B 2 5 ? -4.551  1.524   -3.177  0.50 12.57 ? 105 CPN B "C8'" 1 
HETATM 299 C  "C7'" A CPN B 2 5 ? -5.118  2.624   -2.904  0.50 11.33 ? 105 CPN B "C7'" 1 
HETATM 300 C  "C7'" B CPN B 2 5 ? -5.343  2.793   -3.068  0.50 12.58 ? 105 CPN B "C7'" 1 
HETATM 301 O  "O7'" A CPN B 2 5 ? -4.679  3.588   -2.282  0.50 10.74 ? 105 CPN B "O7'" 1 
HETATM 302 O  "O7'" B CPN B 2 5 ? -4.738  3.737   -2.624  0.50 16.90 ? 105 CPN B "O7'" 1 
HETATM 303 C  "C5'" A CPN B 2 5 ? -7.034  4.075   -3.367  0.50 14.91 ? 105 CPN B "C5'" 1 
HETATM 304 C  "C5'" B CPN B 2 5 ? -7.456  3.898   -3.072  0.50 15.92 ? 105 CPN B "C5'" 1 
HETATM 305 C  C     A CPN B 2 5 ? -7.583  4.528   -1.949  0.50 15.31 ? 105 CPN B C     1 
HETATM 306 C  C     B CPN B 2 5 ? -7.871  3.747   -1.637  0.50 15.57 ? 105 CPN B C     1 
HETATM 307 O  O     A CPN B 2 5 ? -8.015  5.667   -1.807  0.50 19.83 ? 105 CPN B O     1 
HETATM 308 O  O     B CPN B 2 5 ? -8.023  2.658   -1.128  0.50 14.83 ? 105 CPN B O     1 
HETATM 309 N  "N4'" A CPN B 2 5 ? -6.402  2.718   -3.367  0.50 12.00 ? 105 CPN B "N4'" 1 
HETATM 310 N  "N4'" B CPN B 2 5 ? -6.636  2.779   -3.440  0.50 14.89 ? 105 CPN B "N4'" 1 
HETATM 311 C  "C3'" A CPN B 2 5 ? -7.185  1.524   -3.810  0.50 13.11 ? 105 CPN B "C3'" 1 
HETATM 312 C  "C3'" B CPN B 2 5 ? -7.299  1.618   -4.122  0.50 15.28 ? 105 CPN B "C3'" 1 
HETATM 313 C  "C2'" A CPN B 2 5 ? -7.611  1.627   -5.302  0.50 14.00 ? 105 CPN B "C2'" 1 
HETATM 314 C  "C2'" B CPN B 2 5 ? -7.653  1.969   -5.579  0.50 14.94 ? 105 CPN B "C2'" 1 
HETATM 315 N  N     A CPN B 2 5 ? -6.552  1.768   -6.253  0.50 10.82 ? 105 CPN B N     1 
HETATM 316 N  N     B CPN B 2 5 ? -6.455  2.098   -6.491  0.50 18.04 ? 105 CPN B N     1 
HETATM 317 N  N1    A CPN B 2 5 ? -2.973  1.436   -2.525  0.50 11.00 ? 105 CPN B N1    1 
HETATM 318 N  N1    B CPN B 2 5 ? -3.265  1.651   -2.496  0.50 13.02 ? 105 CPN B N1    1 
HETATM 319 C  C2    A CPN B 2 5 ? -2.917  1.235   -1.162  0.50 11.01 ? 105 CPN B C2    1 
HETATM 320 C  C2    B CPN B 2 5 ? -3.155  1.444   -1.131  0.50 13.31 ? 105 CPN B C2    1 
HETATM 321 N  N3    A CPN B 2 5 ? -1.727  1.374   -0.520  0.50 10.78 ? 105 CPN B N3    1 
HETATM 322 N  N3    B CPN B 2 5 ? -1.960  1.574   -0.485  0.50 11.64 ? 105 CPN B N3    1 
HETATM 323 C  C4    A CPN B 2 5 ? -0.658  1.872   -1.169  0.50 11.81 ? 105 CPN B C4    1 
HETATM 324 C  C4    B CPN B 2 5 ? -0.943  2.080   -1.202  0.50 12.79 ? 105 CPN B C4    1 
HETATM 325 C  C5    A CPN B 2 5 ? -0.711  2.194   -2.537  0.50 12.66 ? 105 CPN B C5    1 
HETATM 326 C  C5    B CPN B 2 5 ? -1.028  2.376   -2.558  0.50 12.48 ? 105 CPN B C5    1 
HETATM 327 C  C6    A CPN B 2 5 ? -1.879  2.000   -3.219  0.50 12.54 ? 105 CPN B C6    1 
HETATM 328 C  C6    B CPN B 2 5 ? -2.212  2.201   -3.197  0.50 13.75 ? 105 CPN B C6    1 
HETATM 329 O  O2    A CPN B 2 5 ? -3.917  0.816   -0.548  0.50 11.57 ? 105 CPN B O2    1 
HETATM 330 O  O2    B CPN B 2 5 ? -4.136  1.072   -0.482  0.50 13.45 ? 105 CPN B O2    1 
HETATM 331 N  N4    A CPN B 2 5 ? 0.480   1.981   -0.445  0.50 11.31 ? 105 CPN B N4    1 
HETATM 332 N  N4    B CPN B 2 5 ? 0.221   2.210   -0.545  0.50 14.03 ? 105 CPN B N4    1 
HETATM 333 C  "C8'" A APN B 2 6 ? -4.834  4.074   1.053   0.50 14.03 ? 106 APN B "C8'" 1 
HETATM 334 C  "C8'" B APN B 2 6 ? -5.038  4.218   0.667   0.50 12.98 ? 106 APN B "C8'" 1 
HETATM 335 C  "C7'" A APN B 2 6 ? -5.458  5.395   1.324   0.50 13.40 ? 106 APN B "C7'" 1 
HETATM 336 C  "C7'" B APN B 2 6 ? -5.591  5.557   1.148   0.50 13.45 ? 106 APN B "C7'" 1 
HETATM 337 O  "O7'" A APN B 2 6 ? -4.849  6.429   1.427   0.50 13.36 ? 106 APN B "O7'" 1 
HETATM 338 O  "O7'" B APN B 2 6 ? -4.862  6.512   1.433   0.50 12.16 ? 106 APN B "O7'" 1 
HETATM 339 C  "C5'" A APN B 2 6 ? -7.526  6.661   1.593   0.50 15.92 ? 106 APN B "C5'" 1 
HETATM 340 C  "C5'" B APN B 2 6 ? -7.283  7.118   1.649   0.50 16.84 ? 106 APN B "C5'" 1 
HETATM 341 C  C     A APN B 2 6 ? -7.488  7.286   3.020   0.50 14.98 ? 106 APN B C     1 
HETATM 342 C  C     B APN B 2 6 ? -7.420  7.269   3.162   0.50 15.89 ? 106 APN B C     1 
HETATM 343 O  O     A APN B 2 6 ? -7.800  8.501   3.223   0.50 17.62 ? 106 APN B O     1 
HETATM 344 O  O     B APN B 2 6 ? -7.886  8.388   3.532   0.50 16.59 ? 106 APN B O     1 
HETATM 345 N  "N4'" A APN B 2 6 ? -6.786  5.379   1.453   0.50 18.53 ? 106 APN B "N4'" 1 
HETATM 346 N  "N4'" B APN B 2 6 ? -6.898  5.773   1.302   0.50 13.63 ? 106 APN B "N4'" 1 
HETATM 347 C  "C3'" A APN B 2 6 ? -7.548  4.107   1.489   0.50 17.68 ? 106 APN B "C3'" 1 
HETATM 348 C  "C3'" B APN B 2 6 ? -8.024  4.758   1.263   0.50 12.42 ? 106 APN B "C3'" 1 
HETATM 349 C  "C2'" A APN B 2 6 ? -8.427  3.946   0.258   0.50 17.75 ? 106 APN B "C2'" 1 
HETATM 350 C  "C2'" B APN B 2 6 ? -8.925  4.946   0.065   0.50 14.11 ? 106 APN B "C2'" 1 
HETATM 351 N  N     A APN B 2 6 ? -7.664  3.655   -0.950  0.50 16.16 ? 106 APN B N     1 
HETATM 352 N  N     B APN B 2 6 ? -8.231  4.940   -1.175  0.50 14.35 ? 106 APN B N     1 
HETATM 353 N  N9    A APN B 2 6 ? -3.402  4.243   0.948   0.50 12.86 ? 106 APN B N9    1 
HETATM 354 N  N9    B APN B 2 6 ? -3.570  4.301   0.746   0.50 12.05 ? 106 APN B N9    1 
HETATM 355 C  C8    A APN B 2 6 ? -2.636  4.653   -0.141  0.50 13.15 ? 106 APN B C8    1 
HETATM 356 C  C8    B APN B 2 6 ? -2.757  4.684   -0.311  0.50 12.28 ? 106 APN B C8    1 
HETATM 357 N  N7    A APN B 2 6 ? -1.357  4.753   0.232   0.50 11.29 ? 106 APN B N7    1 
HETATM 358 N  N7    B APN B 2 6 ? -1.476  4.791   0.108   0.50 12.28 ? 106 APN B N7    1 
HETATM 359 C  C5    A APN B 2 6 ? -1.322  4.428   1.556   0.50 11.04 ? 106 APN B C5    1 
HETATM 360 C  C5    B APN B 2 6 ? -1.434  4.463   1.425   0.50 11.14 ? 106 APN B C5    1 
HETATM 361 C  C6    A APN B 2 6 ? -0.275  4.360   2.490   0.50 11.92 ? 106 APN B C6    1 
HETATM 362 C  C6    B APN B 2 6 ? -0.382  4.370   2.390   0.50 11.09 ? 106 APN B C6    1 
HETATM 363 N  N6    A APN B 2 6 ? 0.976   4.644   2.142   0.50 12.69 ? 106 APN B N6    1 
HETATM 364 N  N6    B APN B 2 6 ? 0.937   4.604   2.155   0.50 12.56 ? 106 APN B N6    1 
HETATM 365 N  N1    A APN B 2 6 ? -0.582  4.101   3.764   0.50 11.43 ? 106 APN B N1    1 
HETATM 366 N  N1    B APN B 2 6 ? -0.723  4.085   3.652   0.50 11.75 ? 106 APN B N1    1 
HETATM 367 C  C2    A APN B 2 6 ? -1.865  3.841   4.098   0.50 12.59 ? 106 APN B C2    1 
HETATM 368 C  C2    B APN B 2 6 ? -2.029  3.894   3.955   0.50 11.42 ? 106 APN B C2    1 
HETATM 369 N  N3    A APN B 2 6 ? -2.914  3.872   3.286   0.50 12.35 ? 106 APN B N3    1 
HETATM 370 N  N3    B APN B 2 6 ? -3.072  3.910   3.128   0.50 11.95 ? 106 APN B N3    1 
HETATM 371 C  C4    A APN B 2 6 ? -2.645  4.144   2.022   0.50 11.56 ? 106 APN B C4    1 
HETATM 372 C  C4    B APN B 2 6 ? -2.800  4.188   1.844   0.50 11.73 ? 106 APN B C4    1 
HETATM 373 C  "C8'" . GPN B 2 7 ? -3.570  7.007   4.456   1.00 10.14 ? 107 GPN B "C8'" 1 
HETATM 374 C  "C7'" . GPN B 2 7 ? -4.184  8.329   4.871   1.00 9.43  ? 107 GPN B "C7'" 1 
HETATM 375 O  "O7'" . GPN B 2 7 ? -3.620  9.394   4.462   1.00 10.93 ? 107 GPN B "O7'" 1 
HETATM 376 C  "C5'" . GPN B 2 7 ? -5.891  9.606   5.826   1.00 11.31 ? 107 GPN B "C5'" 1 
HETATM 377 C  C     . GPN B 2 7 ? -5.315  10.416  6.958   1.00 10.17 ? 107 GPN B C     1 
HETATM 378 O  O     . GPN B 2 7 ? -5.681  11.608  7.081   1.00 11.79 ? 107 GPN B O     1 
HETATM 379 N  "N4'" A GPN B 2 7 ? -5.284  8.318   5.576   0.50 10.25 ? 107 GPN B "N4'" 1 
HETATM 380 N  "N4'" B GPN B 2 7 ? -5.292  8.325   5.575   0.50 10.32 ? 107 GPN B "N4'" 1 
HETATM 381 C  "C3'" A GPN B 2 7 ? -5.994  7.083   6.064   0.50 11.92 ? 107 GPN B "C3'" 1 
HETATM 382 C  "C3'" B GPN B 2 7 ? -5.862  7.088   6.144   0.50 10.99 ? 107 GPN B "C3'" 1 
HETATM 383 C  "C2'" A GPN B 2 7 ? -7.381  6.895   5.441   0.50 12.47 ? 107 GPN B "C2'" 1 
HETATM 384 C  "C2'" B GPN B 2 7 ? -7.174  6.634   5.494   0.50 12.86 ? 107 GPN B "C2'" 1 
HETATM 385 N  N     A GPN B 2 7 ? -7.113  6.534   4.051   0.50 11.78 ? 107 GPN B N     1 
HETATM 386 N  N     B GPN B 2 7 ? -7.056  6.323   4.024   0.50 14.49 ? 107 GPN B N     1 
HETATM 387 N  N9    . GPN B 2 7 ? -2.264  7.191   3.828   1.00 9.92  ? 107 GPN B N9    1 
HETATM 388 C  C8    . GPN B 2 7 ? -2.014  7.457   2.494   1.00 10.58 ? 107 GPN B C8    1 
HETATM 389 N  N7    . GPN B 2 7 ? -0.679  7.643   2.336   1.00 10.47 ? 107 GPN B N7    1 
HETATM 390 C  C5    . GPN B 2 7 ? -0.087  7.549   3.558   1.00 9.33  ? 107 GPN B C5    1 
HETATM 391 C  C6    . GPN B 2 7 ? 1.239   7.608   3.952   1.00 10.32 ? 107 GPN B C6    1 
HETATM 392 O  O6    . GPN B 2 7 ? 2.242   7.812   3.246   1.00 11.28 ? 107 GPN B O6    1 
HETATM 393 N  N1    . GPN B 2 7 ? 1.438   7.430   5.333   1.00 10.44 ? 107 GPN B N1    1 
HETATM 394 C  C2    . GPN B 2 7 ? 0.374   7.197   6.242   1.00 9.71  ? 107 GPN B C2    1 
HETATM 395 N  N2    . GPN B 2 7 ? 0.706   7.070   7.494   1.00 10.62 ? 107 GPN B N2    1 
HETATM 396 N  N3    . GPN B 2 7 ? -0.883  7.143   5.810   1.00 9.40  ? 107 GPN B N3    1 
HETATM 397 C  C4    . GPN B 2 7 ? -1.080  7.267   4.507   1.00 9.45  ? 107 GPN B C4    1 
HETATM 398 C  "C8'" . CPN B 2 8 ? -1.128  10.435  6.460   1.00 9.19  ? 108 CPN B "C8'" 1 
HETATM 399 C  "C7'" . CPN B 2 8 ? -1.444  11.783  7.042   1.00 8.65  ? 108 CPN B "C7'" 1 
HETATM 400 O  "O7'" . CPN B 2 8 ? -1.056  12.826  6.418   1.00 9.65  ? 108 CPN B "O7'" 1 
HETATM 401 C  "C5'" . CPN B 2 8 ? -2.484  13.211  8.634   1.00 10.38 ? 108 CPN B "C5'" 1 
HETATM 402 C  C     . CPN B 2 8 ? -1.378  13.853  9.425   1.00 11.54 ? 108 CPN B C     1 
HETATM 403 O  O     . CPN B 2 8 ? -0.398  13.181  9.774   1.00 11.78 ? 108 CPN B O     1 
HETATM 404 O  OXT   . CPN B 2 8 ? -1.491  15.112  9.703   1.00 16.58 ? 108 CPN B OXT   1 
HETATM 405 N  "N4'" . CPN B 2 8 ? -2.176  11.887  8.121   1.00 9.46  ? 108 CPN B "N4'" 1 
HETATM 406 C  "C3'" . CPN B 2 8 ? -2.539  10.762  9.009   1.00 9.89  ? 108 CPN B "C3'" 1 
HETATM 407 C  "C2'" . CPN B 2 8 ? -4.005  10.476  8.994   1.00 10.61 ? 108 CPN B "C2'" 1 
HETATM 408 N  N     . CPN B 2 8 ? -4.461  9.816   7.779   1.00 9.91  ? 108 CPN B N     1 
HETATM 409 N  N1    . CPN B 2 8 ? -0.174  10.620  5.332   1.00 9.34  ? 108 CPN B N1    1 
HETATM 410 C  C2    . CPN B 2 8 ? 1.190   10.703  5.641   1.00 9.57  ? 108 CPN B C2    1 
HETATM 411 N  N3    . CPN B 2 8 ? 2.065   10.867  4.597   1.00 9.55  ? 108 CPN B N3    1 
HETATM 412 C  C4    . CPN B 2 8 ? 1.585   11.004  3.338   1.00 10.44 ? 108 CPN B C4    1 
HETATM 413 C  C5    . CPN B 2 8 ? 0.197   11.047  3.058   1.00 10.91 ? 108 CPN B C5    1 
HETATM 414 C  C6    . CPN B 2 8 ? -0.655  10.776  4.103   1.00 10.39 ? 108 CPN B C6    1 
HETATM 415 O  O2    . CPN B 2 8 ? 1.556   10.646  6.791   1.00 9.83  ? 108 CPN B O2    1 
HETATM 416 N  N4    . CPN B 2 8 ? 2.489   11.111  2.372   1.00 11.58 ? 108 CPN B N4    1 
HETATM 417 CL CL    A CL  C 3 . ? 2.401   10.020  11.791  0.50 21.15 ? 101 CL  A CL    1 
HETATM 418 CL CL    B CL  C 3 . ? 2.570   9.479   11.154  0.50 18.35 ? 101 CL  A CL    1 
HETATM 419 CL CL    . CL  D 3 . ? -10.248 5.187   4.527   0.50 33.90 ? 201 CL  B CL    1 
HETATM 420 O  O     . HOH E 4 . ? -4.234  -7.921  8.618   1.00 26.48 ? 201 HOH A O     1 
HETATM 421 O  O     . HOH E 4 . ? -0.038  -11.133 -1.854  0.50 20.65 ? 202 HOH A O     1 
HETATM 422 O  O     . HOH E 4 . ? 3.068   0.871   2.251   1.00 35.26 ? 203 HOH A O     1 
HETATM 423 O  O     . HOH E 4 . ? -8.363  -6.408  3.959   0.50 29.55 ? 204 HOH A O     1 
HETATM 424 O  O     . HOH E 4 . ? -7.488  -4.908  0.278   1.00 21.68 ? 205 HOH A O     1 
HETATM 425 O  O     A HOH E 4 . ? 2.594   7.258   10.888  0.50 14.42 ? 206 HOH A O     1 
HETATM 426 O  O     B HOH E 4 . ? 2.284   6.376   11.966  0.30 13.26 ? 206 HOH A O     1 
HETATM 427 O  O     . HOH E 4 . ? -7.196  -12.170 -2.018  1.00 15.89 ? 207 HOH A O     1 
HETATM 428 O  O     . HOH E 4 . ? 3.415   -6.902  -2.070  1.00 27.46 ? 208 HOH A O     1 
HETATM 429 O  O     . HOH E 4 . ? 5.045   3.634   3.041   1.00 38.06 ? 209 HOH A O     1 
HETATM 430 O  O     . HOH E 4 . ? -2.660  2.957   10.415  1.00 10.89 ? 210 HOH A O     1 
HETATM 431 O  O     . HOH E 4 . ? -0.899  -8.067  9.558   1.00 39.51 ? 211 HOH A O     1 
HETATM 432 O  O     . HOH E 4 . ? 6.226   -0.968  12.074  1.00 31.61 ? 212 HOH A O     1 
HETATM 433 O  O     . HOH E 4 . ? 5.795   9.034   0.810   1.00 24.70 ? 213 HOH A O     1 
HETATM 434 O  O     . HOH E 4 . ? 12.397  9.728   10.249  1.00 33.09 ? 214 HOH A O     1 
HETATM 435 O  O     . HOH E 4 . ? -0.050  -13.762 -13.449 1.00 32.86 ? 215 HOH A O     1 
HETATM 436 O  O     . HOH E 4 . ? -3.634  -14.830 -1.748  1.00 22.87 ? 216 HOH A O     1 
HETATM 437 O  O     . HOH E 4 . ? -1.731  -8.031  -9.964  1.00 30.25 ? 217 HOH A O     1 
HETATM 438 O  O     . HOH E 4 . ? 2.538   -4.580  0.768   1.00 32.29 ? 218 HOH A O     1 
HETATM 439 O  O     . HOH E 4 . ? 0.134   -6.033  4.944   1.00 33.26 ? 219 HOH A O     1 
HETATM 440 O  O     . HOH E 4 . ? 5.334   -2.232  9.349   1.00 41.03 ? 220 HOH A O     1 
HETATM 441 O  O     . HOH E 4 . ? 2.609   -4.722  10.780  1.00 22.63 ? 221 HOH A O     1 
HETATM 442 O  O     . HOH E 4 . ? 8.758   3.568   5.235   0.50 26.74 ? 222 HOH A O     1 
HETATM 443 O  O     . HOH E 4 . ? -1.488  -14.514 -3.471  1.00 32.59 ? 223 HOH A O     1 
HETATM 444 O  O     . HOH E 4 . ? 11.085  2.391   10.044  0.50 30.66 ? 224 HOH A O     1 
HETATM 445 O  O     . HOH E 4 . ? 3.837   -12.440 -13.779 1.00 21.89 ? 225 HOH A O     1 
HETATM 446 O  O     . HOH E 4 . ? -4.261  -5.105  -6.066  1.00 14.37 ? 226 HOH A O     1 
HETATM 447 O  O     B HOH E 4 . ? -1.544  -6.731  2.816   0.50 22.85 ? 227 HOH A O     1 
HETATM 448 O  O     . HOH E 4 . ? 6.800   3.222   6.553   1.00 37.66 ? 228 HOH A O     1 
HETATM 449 O  O     . HOH E 4 . ? -2.926  4.529   8.157   1.00 13.18 ? 229 HOH A O     1 
HETATM 450 O  O     . HOH E 4 . ? 0.628   -11.233 -4.664  1.00 21.34 ? 230 HOH A O     1 
HETATM 451 O  O     . HOH E 4 . ? 0.901   -8.180  -1.444  1.00 25.88 ? 231 HOH A O     1 
HETATM 452 O  O     . HOH E 4 . ? -1.925  -16.000 -9.771  1.00 19.53 ? 232 HOH A O     1 
HETATM 453 O  O     . HOH E 4 . ? 8.623   9.091   1.106   0.80 37.53 ? 233 HOH A O     1 
HETATM 454 O  O     . HOH E 4 . ? 2.586   -15.269 -9.248  1.00 11.77 ? 234 HOH A O     1 
HETATM 455 O  O     . HOH E 4 . ? 1.507   -2.848  6.567   1.00 32.98 ? 235 HOH A O     1 
HETATM 456 O  O     . HOH E 4 . ? 4.514   0.488   7.671   0.80 24.36 ? 236 HOH A O     1 
HETATM 457 O  O     . HOH E 4 . ? 13.055  6.421   10.647  1.00 38.95 ? 237 HOH A O     1 
HETATM 458 O  O     . HOH E 4 . ? -6.763  -1.495  0.963   0.80 22.43 ? 238 HOH A O     1 
HETATM 459 O  O     . HOH E 4 . ? -0.333  1.104   13.510  1.00 15.07 ? 239 HOH A O     1 
HETATM 460 O  O     . HOH E 4 . ? 3.288   0.739   5.068   1.00 23.81 ? 240 HOH A O     1 
HETATM 461 O  O     . HOH E 4 . ? 9.723   6.340   4.204   0.50 30.12 ? 241 HOH A O     1 
HETATM 462 O  O     A HOH E 4 . ? -5.546  -0.383  5.420   0.50 18.10 ? 242 HOH A O     1 
HETATM 463 O  O     B HOH E 4 . ? -6.543  -0.927  6.263   0.50 21.44 ? 242 HOH A O     1 
HETATM 464 O  O     . HOH E 4 . ? -0.094  -9.261  -13.066 1.00 33.83 ? 243 HOH A O     1 
HETATM 465 O  O     . HOH E 4 . ? -7.914  -9.737  -2.864  1.00 17.46 ? 244 HOH A O     1 
HETATM 466 O  O     . HOH E 4 . ? 0.328   -1.539  13.667  1.00 22.24 ? 245 HOH A O     1 
HETATM 467 O  O     . HOH E 4 . ? -4.583  -12.057 2.465   1.00 37.38 ? 246 HOH A O     1 
HETATM 468 O  O     . HOH E 4 . ? 5.642   4.918   14.171  1.00 31.39 ? 247 HOH A O     1 
HETATM 469 O  O     . HOH E 4 . ? 4.058   -9.792  -3.148  1.00 24.77 ? 248 HOH A O     1 
HETATM 470 O  O     . HOH E 4 . ? 2.824   -8.229  -12.984 1.00 31.03 ? 249 HOH A O     1 
HETATM 471 O  O     . HOH E 4 . ? 5.310   -10.751 -12.422 0.50 23.55 ? 250 HOH A O     1 
HETATM 472 O  O     . HOH E 4 . ? 3.902   -1.510  13.292  1.00 27.19 ? 251 HOH A O     1 
HETATM 473 O  O     . HOH E 4 . ? -3.175  -9.531  6.651   0.50 36.43 ? 252 HOH A O     1 
HETATM 474 O  O     . HOH E 4 . ? 7.251   6.546   2.376   1.00 32.72 ? 253 HOH A O     1 
HETATM 475 O  O     . HOH E 4 . ? 2.427   -2.166  3.836   1.00 27.95 ? 254 HOH A O     1 
HETATM 476 O  O     . HOH E 4 . ? -5.949  -8.858  -9.297  1.00 23.53 ? 255 HOH A O     1 
HETATM 477 O  O     . HOH E 4 . ? -8.185  -9.833  2.021   1.00 34.61 ? 256 HOH A O     1 
HETATM 478 O  O     . HOH E 4 . ? -0.477  -8.609  1.022   1.00 36.12 ? 257 HOH A O     1 
HETATM 479 O  O     . HOH E 4 . ? 2.394   -16.257 -12.696 1.00 16.83 ? 258 HOH A O     1 
HETATM 480 O  O     . HOH E 4 . ? -0.553  -5.564  -11.357 1.00 22.90 ? 259 HOH A O     1 
HETATM 481 O  O     . HOH E 4 . ? -6.701  -11.645 0.791   1.00 31.76 ? 260 HOH A O     1 
HETATM 482 O  O     . HOH E 4 . ? 2.343   4.918   13.546  1.00 29.40 ? 261 HOH A O     1 
HETATM 483 O  O     A HOH E 4 . ? -7.149  1.587   3.401   0.60 24.50 ? 262 HOH A O     1 
HETATM 484 O  O     B HOH E 4 . ? -6.673  -0.177  3.180   0.40 24.21 ? 262 HOH A O     1 
HETATM 485 O  O     . HOH E 4 . ? -6.348  0.595   9.772   1.00 25.11 ? 263 HOH A O     1 
HETATM 486 O  O     . HOH E 4 . ? -6.665  1.375   7.353   0.80 28.37 ? 264 HOH A O     1 
HETATM 487 O  O     . HOH E 4 . ? 2.845   -7.372  0.183   0.50 27.31 ? 265 HOH A O     1 
HETATM 488 O  O     . HOH E 4 . ? 4.203   -2.359  -0.040  0.50 30.26 ? 266 HOH A O     1 
HETATM 489 O  O     . HOH E 4 . ? 14.563  10.432  8.763   1.00 37.88 ? 267 HOH A O     1 
HETATM 490 O  O     . HOH E 4 . ? 2.474   -4.942  3.297   1.00 37.41 ? 268 HOH A O     1 
HETATM 491 O  O     . HOH E 4 . ? 4.823   0.920   3.270   0.50 26.30 ? 269 HOH A O     1 
HETATM 492 O  O     . HOH E 4 . ? -9.271  -2.750  0.564   1.00 26.80 ? 270 HOH A O     1 
HETATM 493 O  O     . HOH F 4 . ? -6.726  0.571   -0.743  1.00 19.03 ? 301 HOH B O     1 
HETATM 494 O  O     . HOH F 4 . ? -1.296  2.907   -6.732  0.50 22.61 ? 302 HOH B O     1 
HETATM 495 O  O     . HOH F 4 . ? -4.845  -2.601  -5.359  1.00 14.03 ? 303 HOH B O     1 
HETATM 496 O  O     . HOH F 4 . ? -5.692  4.505   -7.175  0.80 32.20 ? 304 HOH B O     1 
HETATM 497 O  O     . HOH F 4 . ? 3.010   7.597   0.742   1.00 25.30 ? 305 HOH B O     1 
HETATM 498 O  O     . HOH F 4 . ? 2.905   0.983   -4.005  1.00 32.07 ? 306 HOH B O     1 
HETATM 499 O  O     . HOH F 4 . ? 3.160   -0.497  -1.589  1.00 21.56 ? 307 HOH B O     1 
HETATM 500 O  O     . HOH F 4 . ? 3.938   -5.809  -12.318 1.00 11.21 ? 308 HOH B O     1 
HETATM 501 O  O     . HOH F 4 . ? -4.893  13.583  5.406   1.00 33.16 ? 309 HOH B O     1 
HETATM 502 O  O     . HOH F 4 . ? -2.096  3.482   -9.586  1.00 26.84 ? 310 HOH B O     1 
HETATM 503 O  O     . HOH F 4 . ? 0.033   8.281   -0.214  1.00 22.33 ? 311 HOH B O     1 
HETATM 504 O  O     . HOH F 4 . ? -10.286 8.891   4.747   1.00 33.18 ? 312 HOH B O     1 
HETATM 505 O  O     . HOH F 4 . ? 0.821   10.653  9.438   1.00 11.13 ? 313 HOH B O     1 
HETATM 506 O  O     . HOH F 4 . ? -3.996  10.782  2.116   0.50 30.10 ? 314 HOH B O     1 
HETATM 507 O  O     . HOH F 4 . ? -5.655  3.950   4.131   1.00 15.03 ? 315 HOH B O     1 
HETATM 508 O  O     A HOH F 4 . ? 1.027   13.638  12.100  0.50 18.74 ? 316 HOH B O     1 
HETATM 509 O  O     B HOH F 4 . ? 1.331   12.008  12.393  0.50 24.96 ? 316 HOH B O     1 
HETATM 510 O  O     A HOH F 4 . ? 8.762   -8.013  -4.051  0.50 19.36 ? 317 HOH B O     1 
HETATM 511 O  O     B HOH F 4 . ? 7.864   -7.126  -3.877  0.50 21.59 ? 317 HOH B O     1 
HETATM 512 O  O     A HOH F 4 . ? 1.029   5.726   -0.790  0.50 20.74 ? 318 HOH B O     1 
HETATM 513 O  O     B HOH F 4 . ? 0.128   5.779   -1.928  0.50 27.46 ? 318 HOH B O     1 
HETATM 514 O  O     . HOH F 4 . ? 4.780   -1.605  -3.997  1.00 18.48 ? 319 HOH B O     1 
HETATM 515 O  O     . HOH F 4 . ? -1.507  -3.694  -9.412  1.00 10.86 ? 320 HOH B O     1 
HETATM 516 O  O     . HOH F 4 . ? 16.684  -2.637  -11.603 1.00 27.48 ? 321 HOH B O     1 
HETATM 517 O  O     . HOH F 4 . ? -3.336  16.670  8.273   1.00 30.19 ? 322 HOH B O     1 
HETATM 518 O  O     . HOH F 4 . ? -2.927  7.351   7.791   1.00 11.61 ? 323 HOH B O     1 
HETATM 519 O  O     . HOH F 4 . ? -5.009  1.709   -12.158 1.00 29.51 ? 324 HOH B O     1 
HETATM 520 O  O     . HOH F 4 . ? 13.695  -1.436  -14.895 1.00 32.86 ? 325 HOH B O     1 
HETATM 521 O  O     . HOH F 4 . ? 6.098   -6.993  -13.667 1.00 13.30 ? 326 HOH B O     1 
HETATM 522 O  O     . HOH F 4 . ? 10.051  -5.275  -4.387  1.00 22.71 ? 327 HOH B O     1 
HETATM 523 O  O     . HOH F 4 . ? 0.839   -4.923  -14.060 0.60 32.04 ? 328 HOH B O     1 
HETATM 524 O  O     B HOH F 4 . ? -7.383  7.541   -2.332  0.50 34.08 ? 329 HOH B O     1 
HETATM 525 O  O     . HOH F 4 . ? 2.985   2.857   -1.801  1.00 36.13 ? 330 HOH B O     1 
HETATM 526 O  O     B HOH F 4 . ? 0.382   16.744  11.397  0.50 25.71 ? 331 HOH B O     1 
HETATM 527 O  O     . HOH F 4 . ? 7.186   -3.901  -3.230  1.00 29.94 ? 332 HOH B O     1 
HETATM 528 O  O     . HOH F 4 . ? -8.309  12.645  5.278   1.00 37.03 ? 333 HOH B O     1 
HETATM 529 O  O     . HOH F 4 . ? 11.700  0.002   -14.408 1.00 31.00 ? 334 HOH B O     1 
HETATM 530 O  O     . HOH F 4 . ? -10.555 3.331   -3.355  1.00 29.02 ? 335 HOH B O     1 
HETATM 531 O  O     . HOH F 4 . ? 9.801   -4.453  -15.871 1.00 19.75 ? 336 HOH B O     1 
HETATM 532 O  O     . HOH F 4 . ? 10.157  -1.614  -16.099 1.00 24.02 ? 337 HOH B O     1 
HETATM 533 O  O     . HOH F 4 . ? -3.687  -3.077  -13.034 1.00 30.21 ? 338 HOH B O     1 
HETATM 534 O  O     . HOH F 4 . ? 0.829   3.122   -5.678  1.00 27.22 ? 339 HOH B O     1 
HETATM 535 O  O     . HOH F 4 . ? -4.167  -0.605  -13.765 1.00 33.06 ? 340 HOH B O     1 
HETATM 536 O  O     . HOH F 4 . ? -3.452  15.842  5.793   1.00 20.94 ? 341 HOH B O     1 
HETATM 537 O  O     A HOH F 4 . ? 1.644   16.064  12.023  0.50 29.82 ? 342 HOH B O     1 
HETATM 538 O  O     B HOH F 4 . ? 1.956   15.452  12.921  0.50 31.81 ? 342 HOH B O     1 
HETATM 539 O  O     . HOH F 4 . ? -5.026  4.422   -9.806  1.00 35.84 ? 343 HOH B O     1 
HETATM 540 O  O     . HOH F 4 . ? 2.483   4.911   -2.885  1.00 33.88 ? 344 HOH B O     1 
# 
loop_
_atom_site_anisotrop.id 
_atom_site_anisotrop.type_symbol 
_atom_site_anisotrop.pdbx_label_atom_id 
_atom_site_anisotrop.pdbx_label_alt_id 
_atom_site_anisotrop.pdbx_label_comp_id 
_atom_site_anisotrop.pdbx_label_asym_id 
_atom_site_anisotrop.pdbx_label_seq_id 
_atom_site_anisotrop.pdbx_PDB_ins_code 
_atom_site_anisotrop.U[1][1] 
_atom_site_anisotrop.U[2][2] 
_atom_site_anisotrop.U[3][3] 
_atom_site_anisotrop.U[1][2] 
_atom_site_anisotrop.U[1][3] 
_atom_site_anisotrop.U[2][3] 
_atom_site_anisotrop.pdbx_auth_seq_id 
_atom_site_anisotrop.pdbx_auth_comp_id 
_atom_site_anisotrop.pdbx_auth_asym_id 
_atom_site_anisotrop.pdbx_auth_atom_id 
1   O  "O5'" A G   A 1 ? 0.3487 0.1924 0.3584 -0.0345 0.0728  0.0450  1   G   A "O5'" 
2   O  "O5'" B G   A 1 ? 0.1942 0.2002 0.2893 0.0010  0.0900  0.0336  1   G   A "O5'" 
3   C  "C5'" A G   A 1 ? 0.1660 0.2656 0.3258 -0.0666 0.0537  0.0094  1   G   A "C5'" 
4   C  "C5'" B G   A 1 ? 0.2551 0.1128 0.2567 -0.0307 0.0762  0.0887  1   G   A "C5'" 
5   C  "C4'" . G   A 1 ? 0.1660 0.1235 0.2982 -0.0412 0.0411  0.0587  1   G   A "C4'" 
6   O  "O4'" . G   A 1 ? 0.1550 0.1135 0.2907 -0.0458 0.0487  0.0468  1   G   A "O4'" 
7   C  "C3'" . G   A 1 ? 0.1974 0.1004 0.2760 -0.0420 0.0526  0.0640  1   G   A "C3'" 
8   O  "O3'" . G   A 1 ? 0.1699 0.1195 0.3466 -0.0447 0.0295  0.0863  1   G   A "O3'" 
9   C  "C2'" . G   A 1 ? 0.1791 0.1036 0.2628 -0.0427 0.0556  0.0486  1   G   A "C2'" 
10  O  "O2'" . G   A 1 ? 0.1735 0.1657 0.2393 -0.0248 0.0290  0.0397  1   G   A "O2'" 
11  C  "C1'" . G   A 1 ? 0.1504 0.0927 0.2362 -0.0365 0.0462  0.0506  1   G   A "C1'" 
12  N  N9    . G   A 1 ? 0.1804 0.0851 0.2104 -0.0388 0.0419  0.0236  1   G   A N9    
13  C  C8    . G   A 1 ? 0.2207 0.1044 0.1955 -0.0336 0.0476  0.0306  1   G   A C8    
14  N  N7    . G   A 1 ? 0.2212 0.0897 0.1999 -0.0416 0.0693  0.0389  1   G   A N7    
15  C  C5    . G   A 1 ? 0.1731 0.0490 0.1918 -0.0464 0.0186  0.0313  1   G   A C5    
16  C  C6    . G   A 1 ? 0.1896 0.0456 0.1836 -0.0478 0.0382  0.0197  1   G   A C6    
17  O  O6    . G   A 1 ? 0.1994 0.0799 0.1709 -0.0536 0.0342  0.0315  1   G   A O6    
18  N  N1    . G   A 1 ? 0.1583 0.0575 0.1652 -0.0540 0.0261  0.0267  1   G   A N1    
19  C  C2    . G   A 1 ? 0.1478 0.0476 0.1663 -0.0392 0.0161  0.0317  1   G   A C2    
20  N  N2    . G   A 1 ? 0.1486 0.0890 0.1495 -0.0609 0.0254  0.0213  1   G   A N2    
21  N  N3    . G   A 1 ? 0.1569 0.0559 0.1875 -0.0376 0.0310  0.0302  1   G   A N3    
22  C  C4    . G   A 1 ? 0.1624 0.0479 0.2027 -0.0447 0.0219  0.0302  1   G   A C4    
23  P  P     . C   A 2 ? 0.1959 0.1166 0.4108 -0.0390 0.0123  0.0816  2   C   A P     
24  O  OP1   . C   A 2 ? 0.2373 0.1347 0.4521 -0.0122 -0.0234 0.1248  2   C   A OP1   
25  O  OP2   . C   A 2 ? 0.3020 0.1049 0.4793 -0.0162 -0.0395 0.0232  2   C   A OP2   
26  O  "O5'" . C   A 2 ? 0.1733 0.1587 0.4011 -0.0481 -0.0084 0.1248  2   C   A "O5'" 
27  C  "C5'" . C   A 2 ? 0.1721 0.2150 0.3515 -0.0977 -0.0433 0.1831  2   C   A "C5'" 
28  C  "C4'" . C   A 2 ? 0.1445 0.1581 0.3923 -0.0746 -0.0242 0.1506  2   C   A "C4'" 
29  O  "O4'" . C   A 2 ? 0.1489 0.1355 0.3487 -0.0818 -0.0211 0.1197  2   C   A "O4'" 
30  C  "C3'" . C   A 2 ? 0.1576 0.1183 0.3961 -0.0362 0.0063  0.1704  2   C   A "C3'" 
31  O  "O3'" . C   A 2 ? 0.1641 0.1288 0.4299 -0.0772 -0.0317 0.1644  2   C   A "O3'" 
32  C  "C2'" . C   A 2 ? 0.1510 0.1175 0.3245 -0.0637 -0.0411 0.1195  2   C   A "C2'" 
33  O  "O2'" . C   A 2 ? 0.1728 0.1881 0.3107 -0.0792 -0.0173 0.1258  2   C   A "O2'" 
34  C  "C1'" . C   A 2 ? 0.1290 0.1103 0.2938 -0.0514 -0.0128 0.1044  2   C   A "C1'" 
35  N  N1    . C   A 2 ? 0.1496 0.1028 0.2416 -0.0609 0.0039  0.0990  2   C   A N1    
36  C  C2    . C   A 2 ? 0.1319 0.0729 0.2492 -0.0593 -0.0167 0.0661  2   C   A C2    
37  O  O2    . C   A 2 ? 0.1366 0.1279 0.2421 -0.0630 0.0036  0.0955  2   C   A O2    
38  N  N3    . C   A 2 ? 0.1445 0.0744 0.2431 -0.0529 0.0201  0.0650  2   C   A N3    
39  C  C4    . C   A 2 ? 0.1539 0.0573 0.2441 -0.0375 0.0221  0.0610  2   C   A C4    
40  N  N4    . C   A 2 ? 0.1606 0.0683 0.2700 -0.0495 0.0402  0.0432  2   C   A N4    
41  C  C5    . C   A 2 ? 0.1453 0.0724 0.2744 -0.0512 0.0245  0.0298  2   C   A C5    
42  C  C6    . C   A 2 ? 0.1592 0.0906 0.2818 -0.0772 0.0144  0.0647  2   C   A C6    
43  P  P     . U   A 3 ? 0.1891 0.1333 0.4175 -0.0179 0.0373  0.1419  3   U   A P     
44  O  OP1   . U   A 3 ? 0.2032 0.1577 0.5857 -0.0238 0.0238  0.1888  3   U   A OP1   
45  O  OP2   . U   A 3 ? 0.2874 0.1772 0.5247 0.0083  0.1550  0.1596  3   U   A OP2   
46  O  "O5'" . U   A 3 ? 0.1749 0.1329 0.3532 -0.0344 0.0358  0.1051  3   U   A "O5'" 
47  C  "C5'" . U   A 3 ? 0.1665 0.1965 0.2873 -0.0396 -0.0061 0.1091  3   U   A "C5'" 
48  C  "C4'" . U   A 3 ? 0.1549 0.0994 0.2570 -0.0616 -0.0207 0.0671  3   U   A "C4'" 
49  O  "O4'" . U   A 3 ? 0.1848 0.0832 0.2245 -0.0365 0.0004  0.0524  3   U   A "O4'" 
50  C  "C3'" . U   A 3 ? 0.1631 0.0697 0.2561 -0.0344 0.0198  0.0719  3   U   A "C3'" 
51  O  "O3'" . U   A 3 ? 0.1631 0.0666 0.2803 -0.0466 0.0132  0.0678  3   U   A "O3'" 
52  C  "C2'" . U   A 3 ? 0.1579 0.0796 0.2300 -0.0275 0.0241  0.0680  3   U   A "C2'" 
53  O  "O2'" . U   A 3 ? 0.1715 0.1002 0.2075 -0.0346 0.0219  0.0486  3   U   A "O2'" 
54  C  "C1'" . U   A 3 ? 0.1629 0.0784 0.1922 -0.0269 0.0117  0.0422  3   U   A "C1'" 
55  N  N1    . U   A 3 ? 0.1490 0.0538 0.2218 -0.0303 0.0194  0.0425  3   U   A N1    
56  C  C2    . U   A 3 ? 0.1443 0.0750 0.2073 -0.0206 0.0451  0.0423  3   U   A C2    
57  O  O2    . U   A 3 ? 0.1438 0.0708 0.2020 -0.0286 0.0397  0.0583  3   U   A O2    
58  N  N3    . U   A 3 ? 0.1635 0.0667 0.2017 -0.0204 0.0467  0.0250  3   U   A N3    
59  C  C4    . U   A 3 ? 0.1649 0.0635 0.2254 -0.0271 0.0425  0.0325  3   U   A C4    
60  O  O4    . U   A 3 ? 0.1966 0.0942 0.2585 -0.0473 0.0762  0.0416  3   U   A O4    
61  C  C5    . U   A 3 ? 0.1888 0.0685 0.2421 -0.0488 0.0370  0.0601  3   U   A C5    
62  C  C6    . U   A 3 ? 0.1683 0.0681 0.2343 -0.0381 0.0293  0.0423  3   U   A C6    
63  P  P     . G   A 4 ? 0.2090 0.0742 0.2791 -0.0467 0.0484  0.0689  4   G   A P     
64  O  OP1   . G   A 4 ? 0.2434 0.0826 0.3541 -0.0378 0.0656  0.0829  4   G   A OP1   
65  O  OP2   . G   A 4 ? 0.2317 0.1140 0.3473 -0.0286 0.1061  0.0971  4   G   A OP2   
66  O  "O5'" . G   A 4 ? 0.2478 0.0823 0.2254 -0.0763 0.0339  0.0311  4   G   A "O5'" 
67  C  "C5'" . G   A 4 ? 0.2095 0.0869 0.1842 -0.0731 0.0571  0.0341  4   G   A "C5'" 
68  C  "C4'" . G   A 4 ? 0.2059 0.0847 0.2081 -0.0849 0.0422  0.0325  4   G   A "C4'" 
69  O  "O4'" . G   A 4 ? 0.2328 0.0740 0.2165 -0.0784 0.0432  0.0319  4   G   A "O4'" 
70  C  "C3'" . G   A 4 ? 0.2220 0.0865 0.2003 -0.0831 0.0403  0.0453  4   G   A "C3'" 
71  O  "O3'" A G   A 4 ? 0.2990 0.0704 0.1442 -0.0784 0.0335  0.0313  4   G   A "O3'" 
72  O  "O3'" B G   A 4 ? 0.2470 0.0684 0.2587 -0.0785 0.0480  0.0415  4   G   A "O3'" 
73  C  "C2'" . G   A 4 ? 0.2268 0.0883 0.2014 -0.0918 0.0439  0.0107  4   G   A "C2'" 
74  O  "O2'" . G   A 4 ? 0.2284 0.1221 0.2202 -0.0904 0.0575  0.0488  4   G   A "O2'" 
75  C  "C1'" . G   A 4 ? 0.2355 0.0788 0.1803 -0.0766 0.0589  0.0215  4   G   A "C1'" 
76  N  N9    . G   A 4 ? 0.1981 0.0758 0.2022 -0.0641 0.0516  0.0299  4   G   A N9    
77  C  C8    . G   A 4 ? 0.2188 0.0674 0.2432 -0.0729 0.0393  0.0408  4   G   A C8    
78  N  N7    . G   A 4 ? 0.1884 0.0621 0.2542 -0.0567 0.0389  0.0479  4   G   A N7    
79  C  C5    . G   A 4 ? 0.1875 0.0561 0.2135 -0.0469 0.0488  0.0405  4   G   A C5    
80  C  C6    . G   A 4 ? 0.2061 0.0458 0.2301 -0.0371 0.0506  0.0392  4   G   A C6    
81  O  O6    . G   A 4 ? 0.1993 0.0720 0.2276 -0.0369 0.0721  0.0267  4   G   A O6    
82  N  N1    . G   A 4 ? 0.1871 0.0545 0.1986 -0.0482 0.0516  0.0294  4   G   A N1    
83  C  C2    . G   A 4 ? 0.1958 0.0609 0.1938 -0.0383 0.0439  0.0381  4   G   A C2    
84  N  N2    . G   A 4 ? 0.1812 0.0868 0.2004 -0.0472 0.0478  0.0106  4   G   A N2    
85  N  N3    . G   A 4 ? 0.1842 0.0687 0.2060 -0.0571 0.0491  0.0439  4   G   A N3    
86  C  C4    . G   A 4 ? 0.2032 0.0458 0.1882 -0.0526 0.0390  0.0132  4   G   A C4    
87  P  P     A C   A 5 ? 0.2783 0.0802 0.1396 -0.0424 0.0121  0.0480  5   C   A P     
88  P  P     B C   A 5 ? 0.2354 0.0598 0.3287 -0.0621 0.0773  0.0018  5   C   A P     
89  O  OP1   A C   A 5 ? 0.3136 0.0622 0.1735 -0.0751 0.0276  0.0431  5   C   A OP1   
90  O  OP1   B C   A 5 ? 0.2801 0.0632 0.3129 -0.0574 0.0426  0.0366  5   C   A OP1   
91  O  OP2   A C   A 5 ? 0.2709 0.1213 0.1799 -0.0905 0.0103  0.0711  5   C   A OP2   
92  O  OP2   B C   A 5 ? 0.2079 0.0847 0.4216 -0.0086 0.0395  -0.0253 5   C   A OP2   
93  O  "O5'" A C   A 5 ? 0.2571 0.0689 0.1502 -0.0606 -0.0029 0.0438  5   C   A "O5'" 
94  O  "O5'" B C   A 5 ? 0.2155 0.1805 0.2604 -0.0383 0.0555  0.0347  5   C   A "O5'" 
95  C  "C5'" A C   A 5 ? 0.2667 0.1660 0.1530 -0.0739 -0.0039 -0.0228 5   C   A "C5'" 
96  C  "C5'" B C   A 5 ? 0.2174 0.1772 0.1775 -0.0386 0.0396  0.0740  5   C   A "C5'" 
97  C  "C4'" A C   A 5 ? 0.2630 0.0963 0.1622 -0.0629 0.0112  0.0461  5   C   A "C4'" 
98  C  "C4'" B C   A 5 ? 0.2787 0.1768 0.1731 -0.0354 0.0265  0.0015  5   C   A "C4'" 
99  O  "O4'" A C   A 5 ? 0.3647 0.0883 0.1392 -0.0587 0.0313  0.0518  5   C   A "O4'" 
100 O  "O4'" B C   A 5 ? 0.2112 0.1628 0.1469 -0.0217 0.0287  -0.0058 5   C   A "O4'" 
101 C  "C3'" A C   A 5 ? 0.3656 0.0853 0.1906 -0.0774 0.0048  0.0274  5   C   A "C3'" 
102 C  "C3'" B C   A 5 ? 0.2303 0.1270 0.1627 -0.0661 -0.0060 -0.0092 5   C   A "C3'" 
103 O  "O3'" A C   A 5 ? 0.3242 0.0910 0.2141 -0.0575 -0.0102 -0.0086 5   C   A "O3'" 
104 O  "O3'" B C   A 5 ? 0.2654 0.1701 0.1838 -0.0846 0.0624  -0.0180 5   C   A "O3'" 
105 C  "C2'" A C   A 5 ? 0.3199 0.0590 0.2041 -0.0075 0.0228  0.0442  5   C   A "C2'" 
106 C  "C2'" B C   A 5 ? 0.2045 0.1765 0.1374 -0.0694 -0.0059 0.0032  5   C   A "C2'" 
107 O  "O2'" A C   A 5 ? 0.3156 0.1840 0.1325 -0.0602 0.0361  -0.0013 5   C   A "O2'" 
108 O  "O2'" B C   A 5 ? 0.2084 0.2353 0.1952 -0.1477 0.0398  0.0642  5   C   A "O2'" 
109 C  "C1'" A C   A 5 ? 0.2986 0.1181 0.1601 -0.0774 0.0719  0.0098  5   C   A "C1'" 
110 C  "C1'" B C   A 5 ? 0.2235 0.1617 0.1510 -0.0580 0.0363  0.0448  5   C   A "C1'" 
111 N  N1    A C   A 5 ? 0.2382 0.0638 0.1546 -0.0280 0.0277  -0.0195 5   C   A N1    
112 N  N1    B C   A 5 ? 0.2147 0.1490 0.1478 -0.0743 0.0396  0.0528  5   C   A N1    
113 C  C2    A C   A 5 ? 0.2810 0.0721 0.1507 -0.0238 0.0364  -0.0234 5   C   A C2    
114 C  C2    B C   A 5 ? 0.2439 0.0730 0.1532 -0.0779 -0.0059 0.0526  5   C   A C2    
115 O  O2    A C   A 5 ? 0.2911 0.1302 0.1878 -0.0236 -0.0051 0.0150  5   C   A O2    
116 O  O2    B C   A 5 ? 0.1862 0.0959 0.1685 -0.0826 0.0162  0.0417  5   C   A O2    
117 N  N3    A C   A 5 ? 0.2601 0.0527 0.1904 -0.0402 0.0083  0.0151  5   C   A N3    
118 N  N3    B C   A 5 ? 0.2299 0.0958 0.1405 -0.0657 0.0450  0.0268  5   C   A N3    
119 C  C4    A C   A 5 ? 0.2647 0.0672 0.1510 0.0027  0.0205  0.0178  5   C   A C4    
120 C  C4    B C   A 5 ? 0.2435 0.0424 0.1577 -0.0538 0.0224  0.0066  5   C   A C4    
121 N  N4    A C   A 5 ? 0.2457 0.0900 0.2011 -0.0535 -0.0173 0.0778  5   C   A N4    
122 N  N4    B C   A 5 ? 0.2244 0.1150 0.1213 -0.0389 0.0483  0.0041  5   C   A N4    
123 C  C5    A C   A 5 ? 0.2605 0.1175 0.1326 -0.0383 0.0249  0.0149  5   C   A C5    
124 C  C5    B C   A 5 ? 0.1948 0.0602 0.1487 -0.0046 0.0651  0.0188  5   C   A C5    
125 C  C6    A C   A 5 ? 0.2539 0.1420 0.1154 -0.0011 0.0457  -0.0047 5   C   A C6    
126 C  C6    B C   A 5 ? 0.2226 0.0976 0.2206 -0.0653 0.0100  0.0241  5   C   A C6    
127 P  P     A U   A 6 ? 0.2780 0.1099 0.2233 -0.0592 -0.0010 0.0102  6   U   A P     
128 P  P     B U   A 6 ? 0.3109 0.1427 0.1624 -0.0575 0.0327  0.0202  6   U   A P     
129 O  OP1   A U   A 6 ? 0.2980 0.1774 0.2086 -0.0344 0.0358  0.0768  6   U   A OP1   
130 O  OP1   B U   A 6 ? 0.4459 0.1337 0.2759 -0.0660 0.1301  -0.0031 6   U   A OP1   
131 O  OP2   A U   A 6 ? 0.2732 0.1453 0.3379 -0.0752 -0.0148 0.0269  6   U   A OP2   
132 O  OP2   B U   A 6 ? 0.3308 0.1571 0.1964 -0.1010 0.0264  -0.0238 6   U   A OP2   
133 O  "O5'" A U   A 6 ? 0.2217 0.1131 0.1706 -0.0561 0.0204  0.0301  6   U   A "O5'" 
134 O  "O5'" B U   A 6 ? 0.2673 0.1117 0.1890 -0.0988 0.0558  0.0062  6   U   A "O5'" 
135 C  "C5'" A U   A 6 ? 0.2488 0.2157 0.1590 -0.1168 0.0323  -0.0249 6   U   A "C5'" 
136 C  "C5'" B U   A 6 ? 0.3577 0.1665 0.1705 -0.1041 0.0906  0.0101  6   U   A "C5'" 
137 C  "C4'" A U   A 6 ? 0.2068 0.0823 0.1625 -0.1009 0.0201  -0.0004 6   U   A "C4'" 
138 C  "C4'" B U   A 6 ? 0.2799 0.1075 0.1892 -0.1372 0.0889  -0.0147 6   U   A "C4'" 
139 O  "O4'" A U   A 6 ? 0.2267 0.0752 0.1790 -0.0995 0.0443  -0.0321 6   U   A "O4'" 
140 O  "O4'" B U   A 6 ? 0.2017 0.0985 0.2094 -0.0470 0.0798  0.0068  6   U   A "O4'" 
141 C  "C3'" . U   A 6 ? 0.2336 0.0558 0.1664 -0.0706 0.0366  0.0175  6   U   A "C3'" 
142 O  "O3'" . U   A 6 ? 0.1764 0.0706 0.1946 -0.0749 0.0213  0.0263  6   U   A "O3'" 
143 C  "C2'" . U   A 6 ? 0.1552 0.0562 0.1574 -0.0485 0.0202  0.0231  6   U   A "C2'" 
144 O  "O2'" . U   A 6 ? 0.1442 0.0713 0.1873 -0.0612 0.0274  0.0334  6   U   A "O2'" 
145 C  "C1'" . U   A 6 ? 0.1584 0.0799 0.1757 -0.0651 0.0553  0.0097  6   U   A "C1'" 
146 N  N1    . U   A 6 ? 0.1609 0.0492 0.1581 -0.0486 0.0368  0.0151  6   U   A N1    
147 C  C2    . U   A 6 ? 0.1526 0.0555 0.1658 -0.0543 0.0336  0.0164  6   U   A C2    
148 O  O2    . U   A 6 ? 0.1474 0.0562 0.1672 -0.0565 0.0174  0.0176  6   U   A O2    
149 N  N3    . U   A 6 ? 0.1377 0.0524 0.1550 -0.0467 0.0114  0.0266  6   U   A N3    
150 C  C4    . U   A 6 ? 0.1926 0.0599 0.1633 -0.0705 -0.0062 0.0286  6   U   A C4    
151 O  O4    . U   A 6 ? 0.1862 0.0816 0.1698 -0.0810 -0.0137 0.0413  6   U   A O4    
152 C  C5    . U   A 6 ? 0.2000 0.0544 0.1676 -0.0615 0.0327  0.0203  6   U   A C5    
153 C  C6    . U   A 6 ? 0.1968 0.0674 0.1567 -0.0615 0.0295  0.0228  6   U   A C6    
154 P  P     . G   A 7 ? 0.1832 0.0607 0.2608 -0.0634 0.0065  0.0454  7   G   A P     
155 O  OP1   . G   A 7 ? 0.2195 0.0605 0.3459 -0.0721 0.0104  0.0482  7   G   A OP1   
156 O  OP2   . G   A 7 ? 0.2040 0.1013 0.3615 -0.0520 -0.0308 0.0964  7   G   A OP2   
157 O  "O5'" . G   A 7 ? 0.1645 0.0608 0.2437 -0.0569 0.0553  0.0190  7   G   A "O5'" 
158 C  "C5'" . G   A 7 ? 0.1409 0.0872 0.2322 -0.0558 0.0129  -0.0202 7   G   A "C5'" 
159 C  "C4'" . G   A 7 ? 0.1384 0.0473 0.2466 -0.0461 0.0290  0.0051  7   G   A "C4'" 
160 O  "O4'" . G   A 7 ? 0.1414 0.0463 0.2786 -0.0478 0.0573  -0.0087 7   G   A "O4'" 
161 C  "C3'" . G   A 7 ? 0.1325 0.0485 0.2170 -0.0470 0.0321  0.0076  7   G   A "C3'" 
162 O  "O3'" . G   A 7 ? 0.1343 0.0538 0.2091 -0.0545 0.0166  0.0061  7   G   A "O3'" 
163 C  "C2'" . G   A 7 ? 0.1568 0.0431 0.2060 -0.0409 0.0223  0.0234  7   G   A "C2'" 
164 O  "O2'" . G   A 7 ? 0.1520 0.0754 0.2346 -0.0533 0.0144  0.0155  7   G   A "O2'" 
165 C  "C1'" . G   A 7 ? 0.1270 0.0608 0.2199 -0.0354 0.0324  -0.0053 7   G   A "C1'" 
166 N  N9    . G   A 7 ? 0.1274 0.0615 0.2225 -0.0583 0.0333  0.0039  7   G   A N9    
167 C  C8    . G   A 7 ? 0.1385 0.0665 0.2244 -0.0403 0.0335  -0.0004 7   G   A C8    
168 N  N7    . G   A 7 ? 0.1569 0.0474 0.1974 -0.0467 0.0413  0.0078  7   G   A N7    
169 C  C5    . G   A 7 ? 0.1344 0.0442 0.1975 -0.0339 0.0381  0.0248  7   G   A C5    
170 C  C6    . G   A 7 ? 0.1350 0.0433 0.1592 -0.0377 0.0261  0.0164  7   G   A C6    
171 O  O6    . G   A 7 ? 0.1481 0.0607 0.1623 -0.0456 0.0201  0.0423  7   G   A O6    
172 N  N1    . G   A 7 ? 0.1239 0.0442 0.1592 -0.0309 0.0140  0.0306  7   G   A N1    
173 C  C2    . G   A 7 ? 0.1397 0.0380 0.1722 -0.0272 0.0223  0.0245  7   G   A C2    
174 N  N2    . G   A 7 ? 0.1425 0.0521 0.1768 -0.0350 0.0142  0.0294  7   G   A N2    
175 N  N3    . G   A 7 ? 0.1371 0.0447 0.2127 -0.0422 0.0208  0.0176  7   G   A N3    
176 C  C4    . G   A 7 ? 0.1302 0.0421 0.1899 -0.0366 0.0251  0.0165  7   G   A C4    
177 P  P     . C   A 8 ? 0.1449 0.0480 0.2154 -0.0459 0.0351  0.0167  8   C   A P     
178 O  OP1   . C   A 8 ? 0.1623 0.0504 0.2773 -0.0580 0.0525  -0.0097 8   C   A OP1   
179 O  OP2   . C   A 8 ? 0.1603 0.0743 0.2257 -0.0415 0.0374  0.0383  8   C   A OP2   
180 O  "O5'" . C   A 8 ? 0.1283 0.0560 0.2015 -0.0516 0.0255  0.0159  8   C   A "O5'" 
181 C  "C5'" . C   A 8 ? 0.1403 0.0917 0.1979 -0.0347 0.0079  0.0035  8   C   A "C5'" 
182 C  "C4'" . C   A 8 ? 0.1536 0.0546 0.2041 -0.0307 0.0210  0.0152  8   C   A "C4'" 
183 O  "O4'" . C   A 8 ? 0.1503 0.0497 0.1957 -0.0272 0.0116  0.0259  8   C   A "O4'" 
184 C  "C3'" . C   A 8 ? 0.1428 0.0542 0.1898 -0.0323 0.0220  0.0184  8   C   A "C3'" 
185 O  "O3'" . C   A 8 ? 0.1616 0.0764 0.2022 -0.0229 0.0043  0.0056  8   C   A "O3'" 
186 C  "C2'" . C   A 8 ? 0.1572 0.0704 0.1643 -0.0410 0.0162  0.0265  8   C   A "C2'" 
187 O  "O2'" . C   A 8 ? 0.1905 0.1250 0.1772 -0.0255 0.0015  0.0340  8   C   A "O2'" 
188 C  "C1'" . C   A 8 ? 0.1385 0.0833 0.1811 -0.0349 0.0300  0.0332  8   C   A "C1'" 
189 N  N1    . C   A 8 ? 0.1535 0.0400 0.1755 -0.0299 0.0232  0.0282  8   C   A N1    
190 C  C2    . C   A 8 ? 0.1445 0.0385 0.1684 -0.0276 0.0154  0.0273  8   C   A C2    
191 O  O2    . C   A 8 ? 0.1609 0.0800 0.1497 -0.0431 0.0080  0.0432  8   C   A O2    
192 N  N3    . C   A 8 ? 0.1653 0.0418 0.1502 -0.0299 0.0160  0.0319  8   C   A N3    
193 C  C4    . C   A 8 ? 0.1489 0.0549 0.1531 -0.0283 0.0287  0.0463  8   C   A C4    
194 N  N4    . C   A 8 ? 0.1733 0.0487 0.1675 -0.0294 0.0248  0.0333  8   C   A N4    
195 C  C5    . C   A 8 ? 0.1596 0.0394 0.1553 -0.0200 0.0283  0.0329  8   C   A C5    
196 C  C6    . C   A 8 ? 0.1521 0.0561 0.1539 -0.0258 0.0258  0.0236  8   C   A C6    
197 C  "C8'" . GPN B 1 ? 0.1337 0.0968 0.1877 -0.0163 0.0360  0.0730  101 GPN B "C8'" 
198 C  "C7'" . GPN B 1 ? 0.1216 0.0847 0.1620 -0.0301 0.0184  0.0434  101 GPN B "C7'" 
199 O  "O7'" . GPN B 1 ? 0.1291 0.0659 0.1766 -0.0360 0.0154  0.0438  101 GPN B "O7'" 
200 C  "C5'" . GPN B 1 ? 0.1662 0.0556 0.1869 -0.0376 0.0423  0.0437  101 GPN B "C5'" 
201 C  C     . GPN B 1 ? 0.1358 0.0731 0.1624 -0.0228 0.0453  0.0290  101 GPN B C     
202 O  O     . GPN B 1 ? 0.1855 0.0631 0.1798 -0.0176 0.0382  0.0420  101 GPN B O     
203 N  "N4'" . GPN B 1 ? 0.1462 0.0631 0.1877 -0.0413 0.0299  0.0455  101 GPN B "N4'" 
204 C  "C3'" . GPN B 1 ? 0.1407 0.0881 0.2461 -0.0116 0.0457  0.0306  101 GPN B "C3'" 
205 C  "C2'" . GPN B 1 ? 0.1685 0.1684 0.2152 -0.0305 0.0507  0.0512  101 GPN B "C2'" 
206 N  N     . GPN B 1 ? 0.1955 0.1433 0.2363 -0.0272 0.0481  0.0518  101 GPN B N     
207 N  N9    . GPN B 1 ? 0.1311 0.0923 0.1790 -0.0330 0.0252  0.0653  101 GPN B N9    
208 C  C8    . GPN B 1 ? 0.1404 0.0811 0.2030 -0.0433 0.0221  0.0704  101 GPN B C8    
209 N  N7    . GPN B 1 ? 0.1579 0.0994 0.1736 -0.0430 0.0156  0.0668  101 GPN B N7    
210 C  C5    . GPN B 1 ? 0.1495 0.0591 0.1819 -0.0326 0.0056  0.0517  101 GPN B C5    
211 C  C6    . GPN B 1 ? 0.1687 0.0455 0.1720 -0.0224 0.0202  0.0458  101 GPN B C6    
212 O  O6    . GPN B 1 ? 0.1685 0.0641 0.1602 -0.0475 0.0140  0.0491  101 GPN B O6    
213 N  N1    . GPN B 1 ? 0.1477 0.0470 0.1379 -0.0253 0.0189  0.0387  101 GPN B N1    
214 C  C2    . GPN B 1 ? 0.1419 0.0467 0.1450 -0.0155 0.0156  0.0457  101 GPN B C2    
215 N  N2    . GPN B 1 ? 0.1444 0.0574 0.1508 -0.0267 0.0141  0.0416  101 GPN B N2    
216 N  N3    . GPN B 1 ? 0.1270 0.0624 0.1726 -0.0178 0.0270  0.0559  101 GPN B N3    
217 C  C4    . GPN B 1 ? 0.1242 0.0593 0.1771 -0.0101 0.0096  0.0573  101 GPN B C4    
218 C  "C8'" . CPN B 2 ? 0.1351 0.0426 0.1477 -0.0251 0.0226  0.0317  102 CPN B "C8'" 
219 C  "C7'" . CPN B 2 ? 0.1266 0.0572 0.1395 -0.0412 0.0197  0.0328  102 CPN B "C7'" 
220 O  "O7'" . CPN B 2 ? 0.1456 0.0527 0.1580 -0.0354 0.0509  0.0284  102 CPN B "O7'" 
221 C  "C5'" . CPN B 2 ? 0.1282 0.0615 0.1696 -0.0324 0.0262  0.0516  102 CPN B "C5'" 
222 C  C     . CPN B 2 ? 0.1280 0.0676 0.1582 -0.0515 0.0228  0.0346  102 CPN B C     
223 O  O     . CPN B 2 ? 0.1636 0.0457 0.1927 -0.0417 0.0134  0.0283  102 CPN B O     
224 N  "N4'" . CPN B 2 ? 0.1301 0.0499 0.1446 -0.0309 0.0163  0.0363  102 CPN B "N4'" 
225 C  "C3'" . CPN B 2 ? 0.1297 0.0648 0.1463 -0.0319 0.0200  0.0371  102 CPN B "C3'" 
226 C  "C2'" . CPN B 2 ? 0.1584 0.0623 0.1687 -0.0361 0.0414  0.0393  102 CPN B "C2'" 
227 N  N     . CPN B 2 ? 0.1391 0.0794 0.1400 -0.0301 0.0369  0.0335  102 CPN B N     
228 N  N1    . CPN B 2 ? 0.1356 0.0542 0.1356 -0.0333 0.0235  0.0375  102 CPN B N1    
229 C  C2    . CPN B 2 ? 0.1476 0.0382 0.1420 -0.0281 0.0324  0.0189  102 CPN B C2    
230 N  N3    . CPN B 2 ? 0.1292 0.0489 0.1316 -0.0344 0.0130  0.0308  102 CPN B N3    
231 C  C4    . CPN B 2 ? 0.1296 0.0554 0.1367 -0.0433 0.0098  0.0326  102 CPN B C4    
232 C  C5    . CPN B 2 ? 0.1403 0.0736 0.1470 -0.0665 0.0134  0.0198  102 CPN B C5    
233 C  C6    . CPN B 2 ? 0.1391 0.0603 0.1417 -0.0388 0.0172  0.0170  102 CPN B C6    
234 O  O2    . CPN B 2 ? 0.1440 0.0550 0.1479 -0.0486 0.0183  0.0268  102 CPN B O2    
235 N  N4    . CPN B 2 ? 0.1536 0.0752 0.1413 -0.0517 0.0172  0.0193  102 CPN B N4    
236 C  "C8'" . APN B 3 ? 0.1181 0.0547 0.1431 -0.0390 0.0117  0.0257  103 APN B "C8'" 
237 C  "C7'" . APN B 3 ? 0.1175 0.0622 0.1402 -0.0494 0.0224  0.0217  103 APN B "C7'" 
238 O  "O7'" . APN B 3 ? 0.1390 0.0651 0.1548 -0.0528 0.0314  0.0232  103 APN B "O7'" 
239 C  "C5'" . APN B 3 ? 0.1270 0.0819 0.1613 -0.0285 0.0135  0.0255  103 APN B "C5'" 
240 C  C     . APN B 3 ? 0.1298 0.1096 0.1537 -0.0205 0.0152  0.0130  103 APN B C     
241 O  O     . APN B 3 ? 0.1393 0.1322 0.1969 -0.0061 0.0098  0.0092  103 APN B O     
242 N  "N4'" . APN B 3 ? 0.1166 0.0473 0.1596 -0.0399 0.0172  0.0169  103 APN B "N4'" 
243 C  "C3'" . APN B 3 ? 0.1405 0.0752 0.1475 -0.0552 0.0242  0.0166  103 APN B "C3'" 
244 C  "C2'" . APN B 3 ? 0.1205 0.0748 0.1614 -0.0310 0.0190  0.0423  103 APN B "C2'" 
245 N  N     . APN B 3 ? 0.1294 0.0622 0.1424 -0.0293 0.0165  0.0463  103 APN B N     
246 N  N9    . APN B 3 ? 0.1251 0.0509 0.1416 -0.0431 0.0149  0.0220  103 APN B N9    
247 C  C8    . APN B 3 ? 0.1311 0.0508 0.1473 -0.0444 0.0081  0.0186  103 APN B C8    
248 N  N7    . APN B 3 ? 0.1270 0.0557 0.1645 -0.0510 0.0125  0.0197  103 APN B N7    
249 C  C5    . APN B 3 ? 0.1338 0.0436 0.1435 -0.0322 0.0202  0.0255  103 APN B C5    
250 C  C6    . APN B 3 ? 0.1432 0.0414 0.1582 -0.0345 0.0059  0.0266  103 APN B C6    
251 N  N6    . APN B 3 ? 0.1419 0.0598 0.1672 -0.0509 -0.0001 0.0419  103 APN B N6    
252 N  N1    . APN B 3 ? 0.1417 0.0477 0.1432 -0.0414 0.0141  0.0248  103 APN B N1    
253 C  C2    . APN B 3 ? 0.1384 0.0371 0.1552 -0.0251 0.0144  0.0250  103 APN B C2    
254 N  N3    . APN B 3 ? 0.1268 0.0496 0.1541 -0.0394 0.0282  0.0220  103 APN B N3    
255 C  C4    . APN B 3 ? 0.1324 0.0420 0.1410 -0.0302 0.0259  0.0228  103 APN B C4    
256 C  "C8'" A GPN B 4 ? 0.1518 0.0865 0.1304 -0.0281 0.0202  0.0348  104 GPN B "C8'" 
257 C  "C8'" B GPN B 4 ? 0.1579 0.0845 0.1305 -0.0263 0.0169  0.0312  104 GPN B "C8'" 
258 C  "C7'" A GPN B 4 ? 0.1446 0.1182 0.1221 -0.0143 0.0436  0.0424  104 GPN B "C7'" 
259 C  "C7'" B GPN B 4 ? 0.1916 0.1083 0.1322 -0.0084 0.0226  0.0338  104 GPN B "C7'" 
260 O  "O7'" A GPN B 4 ? 0.2009 0.0496 0.1316 -0.0259 0.0342  0.0350  104 GPN B "O7'" 
261 O  "O7'" B GPN B 4 ? 0.2403 0.0973 0.1817 -0.0002 0.0123  0.0120  104 GPN B "O7'" 
262 C  "C5'" A GPN B 4 ? 0.1697 0.1418 0.1382 0.0213  0.0064  0.0313  104 GPN B "C5'" 
263 C  "C5'" B GPN B 4 ? 0.2098 0.1552 0.1626 0.0060  0.0296  0.0365  104 GPN B "C5'" 
264 C  C     A GPN B 4 ? 0.1151 0.0581 0.2188 -0.0352 0.0143  0.0544  104 GPN B C     
265 C  C     B GPN B 4 ? 0.2005 0.1647 0.1800 0.0083  0.0037  0.0435  104 GPN B C     
266 O  O     A GPN B 4 ? 0.1772 0.0462 0.1805 -0.0383 0.0328  0.0297  104 GPN B O     
267 O  O     B GPN B 4 ? 0.1811 0.1854 0.2254 -0.0091 0.0552  0.0529  104 GPN B O     
268 N  "N4'" A GPN B 4 ? 0.1724 0.0977 0.1510 -0.0024 0.0322  0.0470  104 GPN B "N4'" 
269 N  "N4'" B GPN B 4 ? 0.1654 0.1506 0.1466 -0.0136 0.0389  0.0470  104 GPN B "N4'" 
270 C  "C3'" A GPN B 4 ? 0.1394 0.1528 0.1648 -0.0603 0.0413  0.0132  104 GPN B "C3'" 
271 C  "C3'" B GPN B 4 ? 0.1362 0.1770 0.1697 -0.0639 0.0479  0.0115  104 GPN B "C3'" 
272 C  "C2'" A GPN B 4 ? 0.1291 0.1410 0.1656 -0.0400 0.0365  0.0194  104 GPN B "C2'" 
273 C  "C2'" B GPN B 4 ? 0.1282 0.1556 0.1710 -0.0416 0.0319  0.0206  104 GPN B "C2'" 
274 N  N     . GPN B 4 ? 0.1267 0.1224 0.1434 -0.0642 0.0136  0.0259  104 GPN B N     
275 N  N9    A GPN B 4 ? 0.1719 0.0631 0.1294 -0.0420 -0.0048 0.0226  104 GPN B N9    
276 N  N9    B GPN B 4 ? 0.1704 0.0415 0.1348 -0.0382 0.0040  0.0247  104 GPN B N9    
277 C  C8    A GPN B 4 ? 0.1737 0.0391 0.1740 -0.0416 0.0117  0.0144  104 GPN B C8    
278 C  C8    B GPN B 4 ? 0.1709 0.0379 0.1615 -0.0393 0.0070  0.0034  104 GPN B C8    
279 N  N7    A GPN B 4 ? 0.1923 0.0797 0.1534 -0.0566 0.0085  0.0107  104 GPN B N7    
280 N  N7    B GPN B 4 ? 0.1785 0.0336 0.1587 -0.0356 0.0010  -0.0030 104 GPN B N7    
281 C  C5    A GPN B 4 ? 0.1875 0.0402 0.1679 -0.0487 0.0183  0.0010  104 GPN B C5    
282 C  C5    B GPN B 4 ? 0.1825 0.0400 0.1517 -0.0329 0.0087  0.0186  104 GPN B C5    
283 C  C6    A GPN B 4 ? 0.2182 0.0647 0.1701 -0.0552 0.0507  0.0084  104 GPN B C6    
284 C  C6    B GPN B 4 ? 0.2108 0.0357 0.1537 -0.0344 0.0206  -0.0047 104 GPN B C6    
285 O  O6    A GPN B 4 ? 0.2730 0.0674 0.2108 -0.0750 -0.0322 0.0299  104 GPN B O6    
286 O  O6    B GPN B 4 ? 0.2806 0.0481 0.1902 -0.0715 -0.0542 0.0357  104 GPN B O6    
287 N  N1    A GPN B 4 ? 0.1820 0.0671 0.1946 -0.0440 0.0104  0.0191  104 GPN B N1    
288 N  N1    B GPN B 4 ? 0.1968 0.0373 0.1451 -0.0379 -0.0011 0.0210  104 GPN B N1    
289 C  C2    A GPN B 4 ? 0.2279 0.0492 0.1635 -0.0439 0.0138  0.0414  104 GPN B C2    
290 C  C2    B GPN B 4 ? 0.2110 0.0430 0.1596 -0.0470 0.0058  0.0265  104 GPN B C2    
291 N  N2    A GPN B 4 ? 0.2313 0.0823 0.1632 -0.0592 0.0128  0.0290  104 GPN B N2    
292 N  N2    B GPN B 4 ? 0.2228 0.0834 0.1495 -0.0535 0.0185  0.0270  104 GPN B N2    
293 N  N3    A GPN B 4 ? 0.1768 0.0676 0.1584 -0.0498 0.0144  0.0286  104 GPN B N3    
294 N  N3    B GPN B 4 ? 0.1753 0.0570 0.1475 -0.0309 0.0137  0.0289  104 GPN B N3    
295 C  C4    A GPN B 4 ? 0.1823 0.0409 0.1450 -0.0167 0.0049  0.0403  104 GPN B C4    
296 C  C4    B GPN B 4 ? 0.1938 0.0305 0.1409 -0.0297 0.0055  -0.0002 104 GPN B C4    
297 C  "C8'" A CPN B 5 ? 0.1871 0.0816 0.2013 -0.0128 0.0334  -0.0257 105 CPN B "C8'" 
298 C  "C8'" B CPN B 5 ? 0.1755 0.1142 0.1879 -0.0418 0.0552  0.0009  105 CPN B "C8'" 
299 C  "C7'" A CPN B 5 ? 0.2247 0.0755 0.1300 0.0056  0.0185  -0.0165 105 CPN B "C7'" 
300 C  "C7'" B CPN B 5 ? 0.2100 0.1304 0.1375 -0.0213 0.0249  0.0358  105 CPN B "C7'" 
301 O  "O7'" A CPN B 5 ? 0.2560 0.0414 0.1104 -0.0119 0.0143  0.0111  105 CPN B "O7'" 
302 O  "O7'" B CPN B 5 ? 0.2934 0.1387 0.2099 -0.0419 -0.0114 -0.0237 105 CPN B "O7'" 
303 C  "C5'" A CPN B 5 ? 0.2312 0.1313 0.2040 0.0450  0.0454  0.0097  105 CPN B "C5'" 
304 C  "C5'" B CPN B 5 ? 0.2885 0.1507 0.1655 -0.0056 -0.0127 -0.0274 105 CPN B "C5'" 
305 C  C     A CPN B 5 ? 0.2405 0.1600 0.1810 0.0197  -0.0177 -0.0376 105 CPN B C     
306 C  C     B CPN B 5 ? 0.2576 0.1425 0.1913 -0.0621 0.0366  -0.0174 105 CPN B C     
307 O  O     A CPN B 5 ? 0.2341 0.1922 0.3271 0.0512  -0.0034 -0.0554 105 CPN B O     
308 O  O     B CPN B 5 ? 0.2435 0.1308 0.1889 -0.0389 0.0465  -0.0095 105 CPN B O     
309 N  "N4'" A CPN B 5 ? 0.1883 0.0844 0.1832 -0.0261 0.0326  0.0130  105 CPN B "N4'" 
310 N  "N4'" B CPN B 5 ? 0.2008 0.1648 0.1999 -0.0333 0.0104  0.0124  105 CPN B "N4'" 
311 C  "C3'" A CPN B 5 ? 0.2289 0.1230 0.1462 -0.0689 0.0624  -0.0121 105 CPN B "C3'" 
312 C  "C3'" B CPN B 5 ? 0.2161 0.1588 0.2057 -0.0489 0.0503  0.0063  105 CPN B "C3'" 
313 C  "C2'" A CPN B 5 ? 0.1739 0.2002 0.1578 -0.0301 0.0323  -0.0167 105 CPN B "C2'" 
314 C  "C2'" B CPN B 5 ? 0.1918 0.1587 0.2171 0.0244  0.0176  0.0305  105 CPN B "C2'" 
315 N  N     A CPN B 5 ? 0.1893 0.0977 0.1240 0.0007  0.0161  0.0569  105 CPN B N     
316 N  N     B CPN B 5 ? 0.2220 0.2726 0.1907 0.0463  0.0062  -0.0551 105 CPN B N     
317 N  N1    A CPN B 5 ? 0.1984 0.0397 0.1795 -0.0354 0.0527  -0.0028 105 CPN B N1    
318 N  N1    B CPN B 5 ? 0.1975 0.0937 0.2033 -0.0413 0.0592  0.0119  105 CPN B N1    
319 C  C2    A CPN B 5 ? 0.1840 0.0269 0.2072 -0.0143 0.0605  0.0020  105 CPN B C2    
320 C  C2    B CPN B 5 ? 0.1718 0.0987 0.2350 -0.0369 0.0664  -0.0167 105 CPN B C2    
321 N  N3    A CPN B 5 ? 0.1626 0.0389 0.2077 -0.0200 0.0652  0.0309  105 CPN B N3    
322 N  N3    B CPN B 5 ? 0.1865 0.0510 0.2046 -0.0481 0.0476  0.0232  105 CPN B N3    
323 C  C4    A CPN B 5 ? 0.1637 0.0597 0.2254 -0.0181 0.0909  -0.0073 105 CPN B C4    
324 C  C4    B CPN B 5 ? 0.2125 0.0597 0.2137 -0.0605 0.0524  0.0317  105 CPN B C4    
325 C  C5    A CPN B 5 ? 0.2228 0.0562 0.2019 -0.0552 0.0842  0.0176  105 CPN B C5    
326 C  C5    B CPN B 5 ? 0.2460 0.0546 0.1734 -0.0742 0.0734  -0.0025 105 CPN B C5    
327 C  C6    A CPN B 5 ? 0.2287 0.0425 0.2052 -0.0578 0.0658  -0.0195 105 CPN B C6    
328 C  C6    B CPN B 5 ? 0.2223 0.0973 0.2027 -0.0613 0.0687  -0.0088 105 CPN B C6    
329 O  O2    A CPN B 5 ? 0.1767 0.0661 0.1965 -0.0289 0.0472  0.0245  105 CPN B O2    
330 O  O2    B CPN B 5 ? 0.2023 0.0938 0.2148 -0.0614 0.0503  0.0395  105 CPN B O2    
331 N  N4    A CPN B 5 ? 0.1777 0.0377 0.2142 -0.0306 0.0706  0.0060  105 CPN B N4    
332 N  N4    B CPN B 5 ? 0.2028 0.1056 0.2244 -0.0787 0.0683  0.0298  105 CPN B N4    
333 C  "C8'" A APN B 6 ? 0.2238 0.1575 0.1516 -0.0907 0.0447  -0.0790 106 APN B "C8'" 
334 C  "C8'" B APN B 6 ? 0.1967 0.1450 0.1513 -0.1040 0.0070  0.0105  106 APN B "C8'" 
335 C  "C7'" A APN B 6 ? 0.2031 0.1540 0.1520 -0.0639 0.0597  0.0094  106 APN B "C7'" 
336 C  "C7'" B APN B 6 ? 0.1706 0.1922 0.1479 -0.0834 -0.0026 -0.0320 106 APN B "C7'" 
337 O  "O7'" A APN B 6 ? 0.1757 0.1458 0.1858 -0.0403 0.0165  0.0062  106 APN B "O7'" 
338 O  "O7'" B APN B 6 ? 0.1855 0.0821 0.1942 -0.0460 0.0025  0.0155  106 APN B "O7'" 
339 C  "C5'" A APN B 6 ? 0.1271 0.3007 0.1768 -0.0297 -0.0044 0.0260  106 APN B "C5'" 
340 C  "C5'" B APN B 6 ? 0.2456 0.2308 0.1632 -0.0033 -0.0049 -0.0370 106 APN B "C5'" 
341 C  C     A APN B 6 ? 0.1636 0.1778 0.2277 -0.0450 -0.0079 -0.0130 106 APN B C     
342 C  C     B APN B 6 ? 0.1772 0.2608 0.1655 -0.0127 0.0284  -0.0101 106 APN B C     
343 O  O     A APN B 6 ? 0.2319 0.2127 0.2249 0.0041  0.0039  -0.0026 106 APN B O     
344 O  O     B APN B 6 ? 0.1816 0.2665 0.1822 0.0108  0.0098  0.0273  106 APN B O     
345 N  "N4'" A APN B 6 ? 0.1831 0.3201 0.2005 -0.0230 0.0252  -0.0311 106 APN B "N4'" 
346 N  "N4'" B APN B 6 ? 0.1571 0.2149 0.1457 -0.0757 0.0244  -0.0357 106 APN B "N4'" 
347 C  "C3'" A APN B 6 ? 0.1207 0.3249 0.2262 -0.0520 0.0095  -0.0389 106 APN B "C3'" 
348 C  "C3'" B APN B 6 ? 0.1623 0.1531 0.1564 -0.0592 0.0141  -0.0116 106 APN B "C3'" 
349 C  "C2'" A APN B 6 ? 0.1388 0.3313 0.2040 -0.0328 0.0312  -0.0448 106 APN B "C2'" 
350 C  "C2'" B APN B 6 ? 0.1520 0.1772 0.2067 -0.0509 -0.0091 -0.0172 106 APN B "C2'" 
351 N  N     A APN B 6 ? 0.1972 0.2269 0.1898 0.0136  0.0159  -0.0203 106 APN B N     
352 N  N     B APN B 6 ? 0.2271 0.1501 0.1680 -0.0397 -0.0403 -0.0337 106 APN B N     
353 N  N9    A APN B 6 ? 0.2234 0.1040 0.1611 -0.0458 0.0467  -0.0132 106 APN B N9    
354 N  N9    B APN B 6 ? 0.2035 0.0796 0.1744 -0.0955 0.0327  0.0039  106 APN B N9    
355 C  C8    A APN B 6 ? 0.2184 0.0790 0.2021 -0.0503 0.0486  0.0377  106 APN B C8    
356 C  C8    B APN B 6 ? 0.2203 0.0597 0.1866 -0.0734 0.0594  0.0057  106 APN B C8    
357 N  N7    A APN B 6 ? 0.1993 0.0697 0.1599 -0.0495 0.0569  0.0006  106 APN B N7    
358 N  N7    B APN B 6 ? 0.2148 0.0684 0.1830 -0.0456 0.0379  -0.0105 106 APN B N7    
359 C  C5    A APN B 6 ? 0.1896 0.0580 0.1717 -0.0565 0.0564  0.0216  106 APN B C5    
360 C  C5    B APN B 6 ? 0.2013 0.0351 0.1869 -0.0409 0.0348  -0.0018 106 APN B C5    
361 C  C6    A APN B 6 ? 0.2006 0.0582 0.1940 -0.0580 0.0542  0.0251  106 APN B C6    
362 C  C6    B APN B 6 ? 0.1862 0.0423 0.1926 -0.0417 0.0363  0.0199  106 APN B C6    
363 N  N6    A APN B 6 ? 0.1784 0.0552 0.2483 -0.0486 0.0545  0.0371  106 APN B N6    
364 N  N6    B APN B 6 ? 0.1767 0.0589 0.2414 -0.0613 0.0555  0.0189  106 APN B N6    
365 N  N1    A APN B 6 ? 0.1722 0.0635 0.1985 -0.0493 0.0532  0.0398  106 APN B N1    
366 N  N1    B APN B 6 ? 0.1941 0.0598 0.1924 -0.0224 0.0489  0.0405  106 APN B N1    
367 C  C2    A APN B 6 ? 0.1713 0.0619 0.2449 -0.0497 0.0634  0.0206  106 APN B C2    
368 C  C2    B APN B 6 ? 0.2098 0.0361 0.1879 -0.0213 0.0593  0.0277  106 APN B C2    
369 N  N3    A APN B 6 ? 0.2242 0.0540 0.1908 -0.0512 0.0697  0.0289  106 APN B N3    
370 N  N3    B APN B 6 ? 0.2050 0.0623 0.1866 -0.0793 0.0685  -0.0142 106 APN B N3    
371 C  C4    A APN B 6 ? 0.1888 0.0786 0.1716 -0.0912 0.0560  -0.0135 106 APN B C4    
372 C  C4    B APN B 6 ? 0.2025 0.0559 0.1873 -0.0431 0.0383  0.0195  106 APN B C4    
373 C  "C8'" . GPN B 7 ? 0.1280 0.0908 0.1661 -0.0376 0.0211  -0.0040 107 GPN B "C8'" 
374 C  "C7'" . GPN B 7 ? 0.1340 0.0782 0.1461 -0.0446 0.0146  -0.0013 107 GPN B "C7'" 
375 O  "O7'" . GPN B 7 ? 0.1614 0.0762 0.1775 -0.0498 0.0093  0.0248  107 GPN B "O7'" 
376 C  "C5'" . GPN B 7 ? 0.1539 0.1057 0.1700 -0.0189 0.0179  0.0141  107 GPN B "C5'" 
377 C  C     . GPN B 7 ? 0.1527 0.0660 0.1677 -0.0414 0.0480  0.0134  107 GPN B C     
378 O  O     . GPN B 7 ? 0.1968 0.0640 0.1870 -0.0318 0.0331  0.0309  107 GPN B O     
379 N  "N4'" A GPN B 7 ? 0.1333 0.0861 0.1698 -0.0333 0.0172  0.0155  107 GPN B "N4'" 
380 N  "N4'" B GPN B 7 ? 0.1458 0.0843 0.1620 -0.0320 0.0231  0.0141  107 GPN B "N4'" 
381 C  "C3'" A GPN B 7 ? 0.1913 0.1281 0.1335 -0.0696 0.0173  0.0327  107 GPN B "C3'" 
382 C  "C3'" B GPN B 7 ? 0.1483 0.0922 0.1771 -0.0589 0.0083  0.0136  107 GPN B "C3'" 
383 C  "C2'" A GPN B 7 ? 0.1685 0.1217 0.1836 -0.0740 0.0263  -0.0165 107 GPN B "C2'" 
384 C  "C2'" B GPN B 7 ? 0.1113 0.1838 0.1935 -0.0438 0.0300  -0.0434 107 GPN B "C2'" 
385 N  N     A GPN B 7 ? 0.1422 0.1193 0.1858 -0.0615 0.0006  -0.0287 107 GPN B N     
386 N  N     B GPN B 7 ? 0.1421 0.2391 0.1693 -0.0696 0.0368  0.0337  107 GPN B N     
387 N  N9    . GPN B 7 ? 0.1555 0.0560 0.1653 -0.0315 0.0052  0.0096  107 GPN B N9    
388 C  C8    . GPN B 7 ? 0.1633 0.0815 0.1571 -0.0348 -0.0020 0.0164  107 GPN B C8    
389 N  N7    . GPN B 7 ? 0.1654 0.0451 0.1872 -0.0502 0.0093  0.0140  107 GPN B N7    
390 C  C5    . GPN B 7 ? 0.1479 0.0470 0.1592 -0.0403 0.0069  0.0314  107 GPN B C5    
391 C  C6    . GPN B 7 ? 0.1480 0.0420 0.2019 -0.0399 0.0228  0.0179  107 GPN B C6    
392 O  O6    . GPN B 7 ? 0.1540 0.0663 0.2080 -0.0500 0.0427  0.0438  107 GPN B O6    
393 N  N1    . GPN B 7 ? 0.1527 0.0572 0.1866 -0.0489 0.0203  0.0377  107 GPN B N1    
394 C  C2    . GPN B 7 ? 0.1436 0.0531 0.1722 -0.0469 0.0033  0.0296  107 GPN B C2    
395 N  N2    . GPN B 7 ? 0.1480 0.0700 0.1854 -0.0542 0.0124  0.0520  107 GPN B N2    
396 N  N3    . GPN B 7 ? 0.1417 0.0484 0.1670 -0.0473 0.0146  0.0171  107 GPN B N3    
397 C  C4    . GPN B 7 ? 0.1596 0.0367 0.1627 -0.0341 0.0061  0.0178  107 GPN B C4    
398 C  "C8'" . CPN B 8 ? 0.1409 0.0594 0.1486 -0.0461 0.0152  0.0240  108 CPN B "C8'" 
399 C  "C7'" . CPN B 8 ? 0.1320 0.0520 0.1444 -0.0463 0.0063  0.0251  108 CPN B "C7'" 
400 O  "O7'" . CPN B 8 ? 0.1538 0.0545 0.1581 -0.0499 0.0026  0.0351  108 CPN B "O7'" 
401 C  "C5'" . CPN B 8 ? 0.1663 0.0798 0.1482 -0.0357 0.0171  0.0111  108 CPN B "C5'" 
402 C  C     . CPN B 8 ? 0.1962 0.0797 0.1622 -0.0165 0.0377  0.0281  108 CPN B C     
403 O  O     . CPN B 8 ? 0.1932 0.0843 0.1701 -0.0839 0.0244  0.0235  108 CPN B O     
404 O  OXT   . CPN B 8 ? 0.2833 0.0913 0.2551 -0.0484 0.0326  -0.0090 108 CPN B OXT   
405 N  "N4'" . CPN B 8 ? 0.1529 0.0558 0.1505 -0.0525 0.0256  0.0192  108 CPN B "N4'" 
406 C  "C3'" . CPN B 8 ? 0.1585 0.0647 0.1524 -0.0555 0.0232  0.0351  108 CPN B "C3'" 
407 C  "C2'" . CPN B 8 ? 0.1582 0.0897 0.1550 -0.0637 0.0127  0.0313  108 CPN B "C2'" 
408 N  N     . CPN B 8 ? 0.1247 0.0997 0.1519 -0.0621 0.0139  0.0269  108 CPN B N     
409 N  N1    . CPN B 8 ? 0.1591 0.0520 0.1438 -0.0561 -0.0019 0.0199  108 CPN B N1    
410 C  C2    . CPN B 8 ? 0.1737 0.0440 0.1458 -0.0477 0.0150  0.0154  108 CPN B C2    
411 N  N3    . CPN B 8 ? 0.1634 0.0650 0.1344 -0.0521 0.0266  0.0250  108 CPN B N3    
412 C  C4    . CPN B 8 ? 0.1996 0.0469 0.1499 -0.0489 0.0219  0.0248  108 CPN B C4    
413 C  C5    . CPN B 8 ? 0.1980 0.0637 0.1524 -0.0642 0.0118  0.0385  108 CPN B C5    
414 C  C6    . CPN B 8 ? 0.1882 0.0598 0.1466 -0.0697 0.0000  0.0151  108 CPN B C6    
415 O  O2    . CPN B 8 ? 0.1540 0.0845 0.1350 -0.0506 0.0181  0.0326  108 CPN B O2    
416 N  N4    . CPN B 8 ? 0.2286 0.0578 0.1535 -0.0538 0.0320  0.0300  108 CPN B N4    
417 CL CL    A CL  C . ? 0.2002 0.3599 0.2432 -0.0922 0.0238  0.1433  101 CL  A CL    
418 CL CL    B CL  C . ? 0.1524 0.2396 0.3050 -0.0988 -0.0079 0.2021  101 CL  A CL    
419 CL CL    . CL  D . ? 0.2918 0.4341 0.5618 -0.1361 0.0701  -0.2112 201 CL  B CL    
420 O  O     . HOH E . ? 0.4264 0.1594 0.4203 -0.1102 0.0445  0.0813  201 HOH A O     
421 O  O     . HOH E . ? 0.2036 0.2532 0.3276 0.0007  0.0060  0.0301  202 HOH A O     
422 O  O     . HOH E . ? 0.1977 0.5414 0.6003 0.0406  0.0203  0.0143  203 HOH A O     
423 O  O     . HOH E . ? 0.3671 0.5436 0.2120 -0.0849 0.1096  0.1005  204 HOH A O     
424 O  O     . HOH E . ? 0.2834 0.3341 0.2059 0.0055  0.0752  0.0227  205 HOH A O     
425 O  O     A HOH E . ? 0.1314 0.1213 0.2953 -0.0504 0.0081  0.0333  206 HOH A O     
426 O  O     B HOH E . ? 0.1064 0.1238 0.2734 -0.0891 0.0138  -0.0031 206 HOH A O     
427 O  O     . HOH E . ? 0.2128 0.0818 0.3092 -0.0700 0.0489  0.0137  207 HOH A O     
428 O  O     . HOH E . ? 0.4130 0.4246 0.2057 0.0340  0.0319  0.1175  208 HOH A O     
429 O  O     . HOH E . ? 0.3190 0.6288 0.4980 0.1261  0.1462  -0.1217 209 HOH A O     
430 O  O     . HOH E . ? 0.1572 0.0810 0.1751 -0.0410 0.0226  0.0365  210 HOH A O     
431 O  O     . HOH E . ? 0.7416 0.2002 0.5594 0.0054  -0.0600 -0.0179 211 HOH A O     
432 O  O     . HOH E . ? 0.4039 0.2218 0.5752 -0.0365 0.0204  0.2130  212 HOH A O     
433 O  O     . HOH E . ? 0.4275 0.2513 0.2595 0.0744  0.0313  0.0479  213 HOH A O     
434 O  O     . HOH E . ? 0.2974 0.6152 0.3445 -0.0419 -0.0417 0.0360  214 HOH A O     
435 O  O     . HOH E . ? 0.5934 0.2831 0.3719 -0.0852 -0.2140 -0.0365 215 HOH A O     
436 O  O     . HOH E . ? 0.3793 0.1726 0.3168 0.0235  0.0251  0.0250  216 HOH A O     
437 O  O     . HOH E . ? 0.4262 0.1695 0.5533 -0.0350 0.1514  0.1819  217 HOH A O     
438 O  O     . HOH E . ? 0.4070 0.3903 0.4296 0.0376  -0.1957 -0.0082 218 HOH A O     
439 O  O     . HOH E . ? 0.7389 0.2675 0.2572 0.0996  0.0131  0.0204  219 HOH A O     
440 O  O     . HOH E . ? 0.3549 0.5389 0.6651 0.0559  0.1171  0.0253  220 HOH A O     
441 O  O     . HOH E . ? 0.3388 0.1435 0.3775 0.0128  0.0583  0.0451  221 HOH A O     
442 O  O     . HOH E . ? 0.2314 0.2994 0.4851 -0.0489 -0.0217 -0.1044 222 HOH A O     
443 O  O     . HOH E . ? 0.3897 0.5711 0.2774 -0.0153 0.0595  0.1902  223 HOH A O     
444 O  O     . HOH E . ? 0.3573 0.1662 0.6413 -0.0020 0.0386  0.2275  224 HOH A O     
445 O  O     . HOH E . ? 0.3523 0.2322 0.2473 0.0199  0.0476  0.1071  225 HOH A O     
446 O  O     . HOH E . ? 0.1587 0.1568 0.2303 -0.0755 0.0011  0.0695  226 HOH A O     
447 O  O     B HOH E . ? 0.5526 0.1580 0.1573 0.0248  -0.0029 0.0724  227 HOH A O     
448 O  O     . HOH E . ? 0.4982 0.3315 0.6013 0.1145  0.0543  0.1810  228 HOH A O     
449 O  O     . HOH E . ? 0.1965 0.0922 0.2120 -0.0278 0.0383  0.0560  229 HOH A O     
450 O  O     . HOH E . ? 0.2574 0.1578 0.3953 -0.0840 0.0876  -0.0066 230 HOH A O     
451 O  O     . HOH E . ? 0.3497 0.3175 0.3160 -0.0394 0.0264  0.0044  231 HOH A O     
452 O  O     . HOH E . ? 0.1970 0.1620 0.3829 -0.0529 0.0378  -0.0845 232 HOH A O     
453 O  O     . HOH E . ? 0.7183 0.4425 0.2650 -0.0607 0.1080  -0.0629 233 HOH A O     
454 O  O     . HOH E . ? 0.1687 0.0613 0.2169 -0.0403 0.0025  0.0281  234 HOH A O     
455 O  O     . HOH E . ? 0.6449 0.2658 0.3421 0.1144  0.1657  0.0956  235 HOH A O     
456 O  O     . HOH E . ? 0.4058 0.1921 0.3274 -0.0242 0.1100  0.0540  236 HOH A O     
457 O  O     . HOH E . ? 0.4814 0.4246 0.5737 0.1786  -0.1839 0.0173  237 HOH A O     
458 O  O     . HOH E . ? 0.3217 0.2303 0.3001 -0.0456 -0.0189 0.0805  238 HOH A O     
459 O  O     . HOH E . ? 0.2071 0.1686 0.1968 -0.0060 -0.0044 0.0197  239 HOH A O     
460 O  O     . HOH E . ? 0.2593 0.2313 0.4140 -0.0139 0.0654  0.0123  240 HOH A O     
461 O  O     . HOH E . ? 0.4504 0.3816 0.3124 -0.0826 0.0625  -0.0933 241 HOH A O     
462 O  O     A HOH E . ? 0.2783 0.1923 0.2168 -0.0854 0.0181  0.0660  242 HOH A O     
463 O  O     B HOH E . ? 0.2332 0.2527 0.3288 0.0030  0.0309  0.1144  242 HOH A O     
464 O  O     . HOH E . ? 0.4850 0.3914 0.4090 0.0568  -0.1629 0.0704  243 HOH A O     
465 O  O     . HOH E . ? 0.1647 0.1428 0.3557 -0.0691 0.0243  0.1389  244 HOH A O     
466 O  O     . HOH E . ? 0.4149 0.1523 0.2776 -0.0625 0.0209  0.0483  245 HOH A O     
467 O  O     . HOH E . ? 0.5367 0.3633 0.5199 0.0636  0.1533  0.1817  246 HOH A O     
468 O  O     . HOH E . ? 0.3443 0.3616 0.4865 -0.0804 -0.1890 0.1056  247 HOH A O     
469 O  O     . HOH E . ? 0.4597 0.2767 0.2045 0.0226  0.0680  0.0601  248 HOH A O     
470 O  O     . HOH E . ? 0.5349 0.3060 0.3380 -0.2641 -0.0449 0.0779  249 HOH A O     
471 O  O     . HOH E . ? 0.3055 0.2112 0.3780 -0.0716 0.0396  0.1387  250 HOH A O     
472 O  O     . HOH E . ? 0.3651 0.2635 0.4041 -0.0593 0.0221  0.1036  251 HOH A O     
473 O  O     . HOH E . ? 0.7545 0.2384 0.3911 0.0519  0.0076  -0.1214 252 HOH A O     
474 O  O     . HOH E . ? 0.3529 0.4885 0.4017 0.0085  0.1283  -0.0735 253 HOH A O     
475 O  O     . HOH E . ? 0.3010 0.3446 0.4163 0.0187  0.0033  0.0373  254 HOH A O     
476 O  O     . HOH E . ? 0.2808 0.3837 0.2293 -0.1097 0.0246  0.0046  255 HOH A O     
477 O  O     . HOH E . ? 0.3649 0.4418 0.5081 -0.0896 0.0767  0.2301  256 HOH A O     
478 O  O     . HOH E . ? 0.5843 0.3060 0.4820 0.1198  0.1189  0.1898  257 HOH A O     
479 O  O     . HOH E . ? 0.2156 0.1503 0.2733 -0.0519 -0.0188 0.0155  258 HOH A O     
480 O  O     . HOH E . ? 0.3580 0.2074 0.3047 -0.1129 0.0508  -0.0600 259 HOH A O     
481 O  O     . HOH E . ? 0.4361 0.4726 0.2979 -0.3044 0.0583  0.0757  260 HOH A O     
482 O  O     . HOH E . ? 0.3043 0.3462 0.4664 -0.0848 0.1286  -0.0796 261 HOH A O     
483 O  O     A HOH E . ? 0.2673 0.2564 0.4069 -0.1916 0.0281  -0.0514 262 HOH A O     
484 O  O     B HOH E . ? 0.2058 0.1875 0.5264 -0.1032 0.1318  -0.0173 262 HOH A O     
485 O  O     . HOH E . ? 0.3258 0.3408 0.2873 -0.2232 0.0051  0.0933  263 HOH A O     
486 O  O     . HOH E . ? 0.5291 0.1518 0.3971 -0.0224 0.1110  0.1368  264 HOH A O     
487 O  O     . HOH E . ? 0.3940 0.3358 0.3078 0.1221  0.1034  0.1528  265 HOH A O     
488 O  O     . HOH E . ? 0.2899 0.4335 0.4262 -0.1508 -0.1086 0.2580  266 HOH A O     
489 O  O     . HOH E . ? 0.5061 0.4191 0.5139 -0.0897 -0.2324 0.0192  267 HOH A O     
490 O  O     . HOH E . ? 0.5396 0.4226 0.4590 0.0816  -0.1284 0.1185  268 HOH A O     
491 O  O     . HOH E . ? 0.4638 0.1315 0.4040 -0.0010 0.2611  0.0734  269 HOH A O     
492 O  O     . HOH E . ? 0.3020 0.3486 0.3675 -0.0036 0.0475  0.0302  270 HOH A O     
493 O  O     . HOH F . ? 0.2265 0.2366 0.2598 -0.0471 0.0368  0.0601  301 HOH B O     
494 O  O     . HOH F . ? 0.5345 0.1447 0.1797 -0.2243 0.0685  0.0245  302 HOH B O     
495 O  O     . HOH F . ? 0.2056 0.1174 0.2098 -0.0475 0.0096  0.0392  303 HOH B O     
496 O  O     . HOH F . ? 0.5031 0.1426 0.5776 -0.1092 -0.0171 0.1157  304 HOH B O     
497 O  O     . HOH F . ? 0.4929 0.2493 0.2190 -0.0135 0.0716  0.0125  305 HOH B O     
498 O  O     . HOH F . ? 0.4304 0.4893 0.2988 -0.2924 -0.0554 0.0208  306 HOH B O     
499 O  O     . HOH F . ? 0.2942 0.2302 0.2945 -0.0912 0.0004  0.0306  307 HOH B O     
500 O  O     . HOH F . ? 0.1869 0.0643 0.1744 -0.0411 0.0106  0.0192  308 HOH B O     
501 O  O     . HOH F . ? 0.5391 0.3017 0.4191 -0.2026 -0.0647 0.1527  309 HOH B O     
502 O  O     . HOH F . ? 0.3901 0.1824 0.4470 -0.0875 0.0578  -0.0186 310 HOH B O     
503 O  O     . HOH F . ? 0.4662 0.1543 0.2279 -0.1132 0.0668  0.0462  311 HOH B O     
504 O  O     . HOH F . ? 0.3163 0.5435 0.4006 0.1182  0.0154  -0.1086 312 HOH B O     
505 O  O     . HOH F . ? 0.1608 0.1041 0.1578 -0.0727 0.0142  0.0421  313 HOH B O     
506 O  O     . HOH F . ? 0.3078 0.3788 0.4568 -0.1768 -0.1088 0.2512  314 HOH B O     
507 O  O     . HOH F . ? 0.2041 0.1278 0.2389 -0.0642 0.0552  0.0179  315 HOH B O     
508 O  O     A HOH F . ? 0.2029 0.2686 0.2405 -0.0410 -0.0178 -0.0309 316 HOH B O     
509 O  O     B HOH F . ? 0.3882 0.3191 0.2408 -0.2957 0.1680  -0.1142 316 HOH B O     
510 O  O     A HOH F . ? 0.2610 0.2263 0.2479 -0.1354 -0.0879 0.1832  317 HOH B O     
511 O  O     B HOH F . ? 0.2727 0.2439 0.3036 0.0156  -0.0888 0.0446  317 HOH B O     
512 O  O     A HOH F . ? 0.4088 0.1777 0.2015 -0.1445 0.1295  -0.0246 318 HOH B O     
513 O  O     B HOH F . ? 0.5099 0.1607 0.3727 -0.0542 0.2654  0.0339  318 HOH B O     
514 O  O     . HOH F . ? 0.2243 0.2630 0.2147 -0.1525 -0.0074 0.0320  319 HOH B O     
515 O  O     . HOH F . ? 0.1517 0.0841 0.1765 -0.0687 0.0219  0.0287  320 HOH B O     
516 O  O     . HOH F . ? 0.2608 0.4332 0.3501 -0.1740 0.0724  -0.1281 321 HOH B O     
517 O  O     . HOH F . ? 0.4110 0.3021 0.4339 0.1365  0.0652  0.1302  322 HOH B O     
518 O  O     . HOH F . ? 0.1596 0.0850 0.1965 -0.0235 0.0154  0.0496  323 HOH B O     
519 O  O     . HOH F . ? 0.2424 0.3183 0.5603 -0.0495 -0.1029 0.0494  324 HOH B O     
520 O  O     . HOH F . ? 0.4767 0.3102 0.4615 -0.0557 0.0259  0.2295  325 HOH B O     
521 O  O     . HOH F . ? 0.2074 0.1057 0.1919 -0.0214 0.0003  0.0366  326 HOH B O     
522 O  O     . HOH F . ? 0.3485 0.2402 0.2742 -0.1148 -0.0035 0.0460  327 HOH B O     
523 O  O     . HOH F . ? 0.4882 0.1484 0.5806 -0.0340 -0.2146 -0.0272 328 HOH B O     
524 O  O     B HOH F . ? 0.6650 0.1510 0.4787 -0.0273 0.1624  0.0065  329 HOH B O     
525 O  O     . HOH F . ? 0.4021 0.5693 0.4014 -0.2597 0.0887  0.0656  330 HOH B O     
526 O  O     B HOH F . ? 0.3461 0.2128 0.4179 -0.1317 -0.0308 -0.1261 331 HOH B O     
527 O  O     . HOH F . ? 0.4123 0.4871 0.2381 -0.2495 -0.0523 0.1161  332 HOH B O     
528 O  O     . HOH F . ? 0.4769 0.3512 0.5789 -0.1216 -0.0029 0.2526  333 HOH B O     
529 O  O     . HOH F . ? 0.4404 0.2293 0.5083 -0.0133 0.2697  0.1239  334 HOH B O     
530 O  O     . HOH F . ? 0.3098 0.2551 0.5376 -0.0270 -0.0607 -0.0652 335 HOH B O     
531 O  O     . HOH F . ? 0.2336 0.2131 0.3035 0.0158  0.0509  0.0419  336 HOH B O     
532 O  O     . HOH F . ? 0.2974 0.2080 0.4072 -0.0368 0.1042  0.1496  337 HOH B O     
533 O  O     . HOH F . ? 0.3810 0.3504 0.4163 -0.0856 0.1266  -0.0960 338 HOH B O     
534 O  O     . HOH F . ? 0.4836 0.1923 0.3581 0.0921  0.2642  0.1446  339 HOH B O     
535 O  O     . HOH F . ? 0.3648 0.5326 0.3585 -0.1761 0.0012  -0.0879 340 HOH B O     
536 O  O     . HOH F . ? 0.2414 0.2409 0.3129 0.0281  -0.0088 0.0823  341 HOH B O     
537 O  O     A HOH F . ? 0.2620 0.4460 0.4247 0.0812  0.1131  0.0206  342 HOH B O     
538 O  O     B HOH F . ? 0.2194 0.5123 0.4766 0.0072  0.0863  -0.0694 342 HOH B O     
539 O  O     . HOH F . ? 0.4035 0.2596 0.6983 -0.0373 0.1234  0.1097  343 HOH B O     
540 O  O     . HOH F . ? 0.5642 0.4470 0.2758 0.1745  0.0855  0.0693  344 HOH B O     
# 
